data_6YI5
#
_entry.id   6YI5
#
_cell.length_a   1.00
_cell.length_b   1.00
_cell.length_c   1.00
_cell.angle_alpha   90.00
_cell.angle_beta   90.00
_cell.angle_gamma   90.00
#
_symmetry.space_group_name_H-M   'P 1'
#
loop_
_entity.id
_entity.type
_entity.pdbx_description
1 polymer 'Hemagglutinin-esterase-fusion glycoprotein'
2 polymer 'Hemagglutinin-esterase-fusion glycoprotein'
3 branched beta-D-mannopyranose-(1-4)-2-acetamido-2-deoxy-beta-D-glucopyranose-(1-4)-2-acetamido-2-deoxy-beta-D-glucopyranose
4 branched beta-D-mannopyranose-(1-4)-2-acetamido-2-deoxy-alpha-D-glucopyranose-(1-4)-2-acetamido-2-deoxy-beta-D-glucopyranose
#
loop_
_entity_poly.entity_id
_entity_poly.type
_entity_poly.pdbx_seq_one_letter_code
_entity_poly.pdbx_strand_id
1 'polypeptide(L)'
;EKIKICLQKQVNSSFSLHNGFGGNLYATEEKRMFELVKPKAGASVLNQSTWIGFGDSRTDKSNSAFPRSADVSAKTADKF
RFLSGGSLMLSMFGPPGKVDYLYQGCGKHKVFYEGVNWSPHAAINCYRKNWTDIKLNFQKNIYELASQSHCMSLVNALDK
TIPLQVTAGTAGNCNNSFLKNPALYTQEVKPSENKCGKENLAFFTLPTQFGTYECKLHLVASCYFIYDSKEVYNKRGCDN
YFQVIYDSFGKVVGGLDNRVSPYTGNSGDTPTMQCDMLQLKPGRYSVRSSPRFLLMPERSYCFDMKEKGPVTAVQSIWGK
GRESDYAVDQACLSTPGCMLIQKQKPYIGEADDHHGDQEMRELLSGLDYEARCISQSGWVNETSPFTEKYLLPPKFGRCP
LAAKEESIPKIPDGLLIPTSGTDTTVTKPKSR
;
A,E,C
2 'polypeptide(L)'
;IFGIDDLIIGVLFVAIVETGIGGYLLGSRKESGGGVTKESAEKGFEKIGNDIQILKSSINIAIEKLNDRISHDEQAIRDL
TLEIENARSEALLGELGIIRALLVGNISIGLQESLWELASEITNRAGDLAVEVSPGCWIIDNNICDQSCQNFIFKFNETA
PVPTIPPLDTKIDLQ
;
B,F,D
#
loop_
_chem_comp.id
_chem_comp.type
_chem_comp.name
_chem_comp.formula
BMA D-saccharide, beta linking beta-D-mannopyranose 'C6 H12 O6'
NAG D-saccharide, beta linking 2-acetamido-2-deoxy-beta-D-glucopyranose 'C8 H15 N O6'
NDG D-saccharide, alpha linking 2-acetamido-2-deoxy-alpha-D-glucopyranose 'C8 H15 N O6'
#
# COMPACT_ATOMS: atom_id res chain seq x y z
N GLU A 1 17.76 -20.49 -69.91
CA GLU A 1 16.62 -21.17 -69.26
C GLU A 1 16.26 -20.47 -67.96
N LYS A 2 14.97 -20.49 -67.57
CA LYS A 2 14.51 -19.81 -66.37
C LYS A 2 14.80 -20.59 -65.10
N ILE A 3 15.54 -19.99 -64.16
CA ILE A 3 15.89 -20.62 -62.89
C ILE A 3 15.34 -19.76 -61.76
N LYS A 4 14.75 -20.41 -60.73
CA LYS A 4 14.12 -19.75 -59.60
C LYS A 4 15.07 -19.81 -58.42
N ILE A 5 15.32 -18.66 -57.79
CA ILE A 5 16.22 -18.50 -56.67
C ILE A 5 15.41 -17.95 -55.51
N CYS A 6 15.54 -18.52 -54.30
CA CYS A 6 14.81 -18.06 -53.13
C CYS A 6 15.79 -17.88 -51.98
N LEU A 7 15.64 -16.78 -51.21
CA LEU A 7 16.40 -16.59 -49.99
C LEU A 7 15.68 -17.29 -48.85
N GLN A 8 16.15 -18.49 -48.46
CA GLN A 8 15.50 -19.33 -47.49
C GLN A 8 16.07 -19.18 -46.11
N LYS A 9 15.18 -19.31 -45.09
CA LYS A 9 15.57 -19.33 -43.70
C LYS A 9 15.27 -20.74 -43.20
N GLN A 10 16.20 -21.36 -42.47
CA GLN A 10 16.01 -22.72 -41.98
C GLN A 10 16.58 -22.79 -40.58
N VAL A 11 15.92 -23.50 -39.65
CA VAL A 11 16.34 -23.54 -38.26
C VAL A 11 16.71 -24.96 -37.86
N ASN A 12 17.81 -25.11 -37.10
CA ASN A 12 18.55 -26.34 -36.93
C ASN A 12 18.96 -26.61 -35.49
N SER A 13 19.05 -27.88 -35.07
CA SER A 13 19.62 -28.31 -33.78
C SER A 13 18.98 -27.67 -32.55
N SER A 14 19.74 -26.94 -31.71
CA SER A 14 19.20 -26.27 -30.54
C SER A 14 18.56 -24.95 -30.93
N PHE A 15 17.24 -24.79 -30.71
CA PHE A 15 16.56 -23.54 -30.99
C PHE A 15 15.35 -23.36 -30.09
N SER A 16 15.10 -22.11 -29.68
CA SER A 16 14.00 -21.68 -28.82
C SER A 16 13.13 -20.70 -29.58
N LEU A 17 11.80 -20.77 -29.40
CA LEU A 17 10.84 -19.96 -30.13
C LEU A 17 10.22 -18.95 -29.17
N HIS A 18 10.77 -17.72 -29.18
CA HIS A 18 10.34 -16.64 -28.33
C HIS A 18 9.09 -15.98 -28.88
N ASN A 19 8.00 -15.96 -28.10
CA ASN A 19 6.72 -15.42 -28.53
C ASN A 19 6.62 -13.90 -28.42
N GLY A 20 5.89 -13.23 -29.34
CA GLY A 20 5.74 -11.78 -29.32
C GLY A 20 4.37 -11.29 -29.70
N PHE A 21 4.30 -9.98 -29.98
CA PHE A 21 3.15 -9.27 -30.53
C PHE A 21 3.70 -8.71 -31.81
N GLY A 22 3.15 -9.07 -32.99
CA GLY A 22 3.75 -8.67 -34.26
C GLY A 22 4.89 -9.60 -34.62
N GLY A 23 4.58 -10.91 -34.72
CA GLY A 23 5.56 -11.95 -35.02
C GLY A 23 6.30 -12.48 -33.81
N ASN A 24 6.85 -13.70 -33.97
CA ASN A 24 7.60 -14.39 -32.95
C ASN A 24 9.06 -14.38 -33.41
N LEU A 25 9.98 -15.04 -32.68
CA LEU A 25 11.38 -15.01 -33.02
C LEU A 25 12.04 -16.32 -32.63
N TYR A 26 12.88 -16.90 -33.50
CA TYR A 26 13.66 -18.08 -33.16
C TYR A 26 15.06 -17.65 -32.77
N ALA A 27 15.68 -18.35 -31.81
CA ALA A 27 17.04 -18.10 -31.43
C ALA A 27 17.66 -19.42 -31.03
N THR A 28 18.99 -19.59 -31.18
CA THR A 28 19.61 -20.88 -30.87
C THR A 28 19.93 -21.03 -29.41
N GLU A 29 20.20 -19.90 -28.72
CA GLU A 29 20.45 -19.90 -27.31
C GLU A 29 19.65 -18.78 -26.66
N GLU A 30 19.60 -18.75 -25.33
CA GLU A 30 18.84 -17.75 -24.59
C GLU A 30 19.41 -17.65 -23.18
N LYS A 31 19.34 -16.46 -22.56
CA LYS A 31 19.87 -16.21 -21.24
C LYS A 31 19.02 -15.20 -20.49
N ARG A 32 19.15 -15.06 -19.16
CA ARG A 32 18.30 -14.17 -18.39
C ARG A 32 18.62 -12.67 -18.54
N MET A 33 17.56 -11.83 -18.56
CA MET A 33 17.64 -10.38 -18.69
C MET A 33 18.37 -9.68 -17.56
N PHE A 34 18.05 -10.03 -16.30
CA PHE A 34 18.66 -9.49 -15.11
C PHE A 34 19.12 -10.59 -14.20
N GLU A 35 20.30 -10.40 -13.60
CA GLU A 35 20.88 -11.31 -12.65
C GLU A 35 20.45 -10.86 -11.26
N LEU A 36 20.09 -11.80 -10.36
CA LEU A 36 19.67 -11.46 -9.02
C LEU A 36 20.87 -11.09 -8.15
N VAL A 37 20.87 -9.87 -7.57
CA VAL A 37 21.96 -9.40 -6.74
C VAL A 37 21.86 -9.99 -5.34
N LYS A 38 22.98 -10.04 -4.61
CA LYS A 38 23.03 -10.62 -3.28
C LYS A 38 23.51 -9.57 -2.28
N PRO A 39 23.02 -9.54 -1.05
CA PRO A 39 23.55 -8.65 -0.04
C PRO A 39 24.77 -9.32 0.59
N LYS A 40 25.89 -8.60 0.70
CA LYS A 40 27.11 -9.12 1.27
C LYS A 40 27.21 -8.82 2.75
N ALA A 41 27.57 -9.85 3.55
CA ALA A 41 27.77 -9.71 4.97
C ALA A 41 28.88 -8.72 5.33
N GLY A 42 28.66 -7.93 6.40
CA GLY A 42 29.60 -6.90 6.83
C GLY A 42 28.98 -5.54 6.77
N ALA A 43 29.82 -4.50 6.94
CA ALA A 43 29.40 -3.12 6.99
C ALA A 43 30.04 -2.36 5.83
N SER A 44 29.33 -1.39 5.24
CA SER A 44 29.82 -0.59 4.15
C SER A 44 29.04 0.71 4.21
N VAL A 45 29.34 1.68 3.32
CA VAL A 45 28.75 2.99 3.36
C VAL A 45 28.33 3.44 1.99
N LEU A 46 27.33 4.33 1.93
CA LEU A 46 26.94 5.02 0.72
C LEU A 46 27.80 6.27 0.58
N ASN A 47 28.05 6.74 -0.66
CA ASN A 47 28.78 7.97 -0.98
C ASN A 47 30.27 8.05 -0.64
N GLN A 48 30.78 7.18 0.28
CA GLN A 48 32.18 7.02 0.69
C GLN A 48 32.95 8.34 0.90
N SER A 49 32.27 9.36 1.47
CA SER A 49 32.86 10.68 1.66
C SER A 49 32.05 11.59 2.58
N THR A 50 30.89 11.15 3.07
CA THR A 50 30.00 11.92 3.93
C THR A 50 29.76 11.18 5.24
N TRP A 51 30.71 10.32 5.65
CA TRP A 51 30.56 9.48 6.82
C TRP A 51 31.70 9.69 7.79
N ILE A 52 31.45 9.38 9.07
CA ILE A 52 32.39 9.63 10.14
C ILE A 52 32.23 8.51 11.16
N GLY A 53 33.29 8.12 11.87
CA GLY A 53 33.23 7.06 12.86
C GLY A 53 33.76 7.52 14.20
N PHE A 54 33.28 6.90 15.29
CA PHE A 54 33.75 7.13 16.63
C PHE A 54 34.38 5.83 17.13
N GLY A 55 35.68 5.90 17.46
CA GLY A 55 36.51 4.73 17.71
C GLY A 55 37.04 4.53 19.09
N ASP A 56 37.79 3.43 19.21
CA ASP A 56 38.38 2.85 20.38
C ASP A 56 39.89 2.68 20.17
N SER A 57 40.45 1.50 20.56
CA SER A 57 41.84 1.11 20.40
C SER A 57 42.08 0.25 19.17
N ARG A 58 41.02 -0.27 18.53
CA ARG A 58 41.09 -1.20 17.43
C ARG A 58 40.84 -0.51 16.11
N THR A 59 40.45 0.77 16.21
CA THR A 59 40.25 1.69 15.12
C THR A 59 41.27 2.81 15.20
N ASP A 60 42.21 2.73 16.17
CA ASP A 60 43.21 3.74 16.43
C ASP A 60 44.41 3.68 15.51
N LYS A 61 44.61 4.73 14.68
CA LYS A 61 45.72 4.87 13.76
C LYS A 61 47.03 5.17 14.47
N SER A 62 46.99 5.58 15.75
CA SER A 62 48.19 5.96 16.49
C SER A 62 48.71 4.80 17.32
N ASN A 63 47.97 3.69 17.37
CA ASN A 63 48.40 2.44 17.97
C ASN A 63 49.64 1.89 17.28
N SER A 64 50.75 1.67 18.03
CA SER A 64 52.02 1.16 17.53
C SER A 64 51.92 -0.16 16.79
N ALA A 65 51.03 -1.04 17.25
CA ALA A 65 50.84 -2.34 16.67
C ALA A 65 49.60 -2.39 15.79
N PHE A 66 49.18 -1.23 15.19
CA PHE A 66 47.96 -1.05 14.42
C PHE A 66 47.56 -2.19 13.47
N PRO A 67 48.13 -2.47 12.29
CA PRO A 67 47.73 -3.57 11.38
C PRO A 67 47.25 -4.87 12.00
N ARG A 68 48.04 -5.45 12.92
CA ARG A 68 47.73 -6.60 13.76
C ARG A 68 46.48 -6.37 14.60
N SER A 69 46.56 -5.37 15.50
CA SER A 69 45.55 -4.88 16.44
C SER A 69 44.22 -4.46 15.85
N ALA A 70 44.21 -4.08 14.57
CA ALA A 70 43.08 -3.46 13.94
C ALA A 70 42.01 -4.42 13.47
N ASP A 71 40.74 -4.04 13.68
CA ASP A 71 39.59 -4.76 13.18
C ASP A 71 39.11 -4.09 11.89
N VAL A 72 39.85 -3.07 11.43
CA VAL A 72 39.56 -2.26 10.26
C VAL A 72 40.82 -2.04 9.45
N SER A 73 40.69 -1.53 8.20
CA SER A 73 41.80 -1.16 7.36
C SER A 73 42.34 0.22 7.76
N ALA A 74 43.45 0.66 7.14
CA ALA A 74 43.99 1.99 7.39
C ALA A 74 43.09 3.06 6.76
N LYS A 75 42.74 2.88 5.46
CA LYS A 75 41.74 3.64 4.71
C LYS A 75 40.45 3.91 5.50
N THR A 76 39.83 2.85 6.06
CA THR A 76 38.66 2.92 6.92
C THR A 76 38.89 3.68 8.21
N ALA A 77 39.92 3.28 8.99
CA ALA A 77 40.32 3.88 10.26
C ALA A 77 40.53 5.40 10.24
N ASP A 78 41.03 5.96 9.12
CA ASP A 78 41.22 7.39 8.95
C ASP A 78 39.95 8.24 9.13
N LYS A 79 38.75 7.72 8.81
CA LYS A 79 37.50 8.45 8.99
C LYS A 79 36.99 8.36 10.42
N PHE A 80 37.72 7.69 11.32
CA PHE A 80 37.35 7.50 12.70
C PHE A 80 37.98 8.54 13.60
N ARG A 81 37.32 8.77 14.74
CA ARG A 81 37.73 9.69 15.77
C ARG A 81 37.90 8.74 16.93
N PHE A 82 39.14 8.27 17.09
CA PHE A 82 39.56 7.17 17.93
C PHE A 82 40.50 7.64 19.02
N LEU A 83 40.92 6.68 19.87
CA LEU A 83 41.82 6.86 20.99
C LEU A 83 41.84 5.58 21.79
N SER A 84 43.01 4.92 21.89
CA SER A 84 43.19 3.66 22.62
C SER A 84 42.79 3.73 24.09
N GLY A 85 41.73 2.97 24.45
CA GLY A 85 41.17 2.90 25.79
C GLY A 85 39.95 3.78 25.93
N GLY A 86 39.61 4.52 24.86
CA GLY A 86 38.48 5.44 24.77
C GLY A 86 37.11 4.83 24.86
N SER A 87 36.09 5.69 24.94
CA SER A 87 34.70 5.34 25.05
C SER A 87 33.90 6.60 25.27
N LEU A 88 32.75 6.73 24.56
CA LEU A 88 31.80 7.81 24.69
C LEU A 88 31.29 7.93 26.11
N MET A 89 30.95 6.79 26.74
CA MET A 89 30.52 6.71 28.11
C MET A 89 31.62 7.14 29.07
N LEU A 90 32.90 6.81 28.79
CA LEU A 90 34.00 7.27 29.63
C LEU A 90 34.21 8.77 29.57
N SER A 91 34.03 9.40 28.39
CA SER A 91 34.11 10.86 28.30
C SER A 91 32.87 11.56 28.79
N MET A 92 31.69 10.91 28.69
CA MET A 92 30.43 11.43 29.20
C MET A 92 30.40 11.61 30.70
N PHE A 93 30.85 10.60 31.47
CA PHE A 93 30.77 10.67 32.91
C PHE A 93 32.10 10.92 33.57
N GLY A 94 33.23 10.79 32.84
CA GLY A 94 34.58 11.00 33.34
C GLY A 94 34.94 10.35 34.66
N PRO A 95 34.79 9.04 34.88
CA PRO A 95 35.12 8.42 36.17
C PRO A 95 36.63 8.46 36.46
N PRO A 96 37.11 8.68 37.68
CA PRO A 96 38.55 8.68 37.98
C PRO A 96 39.19 7.32 37.72
N GLY A 97 40.44 7.28 37.20
CA GLY A 97 41.12 6.03 36.91
C GLY A 97 40.76 5.47 35.56
N LYS A 98 40.47 6.35 34.60
CA LYS A 98 40.10 6.06 33.23
C LYS A 98 40.49 7.24 32.35
N VAL A 99 40.45 7.09 31.02
CA VAL A 99 40.81 8.12 30.06
C VAL A 99 39.72 9.19 29.88
N ASP A 100 40.11 10.34 29.30
CA ASP A 100 39.24 11.48 29.11
C ASP A 100 39.59 12.03 27.72
N TYR A 101 38.57 12.35 26.91
CA TYR A 101 38.77 12.69 25.51
C TYR A 101 37.57 13.49 25.00
N LEU A 102 37.74 14.21 23.88
CA LEU A 102 36.76 15.09 23.30
C LEU A 102 36.25 14.56 21.97
N TYR A 103 35.38 13.53 22.00
CA TYR A 103 34.75 13.02 20.78
C TYR A 103 33.83 14.06 20.13
N GLN A 104 33.95 14.23 18.80
CA GLN A 104 33.16 15.21 18.07
C GLN A 104 33.38 15.04 16.58
N GLY A 105 32.41 15.47 15.75
CA GLY A 105 32.50 15.39 14.31
C GLY A 105 31.14 15.53 13.68
N CYS A 106 31.10 15.56 12.34
CA CYS A 106 29.87 15.69 11.57
C CYS A 106 29.81 14.64 10.48
N GLY A 107 28.62 14.31 9.97
CA GLY A 107 28.49 13.37 8.86
C GLY A 107 27.08 12.88 8.71
N LYS A 108 26.70 12.48 7.49
CA LYS A 108 25.41 11.88 7.17
C LYS A 108 25.24 10.52 7.85
N HIS A 109 26.33 9.72 7.86
CA HIS A 109 26.35 8.38 8.43
C HIS A 109 27.40 8.32 9.52
N LYS A 110 26.98 7.94 10.74
CA LYS A 110 27.83 7.84 11.91
C LYS A 110 28.08 6.38 12.26
N VAL A 111 29.36 5.96 12.45
CA VAL A 111 29.72 4.58 12.75
C VAL A 111 30.33 4.44 14.14
N PHE A 112 29.66 3.71 15.06
CA PHE A 112 30.11 3.53 16.44
C PHE A 112 30.75 2.18 16.72
N TYR A 113 31.93 2.15 17.36
CA TYR A 113 32.50 0.91 17.92
C TYR A 113 32.65 1.07 19.44
N GLU A 114 31.85 2.01 20.01
CA GLU A 114 31.74 2.31 21.43
C GLU A 114 31.29 1.18 22.34
N GLY A 115 31.83 1.13 23.58
CA GLY A 115 31.33 0.24 24.63
C GLY A 115 32.32 -0.54 25.46
N VAL A 116 33.25 -1.28 24.82
CA VAL A 116 34.14 -2.22 25.51
C VAL A 116 34.95 -1.72 26.71
N ASN A 117 35.43 -0.46 26.68
CA ASN A 117 36.17 0.15 27.77
C ASN A 117 35.38 0.45 29.04
N TRP A 118 34.03 0.35 29.03
CA TRP A 118 33.24 0.42 30.24
C TRP A 118 32.26 -0.75 30.25
N SER A 119 32.81 -1.96 30.30
CA SER A 119 32.06 -3.19 30.49
C SER A 119 32.32 -3.63 31.93
N PRO A 120 31.61 -4.56 32.59
CA PRO A 120 31.82 -4.96 33.99
C PRO A 120 33.26 -5.15 34.44
N HIS A 121 34.14 -5.63 33.55
CA HIS A 121 35.57 -5.77 33.75
C HIS A 121 36.27 -4.48 34.18
N ALA A 122 35.96 -3.33 33.52
CA ALA A 122 36.53 -2.00 33.73
C ALA A 122 36.64 -1.48 35.17
N ALA A 123 35.84 -2.03 36.10
CA ALA A 123 35.89 -1.76 37.52
C ALA A 123 35.66 -0.31 37.98
N ILE A 124 34.41 0.17 37.87
CA ILE A 124 34.01 1.47 38.39
C ILE A 124 32.96 1.23 39.47
N ASN A 125 33.12 1.80 40.67
CA ASN A 125 32.14 1.63 41.74
C ASN A 125 31.97 2.93 42.50
N CYS A 126 31.58 4.01 41.80
CA CYS A 126 31.30 5.29 42.43
C CYS A 126 29.86 5.31 42.96
N TYR A 127 29.56 4.36 43.88
CA TYR A 127 28.24 4.10 44.46
C TYR A 127 27.32 3.45 43.44
N ARG A 128 27.84 2.49 42.65
CA ARG A 128 27.08 1.78 41.63
C ARG A 128 28.09 0.86 40.94
N LYS A 129 27.89 -0.46 41.05
CA LYS A 129 28.82 -1.44 40.48
C LYS A 129 28.37 -1.95 39.13
N ASN A 130 27.07 -2.25 38.99
CA ASN A 130 26.52 -2.71 37.72
C ASN A 130 26.11 -1.51 36.88
N TRP A 131 26.95 -1.10 35.93
CA TRP A 131 26.71 0.03 35.06
C TRP A 131 25.79 -0.24 33.86
N THR A 132 25.53 -1.53 33.53
CA THR A 132 24.81 -1.97 32.32
C THR A 132 23.56 -1.22 31.92
N ASP A 133 22.57 -1.02 32.82
CA ASP A 133 21.37 -0.23 32.54
C ASP A 133 21.65 1.21 32.14
N ILE A 134 22.53 1.91 32.90
CA ILE A 134 22.97 3.27 32.60
C ILE A 134 23.62 3.36 31.24
N LYS A 135 24.59 2.44 30.98
CA LYS A 135 25.26 2.26 29.70
C LYS A 135 24.31 2.10 28.52
N LEU A 136 23.39 1.12 28.62
CA LEU A 136 22.30 0.84 27.70
C LEU A 136 21.48 2.08 27.37
N ASN A 137 20.86 2.70 28.39
CA ASN A 137 20.04 3.89 28.25
C ASN A 137 20.79 5.06 27.65
N PHE A 138 22.06 5.27 28.07
CA PHE A 138 22.95 6.25 27.48
C PHE A 138 23.19 6.01 25.98
N GLN A 139 23.62 4.78 25.60
CA GLN A 139 23.76 4.35 24.22
C GLN A 139 22.51 4.53 23.38
N LYS A 140 21.35 4.06 23.88
CA LYS A 140 20.03 4.21 23.26
C LYS A 140 19.74 5.65 22.83
N ASN A 141 20.03 6.61 23.74
CA ASN A 141 19.86 8.03 23.49
C ASN A 141 20.89 8.56 22.50
N ILE A 142 22.18 8.18 22.63
CA ILE A 142 23.23 8.51 21.67
C ILE A 142 22.87 8.11 20.25
N TYR A 143 22.42 6.86 20.05
CA TYR A 143 21.99 6.34 18.76
C TYR A 143 20.80 7.08 18.19
N GLU A 144 19.76 7.31 19.04
CA GLU A 144 18.58 8.09 18.74
C GLU A 144 18.88 9.48 18.24
N LEU A 145 19.51 10.32 19.09
CA LEU A 145 19.92 11.66 18.72
C LEU A 145 20.88 11.72 17.52
N ALA A 146 21.83 10.77 17.41
CA ALA A 146 22.75 10.70 16.28
C ALA A 146 22.08 10.39 14.96
N SER A 147 21.07 9.49 14.91
CA SER A 147 20.37 9.19 13.66
C SER A 147 19.37 10.27 13.26
N GLN A 148 19.35 11.39 14.01
CA GLN A 148 18.56 12.57 13.77
C GLN A 148 19.42 13.83 13.72
N SER A 149 20.76 13.70 13.67
CA SER A 149 21.68 14.83 13.64
C SER A 149 22.71 14.73 12.55
N HIS A 150 23.28 15.89 12.16
CA HIS A 150 24.41 15.93 11.24
C HIS A 150 25.70 16.09 12.00
N CYS A 151 25.72 16.95 13.04
CA CYS A 151 26.89 17.18 13.87
C CYS A 151 26.64 16.83 15.32
N MET A 152 27.71 16.38 16.01
CA MET A 152 27.64 16.01 17.41
C MET A 152 28.99 16.24 18.09
N SER A 153 28.99 16.61 19.39
CA SER A 153 30.21 16.82 20.14
C SER A 153 30.00 16.57 21.61
N LEU A 154 31.01 16.05 22.31
CA LEU A 154 31.05 15.96 23.76
C LEU A 154 31.24 17.38 24.32
N VAL A 155 30.62 17.69 25.46
CA VAL A 155 30.71 18.95 26.17
C VAL A 155 31.31 18.68 27.54
N ASN A 156 32.62 18.98 27.73
CA ASN A 156 33.35 18.69 28.95
C ASN A 156 33.52 19.89 29.88
N ALA A 157 32.80 21.01 29.63
CA ALA A 157 32.84 22.18 30.49
C ALA A 157 31.58 23.01 30.29
N LEU A 158 31.13 23.75 31.33
CA LEU A 158 29.95 24.60 31.25
C LEU A 158 30.02 25.70 32.31
N ASP A 159 29.11 26.69 32.23
CA ASP A 159 29.00 27.79 33.18
C ASP A 159 28.15 27.32 34.36
N LYS A 160 28.60 27.58 35.62
CA LYS A 160 27.93 27.13 36.82
C LYS A 160 28.00 28.18 37.91
N THR A 161 27.19 28.02 38.98
CA THR A 161 27.27 28.87 40.18
C THR A 161 27.02 27.94 41.34
N ILE A 162 28.02 27.79 42.23
CA ILE A 162 27.96 26.92 43.38
C ILE A 162 27.94 27.79 44.64
N PRO A 163 27.14 27.55 45.68
CA PRO A 163 27.07 28.44 46.83
C PRO A 163 28.21 28.14 47.79
N LEU A 164 28.80 29.20 48.40
CA LEU A 164 29.97 29.19 49.28
C LEU A 164 29.96 28.16 50.42
N GLN A 165 28.75 27.82 50.93
CA GLN A 165 28.52 26.86 51.99
C GLN A 165 29.01 25.45 51.70
N VAL A 166 28.90 24.97 50.45
CA VAL A 166 29.35 23.64 50.06
C VAL A 166 30.74 23.72 49.45
N THR A 167 31.49 22.60 49.60
CA THR A 167 32.85 22.45 49.13
C THR A 167 32.96 21.09 48.49
N ALA A 168 33.77 20.96 47.41
CA ALA A 168 33.98 19.77 46.61
C ALA A 168 34.09 18.42 47.35
N GLY A 169 33.40 17.38 46.84
CA GLY A 169 33.38 16.06 47.45
C GLY A 169 34.44 15.10 46.97
N THR A 170 34.52 13.94 47.64
CA THR A 170 35.43 12.85 47.34
C THR A 170 34.82 11.58 47.89
N ALA A 171 35.18 10.40 47.34
CA ALA A 171 34.61 9.13 47.75
C ALA A 171 35.64 8.02 47.60
N GLY A 172 35.79 7.16 48.64
CA GLY A 172 36.77 6.06 48.66
C GLY A 172 36.52 4.91 47.72
N ASN A 173 35.28 4.76 47.22
CA ASN A 173 34.92 3.71 46.29
C ASN A 173 35.03 4.23 44.86
N CYS A 174 35.14 5.56 44.72
CA CYS A 174 35.37 6.24 43.47
C CYS A 174 36.84 6.62 43.41
N ASN A 175 37.72 5.64 43.73
CA ASN A 175 39.14 5.81 43.94
C ASN A 175 39.47 6.84 45.03
N ASN A 176 40.04 7.99 44.64
CA ASN A 176 40.50 9.00 45.58
C ASN A 176 39.80 10.32 45.35
N SER A 177 38.69 10.33 44.59
CA SER A 177 38.01 11.56 44.22
C SER A 177 36.56 11.30 43.84
N PHE A 178 36.10 11.82 42.69
CA PHE A 178 34.73 11.65 42.25
C PHE A 178 34.72 11.89 40.75
N LEU A 179 33.60 11.61 40.07
CA LEU A 179 33.37 11.80 38.65
C LEU A 179 33.56 13.22 38.10
N LYS A 180 33.88 13.33 36.80
CA LYS A 180 34.05 14.63 36.15
C LYS A 180 32.77 15.14 35.49
N ASN A 181 31.64 14.42 35.63
CA ASN A 181 30.34 14.87 35.16
C ASN A 181 29.47 15.17 36.37
N PRO A 182 28.74 14.31 37.10
CA PRO A 182 28.11 14.74 38.34
C PRO A 182 29.19 15.12 39.34
N ALA A 183 29.24 16.41 39.69
CA ALA A 183 30.21 16.93 40.59
C ALA A 183 29.63 17.01 41.97
N LEU A 184 30.27 16.32 42.92
CA LEU A 184 29.82 16.25 44.28
C LEU A 184 30.36 17.42 45.07
N TYR A 185 29.54 17.95 45.99
CA TYR A 185 29.87 19.06 46.83
C TYR A 185 29.05 18.83 48.08
N THR A 186 29.59 19.19 49.25
CA THR A 186 28.96 18.89 50.53
C THR A 186 29.29 20.01 51.47
N GLN A 187 28.56 20.11 52.58
CA GLN A 187 28.83 21.06 53.64
C GLN A 187 28.71 20.23 54.89
N GLU A 188 29.15 20.77 56.03
CA GLU A 188 28.99 20.06 57.27
C GLU A 188 27.55 20.07 57.77
N VAL A 189 27.05 18.89 58.15
CA VAL A 189 25.81 18.74 58.86
C VAL A 189 25.99 17.55 59.77
N LYS A 190 25.71 17.73 61.06
CA LYS A 190 25.94 16.72 62.07
C LYS A 190 24.72 16.64 62.98
N PRO A 191 23.86 15.62 62.88
CA PRO A 191 22.64 15.55 63.68
C PRO A 191 22.86 15.29 65.15
N SER A 192 23.91 14.55 65.53
CA SER A 192 24.30 14.24 66.90
C SER A 192 24.57 15.44 67.78
N GLU A 193 25.22 16.48 67.23
CA GLU A 193 25.49 17.72 67.94
C GLU A 193 24.54 18.83 67.52
N ASN A 194 23.52 18.51 66.70
CA ASN A 194 22.50 19.42 66.17
C ASN A 194 23.08 20.54 65.30
N LYS A 195 24.28 20.32 64.72
CA LYS A 195 24.93 21.25 63.81
C LYS A 195 24.36 21.05 62.42
N CYS A 196 23.08 21.39 62.22
CA CYS A 196 22.39 21.19 60.96
C CYS A 196 22.71 22.23 59.90
N GLY A 197 22.70 21.80 58.61
CA GLY A 197 23.07 22.63 57.46
C GLY A 197 21.90 23.29 56.76
N LYS A 198 22.19 23.94 55.63
CA LYS A 198 21.25 24.62 54.77
C LYS A 198 21.08 23.91 53.43
N GLU A 199 19.84 23.85 52.89
CA GLU A 199 19.62 23.31 51.55
C GLU A 199 20.34 24.12 50.49
N ASN A 200 20.76 23.48 49.40
CA ASN A 200 21.58 24.13 48.41
C ASN A 200 20.75 24.59 47.24
N LEU A 201 21.21 25.67 46.59
CA LEU A 201 20.67 26.15 45.34
C LEU A 201 21.89 26.42 44.48
N ALA A 202 21.98 25.84 43.27
CA ALA A 202 23.11 26.07 42.41
C ALA A 202 22.62 26.19 40.98
N PHE A 203 23.32 26.98 40.14
CA PHE A 203 22.89 27.21 38.77
C PHE A 203 23.85 26.58 37.78
N PHE A 204 23.42 26.50 36.50
CA PHE A 204 24.27 26.01 35.42
C PHE A 204 23.69 26.42 34.08
N THR A 205 24.54 26.60 33.05
CA THR A 205 24.14 27.11 31.75
C THR A 205 24.58 26.13 30.68
N LEU A 206 23.61 25.56 29.94
CA LEU A 206 23.89 24.70 28.80
C LEU A 206 24.13 25.59 27.58
N PRO A 207 25.27 25.55 26.91
CA PRO A 207 25.56 26.49 25.83
C PRO A 207 25.00 26.01 24.50
N THR A 208 24.46 26.94 23.69
CA THR A 208 23.86 26.64 22.39
C THR A 208 24.88 26.36 21.30
N GLN A 209 26.18 26.53 21.58
CA GLN A 209 27.27 26.29 20.68
C GLN A 209 28.41 25.74 21.51
N PHE A 210 29.34 25.01 20.88
CA PHE A 210 30.53 24.50 21.52
C PHE A 210 31.61 24.58 20.45
N GLY A 211 32.27 25.76 20.36
CA GLY A 211 33.14 26.09 19.23
C GLY A 211 32.32 26.15 17.95
N THR A 212 32.72 25.41 16.90
CA THR A 212 31.96 25.30 15.66
C THR A 212 30.66 24.52 15.84
N TYR A 213 30.66 23.51 16.75
CA TYR A 213 29.53 22.64 17.02
C TYR A 213 28.29 23.36 17.49
N GLU A 214 27.15 23.03 16.86
CA GLU A 214 25.88 23.63 17.14
C GLU A 214 25.07 22.74 18.05
N CYS A 215 24.56 23.29 19.16
CA CYS A 215 23.86 22.50 20.16
C CYS A 215 22.42 22.94 20.18
N LYS A 216 21.53 22.09 19.63
CA LYS A 216 20.10 22.34 19.68
C LYS A 216 19.48 21.43 20.72
N LEU A 217 20.20 20.35 21.09
CA LEU A 217 19.72 19.42 22.08
C LEU A 217 20.92 18.80 22.79
N HIS A 218 20.86 18.76 24.13
CA HIS A 218 21.89 18.22 24.98
C HIS A 218 21.40 16.94 25.63
N LEU A 219 22.27 15.92 25.71
CA LEU A 219 21.99 14.67 26.39
C LEU A 219 22.74 14.75 27.70
N VAL A 220 22.02 14.94 28.82
CA VAL A 220 22.63 15.08 30.13
C VAL A 220 22.13 13.97 31.04
N ALA A 221 22.90 13.68 32.11
CA ALA A 221 22.57 12.68 33.10
C ALA A 221 22.17 13.36 34.41
N SER A 222 20.93 13.17 34.87
CA SER A 222 20.49 13.68 36.16
C SER A 222 20.71 12.59 37.17
N CYS A 223 21.61 12.78 38.15
CA CYS A 223 21.94 11.72 39.07
C CYS A 223 21.55 12.06 40.50
N TYR A 224 21.37 11.02 41.32
CA TYR A 224 21.01 11.18 42.70
C TYR A 224 21.30 9.91 43.49
N PHE A 225 21.38 10.05 44.82
CA PHE A 225 21.62 8.96 45.74
C PHE A 225 20.32 8.38 46.25
N ILE A 226 20.19 7.04 46.22
CA ILE A 226 19.04 6.33 46.72
C ILE A 226 19.35 5.72 48.07
N TYR A 227 18.73 6.26 49.14
CA TYR A 227 18.89 5.81 50.51
C TYR A 227 17.78 4.85 50.92
N ASP A 228 18.10 3.86 51.79
CA ASP A 228 17.18 2.89 52.33
C ASP A 228 16.03 3.46 53.14
N SER A 229 16.29 4.48 53.99
CA SER A 229 15.24 5.00 54.84
C SER A 229 15.54 6.38 55.36
N LYS A 230 14.50 6.99 55.99
CA LYS A 230 14.52 8.23 56.76
C LYS A 230 15.70 8.29 57.70
N GLU A 231 15.64 7.42 58.73
CA GLU A 231 16.65 7.16 59.72
C GLU A 231 18.07 7.04 59.19
N VAL A 232 18.29 6.29 58.09
CA VAL A 232 19.59 6.18 57.44
C VAL A 232 20.10 7.51 56.93
N TYR A 233 19.29 8.28 56.15
CA TYR A 233 19.65 9.64 55.79
C TYR A 233 19.86 10.51 57.02
N ASN A 234 18.92 10.46 57.99
CA ASN A 234 18.98 11.14 59.26
C ASN A 234 20.14 10.82 60.20
N LYS A 235 21.02 9.86 59.83
CA LYS A 235 22.33 9.71 60.47
C LYS A 235 23.21 10.92 60.15
N ARG A 236 23.27 11.31 58.85
CA ARG A 236 24.12 12.37 58.35
C ARG A 236 23.41 13.68 58.01
N GLY A 237 22.06 13.73 57.99
CA GLY A 237 21.30 14.94 57.66
C GLY A 237 20.18 15.18 58.64
N CYS A 238 19.63 16.40 58.72
CA CYS A 238 18.61 16.70 59.72
C CYS A 238 17.23 16.82 59.10
N ASP A 239 17.18 16.84 57.76
CA ASP A 239 16.04 17.00 56.92
C ASP A 239 15.69 15.66 56.24
N ASN A 240 15.63 15.63 54.90
CA ASN A 240 15.41 14.45 54.10
C ASN A 240 16.24 14.62 52.86
N TYR A 241 16.63 13.50 52.20
CA TYR A 241 17.40 13.56 50.98
C TYR A 241 16.63 14.21 49.84
N PHE A 242 17.33 14.87 48.91
CA PHE A 242 16.71 15.37 47.70
C PHE A 242 17.78 16.01 46.83
N GLN A 243 17.60 15.84 45.51
CA GLN A 243 18.38 16.46 44.48
C GLN A 243 17.41 16.62 43.34
N VAL A 244 17.17 17.84 42.85
CA VAL A 244 16.18 18.13 41.84
C VAL A 244 16.69 19.18 40.89
N ILE A 245 16.37 19.02 39.60
CA ILE A 245 16.82 19.88 38.53
C ILE A 245 15.65 20.71 38.02
N TYR A 246 15.72 22.04 38.12
CA TYR A 246 14.70 22.95 37.65
C TYR A 246 15.11 23.61 36.34
N ASP A 247 14.12 24.11 35.58
CA ASP A 247 14.31 24.85 34.36
C ASP A 247 14.55 26.34 34.64
N SER A 248 14.76 27.11 33.57
CA SER A 248 14.93 28.55 33.60
C SER A 248 13.68 29.26 34.11
N PHE A 249 12.48 28.85 33.64
CA PHE A 249 11.20 29.33 34.13
C PHE A 249 10.95 29.02 35.61
N GLY A 250 11.25 27.79 36.05
CA GLY A 250 11.15 27.37 37.44
C GLY A 250 10.42 26.07 37.65
N LYS A 251 10.12 25.32 36.58
CA LYS A 251 9.51 24.00 36.67
C LYS A 251 10.58 22.96 36.93
N VAL A 252 10.22 21.77 37.45
CA VAL A 252 11.21 20.74 37.69
C VAL A 252 11.24 19.80 36.49
N VAL A 253 12.44 19.34 36.10
CA VAL A 253 12.62 18.52 34.91
C VAL A 253 13.25 17.18 35.26
N GLY A 254 13.67 16.96 36.52
CA GLY A 254 14.19 15.66 36.91
C GLY A 254 14.75 15.65 38.30
N GLY A 255 15.10 14.44 38.79
CA GLY A 255 15.75 14.24 40.09
C GLY A 255 14.92 13.37 41.01
N LEU A 256 15.20 13.48 42.33
CA LEU A 256 14.58 12.69 43.35
C LEU A 256 14.43 13.54 44.60
N ASP A 257 13.20 13.63 45.15
CA ASP A 257 12.89 14.41 46.33
C ASP A 257 12.31 13.50 47.41
N ASN A 258 13.10 13.13 48.44
CA ASN A 258 12.62 12.26 49.51
C ASN A 258 12.03 13.06 50.65
N ARG A 259 11.76 14.37 50.44
CA ARG A 259 10.92 15.14 51.34
C ARG A 259 9.45 14.82 51.05
N VAL A 260 9.15 14.29 49.84
CA VAL A 260 7.80 13.94 49.44
C VAL A 260 7.66 12.54 48.85
N SER A 261 8.72 11.94 48.26
CA SER A 261 8.67 10.58 47.73
C SER A 261 9.34 9.60 48.70
N PRO A 262 8.79 8.45 49.07
CA PRO A 262 9.41 7.50 49.98
C PRO A 262 10.83 7.05 49.65
N TYR A 263 11.59 6.61 50.66
CA TYR A 263 12.93 6.07 50.50
C TYR A 263 12.91 4.64 49.96
N THR A 264 13.56 4.41 48.81
CA THR A 264 13.49 3.17 48.04
C THR A 264 14.75 2.30 48.06
N GLY A 265 15.79 2.67 48.83
CA GLY A 265 17.07 1.95 48.84
C GLY A 265 17.09 0.53 49.38
N ASN A 266 18.29 -0.08 49.31
CA ASN A 266 18.53 -1.42 49.77
C ASN A 266 20.02 -1.67 50.00
N SER A 267 20.82 -0.60 50.16
CA SER A 267 22.26 -0.68 50.28
C SER A 267 22.79 -0.37 51.67
N GLY A 268 21.91 -0.10 52.65
CA GLY A 268 22.25 0.13 54.03
C GLY A 268 22.69 1.54 54.32
N ASP A 269 23.78 1.70 55.08
CA ASP A 269 24.22 3.02 55.54
C ASP A 269 24.80 3.87 54.41
N THR A 270 25.32 3.20 53.35
CA THR A 270 25.82 3.83 52.15
C THR A 270 24.73 3.78 51.09
N PRO A 271 24.54 4.79 50.26
CA PRO A 271 23.46 4.77 49.29
C PRO A 271 23.95 4.14 48.00
N THR A 272 23.09 4.10 46.98
CA THR A 272 23.46 3.66 45.65
C THR A 272 22.98 4.73 44.70
N MET A 273 23.77 5.03 43.66
CA MET A 273 23.53 6.14 42.78
C MET A 273 22.77 5.72 41.54
N GLN A 274 21.81 6.56 41.15
CA GLN A 274 21.01 6.39 39.97
C GLN A 274 21.13 7.61 39.11
N CYS A 275 21.39 7.42 37.81
CA CYS A 275 21.55 8.48 36.84
C CYS A 275 20.52 8.31 35.76
N ASP A 276 19.54 9.22 35.66
CA ASP A 276 18.50 9.16 34.67
C ASP A 276 18.95 9.95 33.45
N MET A 277 18.60 9.51 32.24
CA MET A 277 19.00 10.20 31.03
C MET A 277 17.96 11.23 30.64
N LEU A 278 18.38 12.49 30.45
CA LEU A 278 17.49 13.59 30.11
C LEU A 278 17.95 14.26 28.84
N GLN A 279 17.00 14.75 28.03
CA GLN A 279 17.28 15.51 26.83
C GLN A 279 16.86 16.94 27.11
N LEU A 280 17.82 17.88 27.11
CA LEU A 280 17.64 19.28 27.52
C LEU A 280 18.06 20.24 26.42
N LYS A 281 17.29 21.34 26.26
CA LYS A 281 17.56 22.38 25.29
C LYS A 281 18.50 23.44 25.91
N PRO A 282 19.30 24.20 25.18
CA PRO A 282 20.23 25.19 25.76
C PRO A 282 19.56 26.29 26.60
N GLY A 283 20.17 26.69 27.74
CA GLY A 283 19.62 27.75 28.59
C GLY A 283 20.22 27.74 29.97
N ARG A 284 19.66 28.57 30.90
CA ARG A 284 20.13 28.70 32.27
C ARG A 284 19.21 27.92 33.20
N TYR A 285 19.71 26.81 33.73
CA TYR A 285 19.02 25.89 34.61
C TYR A 285 19.49 26.04 36.05
N SER A 286 18.71 25.52 37.01
CA SER A 286 19.07 25.58 38.42
C SER A 286 18.82 24.24 39.07
N VAL A 287 19.47 23.96 40.20
CA VAL A 287 19.32 22.71 40.92
C VAL A 287 19.19 23.02 42.40
N ARG A 288 18.43 22.18 43.13
CA ARG A 288 18.27 22.28 44.57
C ARG A 288 18.55 20.94 45.20
N SER A 289 19.16 20.93 46.39
CA SER A 289 19.48 19.66 47.02
C SER A 289 19.61 19.79 48.52
N SER A 290 19.56 18.64 49.23
CA SER A 290 19.69 18.55 50.67
C SER A 290 21.07 19.00 51.14
N PRO A 291 21.25 19.58 52.34
CA PRO A 291 22.51 20.14 52.83
C PRO A 291 23.75 19.31 52.60
N ARG A 292 23.64 18.01 52.87
CA ARG A 292 24.76 17.09 52.90
C ARG A 292 25.23 16.63 51.53
N PHE A 293 24.40 16.78 50.48
CA PHE A 293 24.76 16.32 49.15
C PHE A 293 24.30 17.26 48.06
N LEU A 294 25.22 17.69 47.17
CA LEU A 294 24.90 18.41 45.96
C LEU A 294 25.61 17.69 44.84
N LEU A 295 24.87 17.29 43.77
CA LEU A 295 25.39 16.58 42.62
C LEU A 295 25.10 17.33 41.34
N MET A 296 25.93 18.34 41.01
CA MET A 296 25.72 19.16 39.82
C MET A 296 26.23 18.48 38.55
N PRO A 297 25.50 18.26 37.46
CA PRO A 297 26.08 17.71 36.22
C PRO A 297 26.98 18.72 35.53
N GLU A 298 28.20 18.33 35.11
CA GLU A 298 29.14 19.23 34.48
C GLU A 298 29.56 18.78 33.08
N ARG A 299 28.88 17.77 32.49
CA ARG A 299 29.14 17.32 31.14
C ARG A 299 27.86 16.88 30.45
N SER A 300 27.92 16.73 29.11
CA SER A 300 26.78 16.33 28.31
C SER A 300 27.26 16.12 26.89
N TYR A 301 26.40 15.58 26.01
CA TYR A 301 26.66 15.45 24.58
C TYR A 301 25.75 16.44 23.88
N CYS A 302 26.28 17.16 22.89
CA CYS A 302 25.62 18.23 22.18
C CYS A 302 25.35 17.74 20.76
N PHE A 303 24.09 17.88 20.32
CA PHE A 303 23.61 17.47 19.03
C PHE A 303 23.01 18.64 18.28
N ASP A 304 23.34 18.79 16.97
CA ASP A 304 22.74 19.85 16.17
C ASP A 304 21.33 19.52 15.68
N MET A 305 20.97 18.23 15.59
CA MET A 305 19.65 17.75 15.26
C MET A 305 19.15 18.15 13.87
N LYS A 306 20.06 18.46 12.92
CA LYS A 306 19.67 18.93 11.60
C LYS A 306 18.93 17.98 10.68
N GLU A 307 19.42 16.72 10.54
CA GLU A 307 18.88 15.81 9.57
C GLU A 307 18.96 14.36 10.02
N LYS A 308 17.98 13.54 9.57
CA LYS A 308 18.00 12.11 9.79
C LYS A 308 19.11 11.44 8.98
N GLY A 309 19.72 10.37 9.50
CA GLY A 309 20.72 9.67 8.71
C GLY A 309 21.13 8.36 9.33
N PRO A 310 21.67 7.43 8.55
CA PRO A 310 22.11 6.12 9.02
C PRO A 310 23.09 6.13 10.18
N VAL A 311 23.05 5.07 10.98
CA VAL A 311 23.93 4.86 12.11
C VAL A 311 24.31 3.41 12.12
N THR A 312 25.60 3.08 12.13
CA THR A 312 26.06 1.71 12.24
C THR A 312 26.63 1.56 13.61
N ALA A 313 26.29 0.49 14.34
CA ALA A 313 26.81 0.25 15.66
C ALA A 313 27.41 -1.14 15.67
N VAL A 314 28.71 -1.23 15.97
CA VAL A 314 29.42 -2.49 16.01
C VAL A 314 29.45 -2.99 17.44
N GLN A 315 29.19 -4.31 17.64
CA GLN A 315 29.19 -4.98 18.92
C GLN A 315 30.54 -4.90 19.63
N SER A 316 30.69 -3.92 20.54
CA SER A 316 31.96 -3.63 21.19
C SER A 316 32.15 -4.46 22.44
N ILE A 317 32.64 -5.69 22.25
CA ILE A 317 32.89 -6.64 23.30
C ILE A 317 34.38 -6.93 23.41
N TRP A 318 34.80 -7.52 24.54
CA TRP A 318 36.19 -7.84 24.82
C TRP A 318 36.62 -9.17 24.20
N GLY A 319 37.94 -9.30 23.97
CA GLY A 319 38.58 -10.60 23.76
C GLY A 319 38.49 -11.46 24.99
N LYS A 320 38.61 -12.78 24.82
CA LYS A 320 38.52 -13.74 25.91
C LYS A 320 39.29 -13.45 27.21
N GLY A 321 38.57 -13.46 28.36
CA GLY A 321 39.15 -13.21 29.68
C GLY A 321 38.62 -11.99 30.38
N ARG A 322 37.92 -11.09 29.68
CA ARG A 322 37.38 -9.88 30.27
C ARG A 322 35.87 -9.81 30.08
N GLU A 323 35.09 -9.76 31.18
CA GLU A 323 33.65 -9.78 31.15
C GLU A 323 32.98 -8.62 30.38
N SER A 324 32.03 -8.97 29.49
CA SER A 324 31.35 -8.05 28.59
C SER A 324 29.85 -8.12 28.71
N ASP A 325 29.18 -6.97 28.58
CA ASP A 325 27.74 -6.79 28.55
C ASP A 325 27.26 -6.62 27.11
N TYR A 326 25.93 -6.74 26.90
CA TYR A 326 25.30 -6.64 25.59
C TYR A 326 24.49 -5.35 25.44
N ALA A 327 24.86 -4.31 26.23
CA ALA A 327 24.24 -2.99 26.22
C ALA A 327 24.12 -2.38 24.83
N VAL A 328 25.23 -2.39 24.07
CA VAL A 328 25.36 -1.95 22.68
C VAL A 328 24.28 -2.54 21.78
N ASP A 329 24.26 -3.89 21.65
CA ASP A 329 23.29 -4.71 20.96
C ASP A 329 21.86 -4.32 21.31
N GLN A 330 21.52 -4.47 22.61
CA GLN A 330 20.23 -4.15 23.18
C GLN A 330 19.73 -2.74 22.86
N ALA A 331 20.57 -1.72 23.14
CA ALA A 331 20.30 -0.32 22.86
C ALA A 331 20.01 -0.06 21.38
N CYS A 332 20.90 -0.50 20.46
CA CYS A 332 20.64 -0.43 19.02
C CYS A 332 19.33 -1.07 18.59
N LEU A 333 19.13 -2.36 18.94
CA LEU A 333 17.95 -3.14 18.62
C LEU A 333 16.63 -2.57 19.15
N SER A 334 16.68 -1.59 20.07
CA SER A 334 15.54 -0.92 20.65
C SER A 334 15.46 0.55 20.25
N THR A 335 16.25 1.01 19.26
CA THR A 335 16.16 2.38 18.75
C THR A 335 16.09 2.36 17.23
N PRO A 336 15.36 3.22 16.53
CA PRO A 336 15.29 3.16 15.07
C PRO A 336 16.47 3.89 14.42
N GLY A 337 16.72 3.61 13.12
CA GLY A 337 17.79 4.23 12.35
C GLY A 337 19.17 3.66 12.48
N CYS A 338 19.42 2.76 13.44
CA CYS A 338 20.72 2.11 13.55
C CYS A 338 20.73 0.67 13.07
N MET A 339 21.87 0.25 12.51
CA MET A 339 22.14 -1.10 12.07
C MET A 339 23.21 -1.71 12.94
N LEU A 340 22.92 -2.88 13.55
CA LEU A 340 23.84 -3.55 14.46
C LEU A 340 24.71 -4.55 13.71
N ILE A 341 26.03 -4.55 13.99
CA ILE A 341 26.98 -5.50 13.44
C ILE A 341 27.48 -6.34 14.60
N GLN A 342 27.30 -7.67 14.54
CA GLN A 342 27.61 -8.57 15.64
C GLN A 342 28.28 -9.85 15.15
N LYS A 343 29.22 -10.37 15.96
CA LYS A 343 30.03 -11.53 15.65
C LYS A 343 29.35 -12.88 15.81
N GLN A 344 29.78 -13.89 15.00
CA GLN A 344 29.22 -15.24 15.04
C GLN A 344 30.25 -16.26 15.49
N LYS A 345 31.44 -15.79 15.86
CA LYS A 345 32.53 -16.57 16.38
C LYS A 345 33.13 -15.75 17.51
N PRO A 346 33.79 -16.31 18.52
CA PRO A 346 34.40 -15.54 19.62
C PRO A 346 35.39 -14.49 19.16
N TYR A 347 35.74 -13.53 20.03
CA TYR A 347 36.72 -12.50 19.70
C TYR A 347 38.10 -13.01 20.03
N ILE A 348 38.92 -13.26 18.99
CA ILE A 348 40.29 -13.72 19.15
C ILE A 348 41.22 -12.77 18.40
N GLY A 349 41.96 -11.94 19.15
CA GLY A 349 42.87 -10.97 18.56
C GLY A 349 44.26 -11.48 18.30
N GLU A 350 44.97 -10.84 17.34
CA GLU A 350 46.35 -11.10 17.01
C GLU A 350 47.34 -10.42 17.95
N ALA A 351 47.24 -9.08 18.09
CA ALA A 351 48.12 -8.22 18.87
C ALA A 351 48.22 -8.62 20.33
N ASP A 352 47.03 -8.87 20.91
CA ASP A 352 46.84 -9.41 22.22
C ASP A 352 45.46 -10.01 22.07
N ASP A 353 44.90 -10.62 23.12
CA ASP A 353 43.65 -11.34 23.09
C ASP A 353 42.45 -10.55 22.60
N HIS A 354 42.48 -9.23 22.81
CA HIS A 354 41.38 -8.32 22.65
C HIS A 354 41.50 -7.39 21.47
N HIS A 355 42.51 -7.55 20.59
CA HIS A 355 42.65 -6.62 19.47
C HIS A 355 43.05 -7.35 18.20
N GLY A 356 42.34 -7.10 17.07
CA GLY A 356 42.66 -7.66 15.76
C GLY A 356 42.01 -8.97 15.46
N ASP A 357 40.67 -9.01 15.45
CA ASP A 357 39.91 -10.21 15.22
C ASP A 357 39.70 -10.43 13.72
N GLN A 358 39.94 -11.67 13.27
CA GLN A 358 39.83 -12.15 11.90
C GLN A 358 38.48 -11.87 11.27
N GLU A 359 37.43 -12.47 11.87
CA GLU A 359 36.03 -12.27 11.57
C GLU A 359 35.63 -10.81 11.40
N MET A 360 35.82 -10.00 12.46
CA MET A 360 35.57 -8.56 12.45
C MET A 360 36.20 -7.83 11.26
N ARG A 361 37.47 -8.15 10.91
CA ARG A 361 38.13 -7.61 9.74
C ARG A 361 37.44 -7.89 8.42
N GLU A 362 37.03 -9.15 8.14
CA GLU A 362 36.31 -9.46 6.90
C GLU A 362 34.85 -8.99 6.90
N LEU A 363 34.34 -8.52 8.05
CA LEU A 363 33.05 -7.88 8.19
C LEU A 363 33.15 -6.38 7.94
N LEU A 364 34.11 -5.68 8.57
CA LEU A 364 34.25 -4.24 8.41
C LEU A 364 35.11 -3.87 7.20
N SER A 365 35.40 -4.86 6.33
CA SER A 365 36.08 -4.73 5.06
C SER A 365 35.35 -3.83 4.06
N GLY A 366 34.00 -3.95 4.02
CA GLY A 366 33.12 -3.19 3.16
C GLY A 366 33.21 -1.68 3.26
N LEU A 367 33.59 -1.14 4.43
CA LEU A 367 33.75 0.28 4.72
C LEU A 367 34.73 1.06 3.84
N ASP A 368 35.51 0.36 3.00
CA ASP A 368 36.40 0.97 2.03
C ASP A 368 35.76 1.06 0.65
N TYR A 369 34.67 0.32 0.42
CA TYR A 369 33.95 0.34 -0.84
C TYR A 369 32.79 1.30 -0.76
N GLU A 370 32.27 1.74 -1.93
CA GLU A 370 31.11 2.59 -1.99
C GLU A 370 29.91 1.76 -2.38
N ALA A 371 29.01 1.50 -1.41
CA ALA A 371 27.83 0.70 -1.60
C ALA A 371 26.72 1.51 -2.26
N ARG A 372 25.85 0.84 -3.05
CA ARG A 372 24.70 1.50 -3.67
C ARG A 372 23.47 1.25 -2.83
N CYS A 373 23.58 0.36 -1.82
CA CYS A 373 22.57 0.14 -0.81
C CYS A 373 23.24 -0.55 0.37
N ILE A 374 22.77 -0.27 1.59
CA ILE A 374 23.24 -0.85 2.83
C ILE A 374 22.02 -1.19 3.63
N SER A 375 21.97 -2.38 4.24
CA SER A 375 20.80 -2.83 4.96
C SER A 375 21.26 -3.58 6.18
N GLN A 376 20.31 -3.93 7.08
CA GLN A 376 20.62 -4.77 8.22
C GLN A 376 20.93 -6.22 7.81
N SER A 377 20.69 -6.59 6.53
CA SER A 377 21.04 -7.88 5.96
C SER A 377 22.36 -7.85 5.20
N GLY A 378 23.06 -6.71 5.14
CA GLY A 378 24.31 -6.61 4.41
C GLY A 378 24.32 -5.47 3.43
N TRP A 379 25.42 -5.36 2.65
CA TRP A 379 25.62 -4.29 1.70
C TRP A 379 25.82 -4.78 0.29
N VAL A 380 25.65 -3.88 -0.69
CA VAL A 380 25.79 -4.22 -2.10
C VAL A 380 26.32 -3.01 -2.85
N ASN A 381 27.29 -3.18 -3.75
CA ASN A 381 27.81 -2.10 -4.60
C ASN A 381 27.57 -2.46 -6.05
N GLU A 382 27.03 -3.66 -6.29
CA GLU A 382 26.67 -4.21 -7.56
C GLU A 382 25.27 -3.77 -8.00
N THR A 383 25.05 -3.61 -9.31
CA THR A 383 23.83 -3.13 -9.97
C THR A 383 22.80 -4.24 -10.11
N SER A 384 21.59 -3.94 -10.67
CA SER A 384 20.44 -4.83 -10.85
C SER A 384 19.28 -4.45 -9.94
N PRO A 385 18.06 -4.22 -10.40
CA PRO A 385 16.93 -3.89 -9.53
C PRO A 385 16.36 -5.11 -8.80
N PHE A 386 16.99 -6.30 -8.82
CA PHE A 386 16.42 -7.48 -8.17
C PHE A 386 17.40 -8.27 -7.31
N THR A 387 16.84 -9.03 -6.35
CA THR A 387 17.51 -9.84 -5.35
C THR A 387 16.65 -11.06 -5.12
N GLU A 388 17.22 -12.18 -4.63
CA GLU A 388 16.54 -13.44 -4.40
C GLU A 388 15.40 -13.33 -3.38
N LYS A 389 15.58 -12.53 -2.32
CA LYS A 389 14.57 -12.33 -1.30
C LYS A 389 14.79 -11.00 -0.58
N TYR A 390 13.77 -10.57 0.19
CA TYR A 390 13.71 -9.30 0.91
C TYR A 390 14.81 -9.08 1.96
N LEU A 391 15.32 -7.84 2.05
CA LEU A 391 16.35 -7.40 2.98
C LEU A 391 15.70 -6.93 4.26
N LEU A 392 16.34 -7.08 5.44
CA LEU A 392 15.75 -6.70 6.71
C LEU A 392 15.34 -5.21 6.81
N PRO A 393 14.21 -4.88 7.46
CA PRO A 393 13.61 -3.54 7.46
C PRO A 393 14.47 -2.28 7.43
N PRO A 394 15.43 -1.92 8.27
CA PRO A 394 16.13 -0.67 8.08
C PRO A 394 17.17 -0.85 6.98
N LYS A 395 17.09 0.00 5.93
CA LYS A 395 17.99 -0.08 4.82
C LYS A 395 18.01 1.28 4.15
N PHE A 396 19.11 1.59 3.48
CA PHE A 396 19.37 2.89 2.90
C PHE A 396 19.95 2.67 1.50
N GLY A 397 19.62 3.54 0.52
CA GLY A 397 20.18 3.52 -0.83
C GLY A 397 19.22 3.07 -1.89
N ARG A 398 19.74 2.57 -3.03
CA ARG A 398 18.91 2.09 -4.14
C ARG A 398 18.62 0.61 -3.93
N CYS A 399 17.49 0.29 -3.30
CA CYS A 399 17.17 -1.06 -2.91
C CYS A 399 16.88 -2.03 -4.08
N PRO A 400 17.32 -3.28 -4.03
CA PRO A 400 16.96 -4.26 -5.03
C PRO A 400 15.68 -4.93 -4.53
N LEU A 401 14.77 -5.37 -5.41
CA LEU A 401 13.49 -5.91 -4.98
C LEU A 401 13.48 -7.42 -5.10
N ALA A 402 12.61 -8.12 -4.33
CA ALA A 402 12.62 -9.56 -4.37
C ALA A 402 11.98 -10.12 -5.64
N ALA A 403 12.63 -11.14 -6.24
CA ALA A 403 12.11 -11.78 -7.43
C ALA A 403 12.70 -13.18 -7.61
N LYS A 404 11.94 -14.07 -8.27
CA LYS A 404 12.39 -15.41 -8.57
C LYS A 404 13.01 -15.48 -9.96
N GLU A 405 14.18 -16.14 -10.12
CA GLU A 405 14.89 -16.29 -11.40
C GLU A 405 14.02 -16.95 -12.46
N GLU A 406 13.19 -17.94 -12.09
CA GLU A 406 12.31 -18.67 -13.00
C GLU A 406 11.28 -17.80 -13.74
N SER A 407 10.94 -16.61 -13.23
CA SER A 407 10.05 -15.67 -13.90
C SER A 407 10.74 -14.52 -14.59
N ILE A 408 12.06 -14.37 -14.45
CA ILE A 408 12.81 -13.32 -15.13
C ILE A 408 12.83 -13.55 -16.65
N PRO A 409 12.54 -12.58 -17.52
CA PRO A 409 12.60 -12.76 -18.97
C PRO A 409 13.92 -13.27 -19.51
N LYS A 410 13.89 -13.97 -20.66
CA LYS A 410 15.08 -14.46 -21.31
C LYS A 410 15.28 -13.74 -22.62
N ILE A 411 16.55 -13.43 -22.90
CA ILE A 411 17.02 -12.66 -24.02
C ILE A 411 17.62 -13.63 -25.04
N PRO A 412 17.28 -13.60 -26.32
CA PRO A 412 17.84 -14.47 -27.36
C PRO A 412 19.34 -14.27 -27.54
N ASP A 413 20.07 -15.33 -27.89
CA ASP A 413 21.50 -15.28 -28.06
C ASP A 413 21.90 -16.31 -29.13
N GLY A 414 23.00 -16.04 -29.85
CA GLY A 414 23.54 -16.92 -30.89
C GLY A 414 23.06 -16.57 -32.28
N LEU A 415 22.34 -17.49 -32.93
CA LEU A 415 21.74 -17.29 -34.24
C LEU A 415 20.26 -16.95 -34.06
N LEU A 416 19.79 -15.82 -34.64
CA LEU A 416 18.40 -15.39 -34.53
C LEU A 416 17.72 -15.42 -35.89
N ILE A 417 16.49 -15.98 -35.98
CA ILE A 417 15.72 -16.07 -37.22
C ILE A 417 14.29 -15.53 -36.99
N PRO A 418 13.83 -14.42 -37.60
CA PRO A 418 12.50 -13.85 -37.42
C PRO A 418 11.35 -14.66 -38.00
N THR A 419 10.22 -14.80 -37.27
CA THR A 419 9.01 -15.36 -37.87
C THR A 419 8.20 -14.16 -38.35
N SER A 420 7.42 -14.35 -39.42
CA SER A 420 6.59 -13.32 -40.01
C SER A 420 5.13 -13.71 -39.81
N GLY A 421 4.32 -13.66 -40.89
CA GLY A 421 2.90 -13.97 -40.96
C GLY A 421 2.52 -15.41 -40.68
N THR A 422 1.35 -15.83 -41.17
CA THR A 422 0.81 -17.17 -40.92
C THR A 422 1.46 -18.24 -41.76
N ASP A 423 2.02 -17.85 -42.93
CA ASP A 423 2.77 -18.65 -43.87
C ASP A 423 4.08 -19.20 -43.27
N THR A 424 4.77 -18.31 -42.53
CA THR A 424 6.07 -18.42 -41.90
C THR A 424 6.59 -19.77 -41.42
N THR A 425 5.83 -20.64 -40.73
CA THR A 425 6.39 -21.92 -40.24
C THR A 425 5.72 -23.13 -40.87
N VAL A 426 6.49 -23.87 -41.69
CA VAL A 426 6.10 -25.10 -42.36
C VAL A 426 6.56 -26.32 -41.58
N THR A 427 5.90 -27.49 -41.79
CA THR A 427 6.26 -28.72 -41.10
C THR A 427 5.88 -29.97 -41.94
N ILE B 4 0.56 -22.89 -53.86
CA ILE B 4 1.52 -23.52 -52.93
C ILE B 4 2.89 -23.65 -53.58
N ASP B 5 3.95 -23.01 -53.04
CA ASP B 5 5.28 -23.09 -53.62
C ASP B 5 5.92 -24.43 -53.23
N ASP B 6 6.91 -24.89 -54.01
CA ASP B 6 7.47 -26.21 -53.88
C ASP B 6 8.57 -26.37 -52.83
N LEU B 7 9.76 -26.88 -53.23
CA LEU B 7 10.88 -27.19 -52.36
C LEU B 7 11.72 -25.98 -52.03
N ILE B 8 11.54 -24.88 -52.79
CA ILE B 8 12.16 -23.61 -52.54
C ILE B 8 11.02 -22.62 -52.36
N ILE B 9 11.01 -21.96 -51.19
CA ILE B 9 9.93 -21.12 -50.73
C ILE B 9 10.55 -19.82 -50.26
N GLY B 10 9.73 -18.75 -50.19
CA GLY B 10 10.12 -17.37 -49.87
C GLY B 10 10.88 -17.08 -48.60
N VAL B 11 11.22 -15.79 -48.42
CA VAL B 11 11.97 -15.25 -47.29
C VAL B 11 11.14 -15.11 -46.03
N LEU B 12 9.80 -15.00 -46.13
CA LEU B 12 8.89 -14.92 -44.99
C LEU B 12 8.90 -16.22 -44.19
N PHE B 13 8.94 -17.34 -44.92
CA PHE B 13 9.08 -18.70 -44.46
C PHE B 13 10.35 -19.03 -43.69
N VAL B 14 10.24 -19.96 -42.75
CA VAL B 14 11.33 -20.55 -42.01
C VAL B 14 10.98 -22.03 -41.87
N ALA B 15 11.90 -22.92 -42.28
CA ALA B 15 11.65 -24.35 -42.27
C ALA B 15 12.50 -25.05 -41.24
N ILE B 16 11.92 -26.07 -40.58
CA ILE B 16 12.63 -26.86 -39.58
C ILE B 16 13.55 -27.84 -40.30
N VAL B 17 14.86 -27.70 -40.10
CA VAL B 17 15.86 -28.56 -40.72
C VAL B 17 16.81 -28.89 -39.59
N GLU B 18 16.27 -29.68 -38.65
CA GLU B 18 16.87 -30.00 -37.38
C GLU B 18 18.23 -30.68 -37.45
N THR B 19 18.43 -31.65 -38.37
CA THR B 19 19.71 -32.35 -38.52
C THR B 19 20.59 -31.80 -39.64
N GLY B 20 20.10 -30.82 -40.42
CA GLY B 20 20.83 -30.29 -41.57
C GLY B 20 21.22 -28.84 -41.51
N ILE B 21 21.40 -28.24 -42.70
CA ILE B 21 21.76 -26.84 -42.88
C ILE B 21 20.71 -25.86 -42.37
N GLY B 22 21.14 -24.92 -41.51
CA GLY B 22 20.28 -23.89 -40.96
C GLY B 22 20.93 -22.55 -41.14
N GLY B 23 20.17 -21.49 -40.83
CA GLY B 23 20.58 -20.10 -40.97
C GLY B 23 19.93 -19.52 -42.19
N TYR B 24 20.71 -18.74 -42.98
CA TYR B 24 20.26 -18.14 -44.21
C TYR B 24 20.97 -18.79 -45.37
N LEU B 25 20.21 -19.28 -46.36
CA LEU B 25 20.77 -19.98 -47.49
C LEU B 25 20.03 -19.65 -48.77
N LEU B 26 20.70 -19.85 -49.92
CA LEU B 26 20.18 -19.61 -51.23
C LEU B 26 19.64 -20.92 -51.77
N GLY B 27 18.30 -21.02 -51.92
CA GLY B 27 17.61 -22.21 -52.42
C GLY B 27 17.26 -22.00 -53.86
N SER B 28 17.89 -22.74 -54.77
CA SER B 28 17.68 -22.55 -56.19
C SER B 28 17.39 -23.82 -56.95
N ARG B 29 16.64 -23.72 -58.06
CA ARG B 29 16.36 -24.81 -58.96
C ARG B 29 15.80 -24.23 -60.24
N LYS B 30 15.77 -25.03 -61.32
CA LYS B 30 15.22 -24.57 -62.58
C LYS B 30 13.70 -24.67 -62.63
N GLU B 31 13.02 -23.75 -63.33
CA GLU B 31 11.57 -23.82 -63.52
C GLU B 31 11.28 -24.92 -64.54
N SER B 32 10.67 -26.04 -64.08
CA SER B 32 10.42 -27.22 -64.91
C SER B 32 11.71 -27.91 -65.38
N GLY B 33 12.69 -28.10 -64.48
CA GLY B 33 13.95 -28.72 -64.87
C GLY B 33 14.77 -29.17 -63.71
N GLY B 34 16.10 -28.91 -63.78
CA GLY B 34 17.11 -29.27 -62.79
C GLY B 34 16.76 -29.05 -61.33
N GLY B 35 17.09 -30.06 -60.50
CA GLY B 35 16.84 -30.15 -59.07
C GLY B 35 17.39 -29.07 -58.17
N VAL B 36 16.92 -29.11 -56.91
CA VAL B 36 17.28 -28.18 -55.85
C VAL B 36 18.75 -28.16 -55.44
N THR B 37 19.30 -26.94 -55.40
CA THR B 37 20.64 -26.65 -54.95
C THR B 37 20.49 -25.67 -53.80
N LYS B 38 21.15 -25.94 -52.66
CA LYS B 38 21.10 -25.12 -51.48
C LYS B 38 22.53 -24.81 -51.08
N GLU B 39 22.84 -23.53 -50.80
CA GLU B 39 24.20 -23.12 -50.51
C GLU B 39 24.12 -21.83 -49.72
N SER B 40 25.11 -21.61 -48.84
CA SER B 40 25.11 -20.56 -47.82
C SER B 40 25.00 -19.13 -48.33
N ALA B 41 24.26 -18.30 -47.57
CA ALA B 41 24.08 -16.91 -47.89
C ALA B 41 25.02 -15.99 -47.11
N GLU B 42 26.09 -16.51 -46.47
CA GLU B 42 27.11 -15.77 -45.71
C GLU B 42 27.73 -14.50 -46.32
N LYS B 43 27.46 -14.19 -47.59
CA LYS B 43 27.92 -12.98 -48.24
C LYS B 43 26.89 -11.88 -48.12
N GLY B 44 25.60 -12.28 -48.02
CA GLY B 44 24.48 -11.41 -47.71
C GLY B 44 24.40 -11.17 -46.23
N PHE B 45 24.71 -12.22 -45.45
CA PHE B 45 24.66 -12.21 -43.99
C PHE B 45 25.43 -11.07 -43.33
N GLU B 46 26.62 -10.67 -43.84
CA GLU B 46 27.36 -9.49 -43.43
C GLU B 46 26.54 -8.21 -43.18
N LYS B 47 25.41 -8.05 -43.89
CA LYS B 47 24.42 -7.02 -43.69
C LYS B 47 23.50 -7.39 -42.54
N ILE B 48 22.71 -8.48 -42.67
CA ILE B 48 21.82 -9.05 -41.66
C ILE B 48 22.43 -9.07 -40.26
N GLY B 49 23.62 -9.68 -40.14
CA GLY B 49 24.49 -9.76 -38.98
C GLY B 49 24.79 -8.42 -38.35
N ASN B 50 25.15 -7.43 -39.19
CA ASN B 50 25.43 -6.08 -38.76
C ASN B 50 24.20 -5.37 -38.21
N ASP B 51 23.04 -5.52 -38.87
CA ASP B 51 21.75 -5.04 -38.40
C ASP B 51 21.34 -5.72 -37.09
N ILE B 52 21.58 -7.04 -36.95
CA ILE B 52 21.39 -7.78 -35.70
C ILE B 52 22.19 -7.18 -34.55
N GLN B 53 23.42 -6.70 -34.80
CA GLN B 53 24.21 -5.96 -33.83
C GLN B 53 23.53 -4.65 -33.43
N ILE B 54 23.11 -3.81 -34.40
CA ILE B 54 22.28 -2.62 -34.17
C ILE B 54 21.01 -2.89 -33.33
N LEU B 55 20.29 -3.99 -33.64
CA LEU B 55 19.15 -4.49 -32.89
C LEU B 55 19.53 -4.83 -31.45
N LYS B 56 20.60 -5.63 -31.25
CA LYS B 56 21.18 -5.91 -29.95
C LYS B 56 21.59 -4.68 -29.14
N SER B 57 22.08 -3.61 -29.82
CA SER B 57 22.37 -2.31 -29.20
C SER B 57 21.12 -1.71 -28.58
N SER B 58 19.99 -1.77 -29.32
CA SER B 58 18.67 -1.37 -28.84
C SER B 58 18.29 -2.11 -27.57
N ILE B 59 18.29 -3.46 -27.63
CA ILE B 59 18.13 -4.36 -26.47
C ILE B 59 18.90 -3.94 -25.21
N ASN B 60 20.26 -3.87 -25.29
CA ASN B 60 21.17 -3.38 -24.25
C ASN B 60 20.71 -2.12 -23.54
N ILE B 61 20.42 -1.07 -24.34
CA ILE B 61 19.83 0.20 -23.97
C ILE B 61 18.56 0.01 -23.17
N ALA B 62 17.52 -0.60 -23.78
CA ALA B 62 16.25 -0.92 -23.15
C ALA B 62 16.37 -1.68 -21.82
N ILE B 63 17.34 -2.63 -21.70
CA ILE B 63 17.64 -3.31 -20.44
C ILE B 63 18.25 -2.36 -19.42
N GLU B 64 19.26 -1.55 -19.81
CA GLU B 64 19.82 -0.50 -18.96
C GLU B 64 18.79 0.49 -18.46
N LYS B 65 17.86 0.93 -19.34
CA LYS B 65 16.72 1.75 -19.00
C LYS B 65 15.78 1.18 -17.93
N LEU B 66 15.82 -0.14 -17.67
CA LEU B 66 15.03 -0.78 -16.62
C LEU B 66 15.86 -1.04 -15.37
N ASN B 67 17.18 -0.78 -15.40
CA ASN B 67 18.05 -0.92 -14.24
C ASN B 67 17.91 0.34 -13.36
N ASP B 68 18.09 0.20 -12.03
CA ASP B 68 18.03 1.28 -11.05
C ASP B 68 16.82 2.22 -11.13
N ARG B 69 15.61 1.70 -11.42
CA ARG B 69 14.41 2.53 -11.46
C ARG B 69 13.93 3.12 -10.15
N ILE B 70 13.81 2.31 -9.08
CA ILE B 70 13.29 2.72 -7.79
C ILE B 70 14.17 3.75 -7.06
N SER B 71 13.53 4.76 -6.43
CA SER B 71 14.15 5.84 -5.68
C SER B 71 15.08 5.43 -4.54
N HIS B 72 16.06 6.30 -4.20
CA HIS B 72 16.97 6.09 -3.08
C HIS B 72 16.27 6.22 -1.72
N ASP B 73 16.14 5.10 -0.98
CA ASP B 73 15.50 5.06 0.32
C ASP B 73 16.49 5.39 1.46
N GLU B 74 15.97 5.64 2.67
CA GLU B 74 16.71 5.88 3.90
C GLU B 74 15.82 5.46 5.07
N GLN B 75 15.20 4.25 4.98
CA GLN B 75 14.33 3.69 5.99
C GLN B 75 14.96 3.47 7.36
N ALA B 76 14.52 4.27 8.36
CA ALA B 76 14.98 4.13 9.73
C ALA B 76 14.09 3.25 10.60
N ILE B 77 12.77 3.16 10.29
CA ILE B 77 11.82 2.35 11.04
C ILE B 77 12.07 0.85 10.91
N ARG B 78 11.77 0.07 11.96
CA ARG B 78 12.04 -1.35 11.99
C ARG B 78 10.84 -2.20 11.56
N ASP B 79 9.68 -1.57 11.34
CA ASP B 79 8.44 -2.21 10.90
C ASP B 79 8.53 -2.80 9.47
N LEU B 80 7.80 -3.91 9.22
CA LEU B 80 7.83 -4.68 7.98
C LEU B 80 7.00 -4.08 6.84
N THR B 81 7.47 -4.21 5.57
CA THR B 81 6.76 -3.69 4.40
C THR B 81 6.60 -4.76 3.33
N LEU B 82 6.84 -6.04 3.67
CA LEU B 82 6.79 -7.19 2.78
C LEU B 82 5.57 -7.32 1.89
N GLU B 83 4.35 -7.12 2.43
CA GLU B 83 3.08 -7.10 1.72
C GLU B 83 3.02 -6.05 0.61
N ILE B 84 3.78 -4.96 0.77
CA ILE B 84 3.92 -3.84 -0.14
C ILE B 84 4.95 -4.25 -1.18
N GLU B 85 6.17 -4.67 -0.76
CA GLU B 85 7.21 -5.19 -1.65
C GLU B 85 6.68 -6.28 -2.61
N ASN B 86 5.87 -7.22 -2.08
CA ASN B 86 5.18 -8.27 -2.82
C ASN B 86 4.28 -7.73 -3.93
N ALA B 87 3.33 -6.84 -3.57
CA ALA B 87 2.43 -6.21 -4.51
C ALA B 87 3.10 -5.38 -5.60
N ARG B 88 4.22 -4.69 -5.25
CA ARG B 88 5.05 -3.98 -6.22
C ARG B 88 5.79 -4.94 -7.15
N SER B 89 6.32 -6.06 -6.61
CA SER B 89 7.03 -7.07 -7.38
C SER B 89 6.11 -7.75 -8.39
N GLU B 90 4.91 -8.18 -7.95
CA GLU B 90 3.88 -8.74 -8.83
C GLU B 90 3.48 -7.85 -10.01
N ALA B 91 3.41 -6.52 -9.80
CA ALA B 91 3.12 -5.52 -10.81
C ALA B 91 4.26 -5.36 -11.80
N LEU B 92 5.49 -5.05 -11.30
CA LEU B 92 6.71 -4.94 -12.07
C LEU B 92 7.05 -6.19 -12.88
N LEU B 93 6.70 -7.39 -12.35
CA LEU B 93 6.82 -8.66 -13.03
C LEU B 93 5.89 -8.69 -14.24
N GLY B 94 4.61 -8.28 -14.06
CA GLY B 94 3.65 -8.09 -15.14
C GLY B 94 4.16 -7.19 -16.25
N GLU B 95 4.70 -5.98 -15.90
CA GLU B 95 5.33 -5.05 -16.84
C GLU B 95 6.43 -5.69 -17.69
N LEU B 96 7.31 -6.47 -17.03
CA LEU B 96 8.40 -7.20 -17.66
C LEU B 96 7.92 -8.22 -18.70
N GLY B 97 6.83 -8.95 -18.38
CA GLY B 97 6.15 -9.83 -19.32
C GLY B 97 5.74 -9.18 -20.63
N ILE B 98 4.95 -8.09 -20.53
CA ILE B 98 4.48 -7.27 -21.65
C ILE B 98 5.60 -6.74 -22.54
N ILE B 99 6.57 -6.00 -21.96
CA ILE B 99 7.68 -5.39 -22.68
C ILE B 99 8.62 -6.42 -23.32
N ARG B 100 8.58 -7.68 -22.85
CA ARG B 100 9.30 -8.77 -23.44
C ARG B 100 8.64 -9.16 -24.75
N ALA B 101 7.33 -9.48 -24.75
CA ALA B 101 6.58 -9.74 -25.98
C ALA B 101 6.65 -8.62 -27.04
N LEU B 102 6.46 -7.35 -26.60
CA LEU B 102 6.66 -6.14 -27.41
C LEU B 102 8.03 -6.01 -28.05
N LEU B 103 9.09 -6.33 -27.28
CA LEU B 103 10.46 -6.26 -27.74
C LEU B 103 10.73 -7.31 -28.77
N VAL B 104 10.29 -8.57 -28.53
CA VAL B 104 10.45 -9.68 -29.45
C VAL B 104 9.86 -9.40 -30.82
N GLY B 105 8.60 -8.91 -30.88
CA GLY B 105 7.99 -8.47 -32.14
C GLY B 105 8.73 -7.37 -32.86
N ASN B 106 9.08 -6.27 -32.15
CA ASN B 106 9.82 -5.13 -32.69
C ASN B 106 11.17 -5.53 -33.28
N ILE B 107 11.92 -6.37 -32.55
CA ILE B 107 13.17 -6.97 -33.01
C ILE B 107 12.93 -7.80 -34.27
N SER B 108 12.03 -8.82 -34.20
CA SER B 108 11.57 -9.64 -35.34
C SER B 108 11.29 -8.84 -36.62
N ILE B 109 10.34 -7.89 -36.55
CA ILE B 109 9.99 -6.93 -37.59
C ILE B 109 11.19 -6.22 -38.20
N GLY B 110 12.03 -5.55 -37.36
CA GLY B 110 13.23 -4.86 -37.82
C GLY B 110 14.25 -5.77 -38.47
N LEU B 111 14.33 -7.03 -38.01
CA LEU B 111 15.16 -8.07 -38.61
C LEU B 111 14.66 -8.41 -40.00
N GLN B 112 13.34 -8.67 -40.16
CA GLN B 112 12.68 -8.92 -41.44
C GLN B 112 12.91 -7.80 -42.47
N GLU B 113 12.74 -6.53 -42.05
CA GLU B 113 13.08 -5.34 -42.83
C GLU B 113 14.54 -5.27 -43.32
N SER B 114 15.48 -6.01 -42.69
CA SER B 114 16.89 -6.03 -43.08
C SER B 114 17.08 -7.05 -44.20
N LEU B 115 16.14 -8.01 -44.31
CA LEU B 115 16.09 -8.96 -45.40
C LEU B 115 15.52 -8.28 -46.63
N TRP B 116 14.63 -7.28 -46.44
CA TRP B 116 14.13 -6.46 -47.53
C TRP B 116 15.17 -5.52 -48.14
N GLU B 117 16.25 -5.16 -47.39
CA GLU B 117 17.40 -4.45 -47.95
C GLU B 117 18.21 -5.31 -48.91
N LEU B 118 18.24 -6.65 -48.71
CA LEU B 118 18.94 -7.56 -49.60
C LEU B 118 18.25 -7.65 -50.95
N ALA B 119 16.92 -7.93 -50.95
CA ALA B 119 16.03 -7.89 -52.11
C ALA B 119 16.30 -6.70 -53.02
N SER B 120 16.02 -5.48 -52.51
CA SER B 120 16.35 -4.18 -53.08
C SER B 120 17.73 -4.07 -53.73
N GLU B 121 18.81 -4.43 -52.99
CA GLU B 121 20.18 -4.44 -53.48
C GLU B 121 20.44 -5.43 -54.60
N ILE B 122 19.94 -6.66 -54.48
CA ILE B 122 20.06 -7.70 -55.50
C ILE B 122 19.29 -7.34 -56.76
N THR B 123 18.03 -6.86 -56.62
CA THR B 123 17.21 -6.31 -57.70
C THR B 123 17.87 -5.14 -58.42
N ASN B 124 18.46 -4.21 -57.64
CA ASN B 124 19.23 -3.08 -58.11
C ASN B 124 20.47 -3.46 -58.92
N ARG B 125 21.19 -4.54 -58.52
CA ARG B 125 22.37 -5.03 -59.20
C ARG B 125 22.23 -5.40 -60.68
N ALA B 126 21.10 -6.02 -61.09
CA ALA B 126 20.86 -6.31 -62.48
C ALA B 126 19.39 -6.13 -62.83
N GLY B 127 19.09 -5.45 -63.96
CA GLY B 127 17.72 -5.21 -64.45
C GLY B 127 16.89 -6.46 -64.67
N ASP B 128 17.52 -7.53 -65.16
CA ASP B 128 16.89 -8.81 -65.43
C ASP B 128 16.48 -9.55 -64.15
N LEU B 129 16.96 -9.09 -62.97
CA LEU B 129 16.61 -9.64 -61.67
C LEU B 129 15.24 -9.14 -61.19
N ALA B 130 14.66 -8.10 -61.83
CA ALA B 130 13.36 -7.58 -61.46
C ALA B 130 12.21 -8.39 -62.08
N VAL B 131 11.54 -9.21 -61.26
CA VAL B 131 10.43 -10.04 -61.72
C VAL B 131 9.53 -10.41 -60.55
N GLU B 132 8.22 -10.59 -60.81
CA GLU B 132 7.21 -10.95 -59.83
C GLU B 132 7.21 -12.49 -59.69
N VAL B 133 7.64 -13.03 -58.52
CA VAL B 133 7.72 -14.48 -58.33
C VAL B 133 7.04 -14.95 -57.07
N SER B 134 7.70 -14.86 -55.90
CA SER B 134 7.17 -15.33 -54.62
C SER B 134 7.89 -14.47 -53.60
N PRO B 135 7.39 -14.11 -52.41
CA PRO B 135 8.07 -13.20 -51.49
C PRO B 135 9.49 -13.58 -51.09
N GLY B 136 10.52 -12.94 -51.66
CA GLY B 136 11.92 -13.27 -51.38
C GLY B 136 12.49 -14.28 -52.33
N CYS B 137 11.82 -14.50 -53.46
CA CYS B 137 12.28 -15.34 -54.54
C CYS B 137 12.29 -14.52 -55.81
N TRP B 138 13.19 -14.87 -56.73
CA TRP B 138 13.35 -14.19 -57.99
C TRP B 138 13.67 -15.23 -59.04
N ILE B 139 13.51 -14.89 -60.33
CA ILE B 139 13.77 -15.78 -61.43
C ILE B 139 14.75 -15.08 -62.34
N ILE B 140 15.77 -15.78 -62.83
CA ILE B 140 16.78 -15.22 -63.70
C ILE B 140 17.03 -16.24 -64.80
N ASP B 141 17.64 -15.84 -65.93
CA ASP B 141 17.89 -16.73 -67.03
C ASP B 141 19.38 -17.08 -67.13
N ASN B 142 19.69 -18.39 -67.18
CA ASN B 142 21.05 -18.88 -67.21
C ASN B 142 21.72 -18.71 -68.58
N ASN B 143 20.94 -18.41 -69.66
CA ASN B 143 21.53 -18.08 -70.96
C ASN B 143 22.21 -16.71 -70.89
N ILE B 144 21.46 -15.75 -70.29
CA ILE B 144 21.82 -14.36 -70.11
C ILE B 144 22.93 -14.15 -69.09
N CYS B 145 22.83 -14.79 -67.90
CA CYS B 145 23.80 -14.61 -66.85
C CYS B 145 24.43 -15.90 -66.38
N ASP B 146 25.78 -15.94 -66.38
CA ASP B 146 26.61 -17.05 -65.98
C ASP B 146 26.90 -16.98 -64.48
N GLN B 147 27.76 -17.92 -64.01
CA GLN B 147 28.33 -17.92 -62.68
C GLN B 147 28.89 -16.57 -62.25
N SER B 148 29.82 -15.98 -63.03
CA SER B 148 30.39 -14.63 -62.87
C SER B 148 29.43 -13.57 -62.36
N CYS B 149 28.45 -13.19 -63.20
CA CYS B 149 27.45 -12.21 -62.83
C CYS B 149 26.53 -12.66 -61.72
N GLN B 150 26.12 -13.95 -61.64
CA GLN B 150 25.37 -14.51 -60.53
C GLN B 150 26.04 -14.33 -59.18
N ASN B 151 27.34 -14.66 -59.17
CA ASN B 151 28.30 -14.55 -58.09
C ASN B 151 28.43 -13.10 -57.65
N PHE B 152 28.46 -12.16 -58.61
CA PHE B 152 28.32 -10.75 -58.32
C PHE B 152 26.96 -10.38 -57.71
N ILE B 153 25.86 -10.60 -58.47
CA ILE B 153 24.48 -10.29 -58.15
C ILE B 153 24.00 -10.64 -56.74
N PHE B 154 24.10 -11.93 -56.33
CA PHE B 154 23.61 -12.34 -55.02
C PHE B 154 24.63 -13.02 -54.12
N LYS B 155 25.91 -13.16 -54.54
CA LYS B 155 26.93 -13.72 -53.66
C LYS B 155 28.00 -12.68 -53.38
N PHE B 156 27.78 -11.42 -53.82
CA PHE B 156 28.57 -10.24 -53.50
C PHE B 156 30.07 -10.39 -53.74
N ASN B 157 30.45 -10.93 -54.91
CA ASN B 157 31.84 -11.21 -55.24
C ASN B 157 32.32 -10.38 -56.41
N GLU B 158 31.49 -9.43 -56.88
CA GLU B 158 31.75 -8.43 -57.90
C GLU B 158 32.36 -8.87 -59.24
N THR B 159 32.38 -10.19 -59.53
CA THR B 159 32.88 -10.78 -60.77
C THR B 159 32.03 -10.43 -61.98
N ALA B 160 32.67 -10.00 -63.09
CA ALA B 160 32.11 -9.68 -64.41
C ALA B 160 30.58 -9.50 -64.59
N PRO B 161 30.03 -8.29 -64.44
CA PRO B 161 28.60 -8.00 -64.63
C PRO B 161 27.98 -8.42 -65.98
N VAL B 162 26.67 -8.72 -65.95
CA VAL B 162 25.87 -9.25 -67.06
C VAL B 162 25.84 -8.39 -68.36
N PRO B 163 26.10 -8.94 -69.55
CA PRO B 163 26.05 -8.18 -70.80
C PRO B 163 24.73 -8.42 -71.55
N THR B 164 24.09 -7.34 -72.04
CA THR B 164 22.81 -7.42 -72.73
C THR B 164 22.88 -7.43 -74.26
N ILE B 165 24.06 -7.26 -74.87
CA ILE B 165 24.21 -7.27 -76.32
C ILE B 165 25.70 -7.54 -76.65
N GLU C 1 -11.04 -11.37 -73.11
CA GLU C 1 -10.98 -9.94 -72.80
C GLU C 1 -10.56 -9.76 -71.35
N LYS C 2 -9.98 -8.61 -70.97
CA LYS C 2 -9.50 -8.40 -69.62
C LYS C 2 -10.60 -8.19 -68.60
N ILE C 3 -10.63 -9.03 -67.56
CA ILE C 3 -11.58 -8.96 -66.48
C ILE C 3 -10.81 -8.82 -65.20
N LYS C 4 -11.26 -7.92 -64.30
CA LYS C 4 -10.60 -7.63 -63.04
C LYS C 4 -11.39 -8.29 -61.94
N ILE C 5 -10.70 -9.02 -61.06
CA ILE C 5 -11.26 -9.77 -59.96
C ILE C 5 -10.65 -9.22 -58.69
N CYS C 6 -11.45 -8.99 -57.64
CA CYS C 6 -10.96 -8.49 -56.37
C CYS C 6 -11.53 -9.33 -55.25
N LEU C 7 -10.70 -9.67 -54.24
CA LEU C 7 -11.16 -10.31 -53.03
C LEU C 7 -11.67 -9.25 -52.07
N GLN C 8 -13.00 -9.07 -51.99
CA GLN C 8 -13.61 -8.02 -51.21
C GLN C 8 -14.06 -8.47 -49.84
N LYS C 9 -13.94 -7.58 -48.86
CA LYS C 9 -14.45 -7.79 -47.52
C LYS C 9 -15.59 -6.80 -47.35
N GLN C 10 -16.74 -7.25 -46.84
CA GLN C 10 -17.89 -6.37 -46.67
C GLN C 10 -18.52 -6.68 -45.33
N VAL C 11 -18.90 -5.64 -44.57
CA VAL C 11 -19.44 -5.83 -43.24
C VAL C 11 -20.90 -5.42 -43.23
N ASN C 12 -21.73 -6.28 -42.63
CA ASN C 12 -23.16 -6.32 -42.81
C ASN C 12 -23.89 -6.44 -41.50
N SER C 13 -25.14 -5.93 -41.41
CA SER C 13 -26.04 -6.12 -40.28
C SER C 13 -25.48 -5.67 -38.94
N SER C 14 -25.35 -6.58 -37.95
CA SER C 14 -24.79 -6.25 -36.65
C SER C 14 -23.29 -6.38 -36.66
N PHE C 15 -22.56 -5.30 -36.29
CA PHE C 15 -21.13 -5.36 -36.19
C PHE C 15 -20.59 -4.36 -35.17
N SER C 16 -19.50 -4.76 -34.48
CA SER C 16 -18.80 -3.99 -33.48
C SER C 16 -17.38 -3.78 -33.94
N LEU C 17 -16.81 -2.58 -33.71
CA LEU C 17 -15.50 -2.20 -34.18
C LEU C 17 -14.55 -2.09 -33.00
N HIS C 18 -13.78 -3.16 -32.78
CA HIS C 18 -12.85 -3.29 -31.68
C HIS C 18 -11.57 -2.54 -32.02
N ASN C 19 -11.18 -1.57 -31.18
CA ASN C 19 -10.03 -0.71 -31.41
C ASN C 19 -8.73 -1.31 -30.88
N GLY C 20 -7.62 -1.18 -31.64
CA GLY C 20 -6.32 -1.71 -31.27
C GLY C 20 -5.16 -0.81 -31.59
N PHE C 21 -3.96 -1.40 -31.60
CA PHE C 21 -2.71 -0.78 -32.00
C PHE C 21 -2.26 -1.66 -33.15
N GLY C 22 -1.92 -1.10 -34.32
CA GLY C 22 -1.57 -1.93 -35.48
C GLY C 22 -2.80 -2.46 -36.17
N GLY C 23 -3.84 -1.62 -36.29
CA GLY C 23 -5.10 -1.98 -36.91
C GLY C 23 -6.19 -2.27 -35.91
N ASN C 24 -7.45 -2.14 -36.37
CA ASN C 24 -8.62 -2.38 -35.57
C ASN C 24 -9.25 -3.68 -36.08
N LEU C 25 -10.42 -4.06 -35.56
CA LEU C 25 -11.03 -5.31 -35.97
C LEU C 25 -12.54 -5.18 -35.92
N TYR C 26 -13.25 -5.68 -36.95
CA TYR C 26 -14.69 -5.74 -36.93
C TYR C 26 -15.10 -7.13 -36.53
N ALA C 27 -16.21 -7.27 -35.78
CA ALA C 27 -16.73 -8.55 -35.43
C ALA C 27 -18.23 -8.42 -35.38
N THR C 28 -19.00 -9.50 -35.63
CA THR C 28 -20.44 -9.38 -35.68
C THR C 28 -21.09 -9.48 -34.32
N GLU C 29 -20.47 -10.22 -33.38
CA GLU C 29 -20.98 -10.34 -32.04
C GLU C 29 -19.80 -10.16 -31.10
N GLU C 30 -20.05 -10.04 -29.78
CA GLU C 30 -19.00 -9.82 -28.81
C GLU C 30 -19.48 -10.28 -27.44
N LYS C 31 -18.58 -10.75 -26.58
CA LYS C 31 -18.92 -11.25 -25.25
C LYS C 31 -17.85 -10.95 -24.22
N ARG C 32 -18.13 -11.06 -22.91
CA ARG C 32 -17.18 -10.65 -21.88
C ARG C 32 -15.99 -11.59 -21.69
N MET C 33 -14.78 -11.02 -21.44
CA MET C 33 -13.55 -11.75 -21.20
C MET C 33 -13.54 -12.69 -20.00
N PHE C 34 -14.09 -12.24 -18.85
CA PHE C 34 -14.18 -13.02 -17.64
C PHE C 34 -15.54 -12.86 -17.02
N GLU C 35 -16.10 -13.97 -16.52
CA GLU C 35 -17.37 -14.00 -15.83
C GLU C 35 -17.08 -13.78 -14.34
N LEU C 36 -17.77 -12.85 -13.66
CA LEU C 36 -17.56 -12.58 -12.25
C LEU C 36 -17.98 -13.76 -11.37
N VAL C 37 -17.10 -14.22 -10.48
CA VAL C 37 -17.38 -15.34 -9.60
C VAL C 37 -18.16 -14.88 -8.37
N LYS C 38 -18.92 -15.79 -7.76
CA LYS C 38 -19.79 -15.50 -6.64
C LYS C 38 -19.37 -16.25 -5.37
N PRO C 39 -19.40 -15.64 -4.17
CA PRO C 39 -19.08 -16.34 -2.94
C PRO C 39 -20.34 -17.00 -2.39
N LYS C 40 -20.43 -18.32 -2.54
CA LYS C 40 -21.53 -19.12 -2.08
C LYS C 40 -21.62 -19.24 -0.57
N ALA C 41 -22.84 -19.09 -0.02
CA ALA C 41 -23.10 -19.23 1.40
C ALA C 41 -22.81 -20.63 1.95
N GLY C 42 -22.43 -20.71 3.24
CA GLY C 42 -22.12 -21.97 3.89
C GLY C 42 -20.66 -22.14 4.16
N ALA C 43 -20.27 -23.38 4.48
CA ALA C 43 -18.92 -23.72 4.85
C ALA C 43 -18.37 -24.74 3.88
N SER C 44 -17.08 -24.65 3.52
CA SER C 44 -16.41 -25.56 2.61
C SER C 44 -14.94 -25.50 2.97
N VAL C 45 -14.09 -26.31 2.32
CA VAL C 45 -12.69 -26.43 2.67
C VAL C 45 -11.81 -26.40 1.44
N LEU C 46 -10.55 -25.98 1.61
CA LEU C 46 -9.51 -26.07 0.60
C LEU C 46 -8.85 -27.44 0.71
N ASN C 47 -8.31 -27.99 -0.40
CA ASN C 47 -7.58 -29.25 -0.47
C ASN C 47 -8.28 -30.56 -0.06
N GLN C 48 -9.49 -30.48 0.55
CA GLN C 48 -10.40 -31.55 0.93
C GLN C 48 -9.75 -32.81 1.54
N SER C 49 -8.67 -32.64 2.34
CA SER C 49 -7.98 -33.77 2.95
C SER C 49 -7.08 -33.38 4.12
N THR C 50 -6.79 -32.09 4.29
CA THR C 50 -5.97 -31.54 5.37
C THR C 50 -6.80 -30.87 6.44
N TRP C 51 -8.06 -31.32 6.62
CA TRP C 51 -8.99 -30.73 7.56
C TRP C 51 -9.54 -31.77 8.52
N ILE C 52 -9.99 -31.30 9.70
CA ILE C 52 -10.47 -32.15 10.78
C ILE C 52 -11.58 -31.39 11.48
N GLY C 53 -12.58 -32.08 12.04
CA GLY C 53 -13.68 -31.44 12.75
C GLY C 53 -13.88 -32.00 14.13
N PHE C 54 -14.43 -31.20 15.05
CA PHE C 54 -14.78 -31.60 16.40
C PHE C 54 -16.29 -31.50 16.54
N GLY C 55 -16.93 -32.65 16.85
CA GLY C 55 -18.38 -32.80 16.81
C GLY C 55 -19.12 -33.04 18.10
N ASP C 56 -20.43 -33.24 17.93
CA ASP C 56 -21.46 -33.37 18.91
C ASP C 56 -22.35 -34.57 18.56
N SER C 57 -23.68 -34.47 18.83
CA SER C 57 -24.71 -35.45 18.51
C SER C 57 -25.22 -35.40 17.08
N ARG C 58 -25.04 -34.25 16.40
CA ARG C 58 -25.59 -33.98 15.09
C ARG C 58 -24.57 -34.26 14.01
N THR C 59 -23.37 -34.65 14.46
CA THR C 59 -22.25 -35.06 13.63
C THR C 59 -21.80 -36.48 13.96
N ASP C 60 -22.48 -37.18 14.91
CA ASP C 60 -22.12 -38.52 15.34
C ASP C 60 -22.61 -39.64 14.41
N LYS C 61 -21.68 -40.44 13.85
CA LYS C 61 -21.97 -41.52 12.92
C LYS C 61 -22.63 -42.75 13.55
N SER C 62 -22.57 -42.86 14.89
CA SER C 62 -23.10 -43.98 15.67
C SER C 62 -24.47 -43.66 16.22
N ASN C 63 -24.98 -42.44 15.97
CA ASN C 63 -26.33 -42.05 16.32
C ASN C 63 -27.31 -42.91 15.52
N SER C 64 -28.27 -43.57 16.19
CA SER C 64 -29.23 -44.48 15.57
C SER C 64 -30.09 -43.82 14.51
N ALA C 65 -30.43 -42.54 14.71
CA ALA C 65 -31.27 -41.80 13.81
C ALA C 65 -30.46 -40.83 12.95
N PHE C 66 -29.15 -41.14 12.68
CA PHE C 66 -28.19 -40.26 11.99
C PHE C 66 -28.72 -39.42 10.81
N PRO C 67 -28.98 -39.92 9.57
CA PRO C 67 -29.45 -39.13 8.42
C PRO C 67 -30.41 -37.98 8.70
N ARG C 68 -31.51 -38.27 9.43
CA ARG C 68 -32.51 -37.35 9.95
C ARG C 68 -31.90 -36.30 10.87
N SER C 69 -31.33 -36.77 11.99
CA SER C 69 -30.64 -36.04 13.05
C SER C 69 -29.48 -35.16 12.65
N ALA C 70 -28.84 -35.48 11.52
CA ALA C 70 -27.62 -34.86 11.09
C ALA C 70 -27.80 -33.51 10.43
N ASP C 71 -26.92 -32.56 10.78
CA ASP C 71 -26.86 -31.25 10.17
C ASP C 71 -25.79 -31.25 9.06
N VAL C 72 -25.18 -32.42 8.82
CA VAL C 72 -24.13 -32.66 7.86
C VAL C 72 -24.41 -33.94 7.09
N SER C 73 -23.68 -34.20 5.98
CA SER C 73 -23.74 -35.45 5.24
C SER C 73 -22.91 -36.52 5.92
N ALA C 74 -22.97 -37.78 5.46
CA ALA C 74 -22.18 -38.87 6.00
C ALA C 74 -20.71 -38.68 5.61
N LYS C 75 -20.47 -38.42 4.30
CA LYS C 75 -19.22 -37.98 3.70
C LYS C 75 -18.48 -36.92 4.51
N THR C 76 -19.17 -35.82 4.86
CA THR C 76 -18.68 -34.75 5.72
C THR C 76 -18.37 -35.19 7.14
N ALA C 77 -19.35 -35.85 7.81
CA ALA C 77 -19.27 -36.36 9.18
C ALA C 77 -18.06 -37.25 9.49
N ASP C 78 -17.57 -38.03 8.50
CA ASP C 78 -16.39 -38.87 8.62
C ASP C 78 -15.11 -38.12 9.02
N LYS C 79 -14.96 -36.84 8.65
CA LYS C 79 -13.80 -36.04 9.01
C LYS C 79 -13.93 -35.44 10.42
N PHE C 80 -15.02 -35.73 11.14
CA PHE C 80 -15.28 -35.25 12.48
C PHE C 80 -14.87 -36.22 13.58
N ARG C 81 -14.60 -35.65 14.75
CA ARG C 81 -14.26 -36.36 15.96
C ARG C 81 -15.37 -35.94 16.90
N PHE C 82 -16.41 -36.79 16.89
CA PHE C 82 -17.71 -36.58 17.46
C PHE C 82 -18.01 -37.51 18.61
N LEU C 83 -19.19 -37.31 19.23
CA LEU C 83 -19.72 -38.09 20.31
C LEU C 83 -20.99 -37.41 20.78
N SER C 84 -22.13 -38.13 20.74
CA SER C 84 -23.43 -37.64 21.13
C SER C 84 -23.50 -37.16 22.57
N GLY C 85 -24.02 -35.93 22.75
CA GLY C 85 -24.11 -35.27 24.05
C GLY C 85 -22.83 -34.57 24.45
N GLY C 86 -21.76 -34.74 23.64
CA GLY C 86 -20.42 -34.20 23.84
C GLY C 86 -20.25 -32.70 23.82
N SER C 87 -19.03 -32.26 24.15
CA SER C 87 -18.63 -30.87 24.21
C SER C 87 -17.23 -30.80 24.74
N LEU C 88 -16.38 -29.94 24.14
CA LEU C 88 -15.01 -29.66 24.57
C LEU C 88 -14.97 -29.17 26.00
N MET C 89 -15.89 -28.24 26.35
CA MET C 89 -16.03 -27.71 27.68
C MET C 89 -16.42 -28.80 28.68
N LEU C 90 -17.30 -29.76 28.30
CA LEU C 90 -17.64 -30.87 29.19
C LEU C 90 -16.47 -31.79 29.46
N SER C 91 -15.59 -32.05 28.48
CA SER C 91 -14.39 -32.84 28.72
C SER C 91 -13.29 -32.07 29.41
N MET C 92 -13.22 -30.73 29.20
CA MET C 92 -12.26 -29.86 29.85
C MET C 92 -12.41 -29.78 31.35
N PHE C 93 -13.64 -29.60 31.85
CA PHE C 93 -13.85 -29.41 33.27
C PHE C 93 -14.43 -30.63 33.94
N GLY C 94 -14.93 -31.61 33.15
CA GLY C 94 -15.51 -32.87 33.62
C GLY C 94 -16.54 -32.78 34.73
N PRO C 95 -17.63 -32.00 34.64
CA PRO C 95 -18.61 -31.90 35.71
C PRO C 95 -19.34 -33.22 35.96
N PRO C 96 -19.64 -33.65 37.19
CA PRO C 96 -20.32 -34.91 37.46
C PRO C 96 -21.73 -34.96 36.86
N GLY C 97 -22.15 -36.15 36.38
CA GLY C 97 -23.48 -36.31 35.78
C GLY C 97 -23.57 -35.76 34.37
N LYS C 98 -22.47 -35.85 33.61
CA LYS C 98 -22.36 -35.40 32.24
C LYS C 98 -21.31 -36.25 31.55
N VAL C 99 -21.38 -36.37 30.20
CA VAL C 99 -20.46 -37.17 29.40
C VAL C 99 -19.01 -36.70 29.43
N ASP C 100 -18.08 -37.66 29.30
CA ASP C 100 -16.65 -37.46 29.36
C ASP C 100 -16.08 -38.07 28.08
N TYR C 101 -15.10 -37.42 27.43
CA TYR C 101 -14.59 -37.88 26.15
C TYR C 101 -13.21 -37.28 25.89
N LEU C 102 -12.46 -37.87 24.93
CA LEU C 102 -11.09 -37.52 24.61
C LEU C 102 -11.02 -36.93 23.20
N TYR C 103 -11.46 -35.67 23.03
CA TYR C 103 -11.33 -34.96 21.77
C TYR C 103 -9.87 -34.73 21.36
N GLN C 104 -9.52 -35.01 20.09
CA GLN C 104 -8.16 -34.91 19.62
C GLN C 104 -8.08 -35.10 18.13
N GLY C 105 -7.03 -34.55 17.46
CA GLY C 105 -6.81 -34.70 16.04
C GLY C 105 -5.85 -33.66 15.52
N CYS C 106 -5.49 -33.76 14.23
CA CYS C 106 -4.56 -32.85 13.57
C CYS C 106 -5.11 -32.33 12.26
N GLY C 107 -4.62 -31.19 11.76
CA GLY C 107 -5.00 -30.69 10.45
C GLY C 107 -4.72 -29.22 10.29
N LYS C 108 -4.58 -28.75 9.04
CA LYS C 108 -4.40 -27.35 8.68
C LYS C 108 -5.64 -26.54 9.03
N HIS C 109 -6.84 -27.12 8.81
CA HIS C 109 -8.12 -26.45 9.08
C HIS C 109 -8.93 -27.25 10.08
N LYS C 110 -9.31 -26.61 11.19
CA LYS C 110 -10.08 -27.20 12.26
C LYS C 110 -11.52 -26.68 12.25
N VAL C 111 -12.53 -27.56 12.29
CA VAL C 111 -13.94 -27.17 12.24
C VAL C 111 -14.68 -27.52 13.54
N PHE C 112 -15.17 -26.53 14.29
CA PHE C 112 -15.85 -26.73 15.57
C PHE C 112 -17.36 -26.60 15.51
N TYR C 113 -18.13 -27.58 16.07
CA TYR C 113 -19.57 -27.42 16.29
C TYR C 113 -19.85 -27.48 17.81
N GLU C 114 -18.80 -27.22 18.61
CA GLU C 114 -18.81 -27.17 20.07
C GLU C 114 -19.73 -26.13 20.70
N GLY C 115 -20.31 -26.47 21.89
CA GLY C 115 -21.00 -25.51 22.73
C GLY C 115 -22.35 -25.89 23.29
N VAL C 116 -23.29 -26.38 22.48
CA VAL C 116 -24.68 -26.59 22.90
C VAL C 116 -24.95 -27.39 24.17
N ASN C 117 -24.17 -28.46 24.44
CA ASN C 117 -24.24 -29.29 25.62
C ASN C 117 -23.85 -28.66 26.95
N TRP C 118 -23.22 -27.47 26.95
CA TRP C 118 -23.02 -26.74 28.19
C TRP C 118 -23.50 -25.33 27.97
N SER C 119 -24.80 -25.20 27.74
CA SER C 119 -25.51 -23.94 27.65
C SER C 119 -26.27 -23.81 28.95
N PRO C 120 -26.83 -22.68 29.39
CA PRO C 120 -27.57 -22.53 30.66
C PRO C 120 -28.54 -23.65 31.03
N HIS C 121 -29.19 -24.26 30.01
CA HIS C 121 -30.06 -25.41 30.13
C HIS C 121 -29.43 -26.61 30.85
N ALA C 122 -28.17 -26.97 30.49
CA ALA C 122 -27.38 -28.07 31.02
C ALA C 122 -27.32 -28.22 32.54
N ALA C 123 -27.60 -27.11 33.28
CA ALA C 123 -27.73 -27.07 34.72
C ALA C 123 -26.58 -27.60 35.57
N ILE C 124 -25.41 -26.95 35.45
CA ILE C 124 -24.27 -27.20 36.32
C ILE C 124 -24.28 -26.06 37.33
N ASN C 125 -24.13 -26.37 38.63
CA ASN C 125 -24.14 -25.33 39.65
C ASN C 125 -23.12 -25.66 40.73
N CYS C 126 -21.90 -26.07 40.31
CA CYS C 126 -20.81 -26.37 41.24
C CYS C 126 -20.16 -25.08 41.75
N TYR C 127 -20.95 -24.30 42.53
CA TYR C 127 -20.63 -22.99 43.06
C TYR C 127 -20.56 -21.93 41.96
N ARG C 128 -21.43 -22.06 40.94
CA ARG C 128 -21.45 -21.18 39.78
C ARG C 128 -22.55 -21.68 38.86
N LYS C 129 -23.68 -20.95 38.68
CA LYS C 129 -24.75 -21.40 37.80
C LYS C 129 -24.61 -20.84 36.39
N ASN C 130 -24.12 -19.58 36.27
CA ASN C 130 -23.93 -18.94 34.99
C ASN C 130 -22.54 -19.25 34.45
N TRP C 131 -22.43 -20.27 33.59
CA TRP C 131 -21.17 -20.68 32.98
C TRP C 131 -20.71 -19.87 31.78
N THR C 132 -21.59 -19.03 31.18
CA THR C 132 -21.36 -18.31 29.93
C THR C 132 -20.03 -17.60 29.75
N ASP C 133 -19.60 -16.78 30.73
CA ASP C 133 -18.32 -16.10 30.74
C ASP C 133 -17.13 -17.05 30.67
N ILE C 134 -17.14 -18.11 31.52
CA ILE C 134 -16.14 -19.16 31.53
C ILE C 134 -16.06 -19.88 30.18
N LYS C 135 -17.23 -20.29 29.66
CA LYS C 135 -17.43 -20.88 28.35
C LYS C 135 -16.82 -20.07 27.23
N LEU C 136 -17.21 -18.78 27.14
CA LEU C 136 -16.68 -17.75 26.26
C LEU C 136 -15.17 -17.70 26.25
N ASN C 137 -14.57 -17.39 27.42
CA ASN C 137 -13.13 -17.30 27.60
C ASN C 137 -12.40 -18.59 27.26
N PHE C 138 -12.94 -19.75 27.66
CA PHE C 138 -12.43 -21.05 27.28
C PHE C 138 -12.42 -21.26 25.77
N GLN C 139 -13.58 -21.06 25.09
CA GLN C 139 -13.70 -21.08 23.64
C GLN C 139 -12.73 -20.14 22.93
N LYS C 140 -12.64 -18.86 23.36
CA LYS C 140 -11.71 -17.87 22.82
C LYS C 140 -10.28 -18.38 22.76
N ASN C 141 -9.83 -19.03 23.86
CA ASN C 141 -8.50 -19.59 23.97
C ASN C 141 -8.34 -20.82 23.09
N ILE C 142 -9.33 -21.74 23.06
CA ILE C 142 -9.34 -22.88 22.13
C ILE C 142 -9.17 -22.46 20.68
N TYR C 143 -9.96 -21.47 20.21
CA TYR C 143 -9.89 -20.92 18.87
C TYR C 143 -8.54 -20.27 18.54
N GLU C 144 -8.05 -19.44 19.48
CA GLU C 144 -6.78 -18.73 19.47
C GLU C 144 -5.60 -19.68 19.29
N LEU C 145 -5.40 -20.60 20.24
CA LEU C 145 -4.40 -21.64 20.16
C LEU C 145 -4.55 -22.56 18.94
N ALA C 146 -5.80 -22.93 18.56
CA ALA C 146 -6.07 -23.76 17.40
C ALA C 146 -5.69 -23.14 16.06
N SER C 147 -5.91 -21.82 15.85
CA SER C 147 -5.53 -21.17 14.60
C SER C 147 -4.03 -20.89 14.51
N GLN C 148 -3.27 -21.38 15.50
CA GLN C 148 -1.82 -21.33 15.58
C GLN C 148 -1.24 -22.73 15.82
N SER C 149 -2.04 -23.81 15.67
CA SER C 149 -1.57 -25.17 15.89
C SER C 149 -1.94 -26.10 14.76
N HIS C 150 -1.20 -27.22 14.66
CA HIS C 150 -1.52 -28.27 13.71
C HIS C 150 -2.21 -29.42 14.40
N CYS C 151 -1.74 -29.82 15.60
CA CYS C 151 -2.32 -30.90 16.37
C CYS C 151 -2.80 -30.41 17.72
N MET C 152 -3.88 -31.05 18.24
CA MET C 152 -4.44 -30.73 19.53
C MET C 152 -5.10 -31.95 20.15
N SER C 153 -5.07 -32.05 21.50
CA SER C 153 -5.71 -33.15 22.21
C SER C 153 -6.10 -32.72 23.60
N LEU C 154 -7.22 -33.25 24.11
CA LEU C 154 -7.62 -33.10 25.50
C LEU C 154 -6.68 -33.92 26.37
N VAL C 155 -6.35 -33.43 27.58
CA VAL C 155 -5.54 -34.08 28.59
C VAL C 155 -6.41 -34.27 29.82
N ASN C 156 -6.92 -35.51 30.04
CA ASN C 156 -7.88 -35.77 31.11
C ASN C 156 -7.23 -36.29 32.40
N ALA C 157 -5.89 -36.41 32.44
CA ALA C 157 -5.18 -36.81 33.64
C ALA C 157 -3.74 -36.29 33.57
N LEU C 158 -3.09 -36.08 34.72
CA LEU C 158 -1.73 -35.59 34.79
C LEU C 158 -1.02 -36.11 36.04
N ASP C 159 0.29 -35.81 36.19
CA ASP C 159 1.11 -36.23 37.31
C ASP C 159 0.91 -35.21 38.46
N LYS C 160 0.66 -35.68 39.71
CA LYS C 160 0.36 -34.81 40.83
C LYS C 160 0.98 -35.28 42.14
N THR C 161 1.00 -34.42 43.17
CA THR C 161 1.42 -34.80 44.52
C THR C 161 0.56 -34.05 45.51
N ILE C 162 -0.23 -34.77 46.35
CA ILE C 162 -1.14 -34.19 47.33
C ILE C 162 -0.62 -34.42 48.76
N PRO C 163 -0.74 -33.49 49.72
CA PRO C 163 -0.23 -33.69 51.07
C PRO C 163 -1.23 -34.47 51.90
N LEU C 164 -0.75 -35.42 52.75
CA LEU C 164 -1.56 -36.34 53.54
C LEU C 164 -2.63 -35.73 54.45
N GLN C 165 -2.45 -34.46 54.87
CA GLN C 165 -3.41 -33.72 55.68
C GLN C 165 -4.78 -33.55 55.03
N VAL C 166 -4.85 -33.33 53.70
CA VAL C 166 -6.11 -33.16 52.99
C VAL C 166 -6.60 -34.46 52.35
N THR C 167 -7.94 -34.61 52.28
CA THR C 167 -8.63 -35.76 51.71
C THR C 167 -9.76 -35.25 50.84
N ALA C 168 -10.04 -35.93 49.72
CA ALA C 168 -11.02 -35.59 48.70
C ALA C 168 -12.39 -35.06 49.17
N GLY C 169 -12.89 -33.98 48.52
CA GLY C 169 -14.15 -33.34 48.85
C GLY C 169 -15.33 -33.80 48.03
N THR C 170 -16.49 -33.15 48.27
CA THR C 170 -17.74 -33.37 47.56
C THR C 170 -18.59 -32.14 47.79
N ALA C 171 -19.56 -31.84 46.91
CA ALA C 171 -20.40 -30.68 47.02
C ALA C 171 -21.80 -31.01 46.55
N GLY C 172 -22.83 -30.71 47.39
CA GLY C 172 -24.24 -31.01 47.10
C GLY C 172 -24.86 -30.30 45.93
N ASN C 173 -24.25 -29.20 45.47
CA ASN C 173 -24.71 -28.42 44.34
C ASN C 173 -23.97 -28.88 43.07
N CYS C 174 -23.08 -29.87 43.23
CA CYS C 174 -22.32 -30.47 42.17
C CYS C 174 -22.69 -31.94 42.14
N ASN C 175 -24.02 -32.21 42.19
CA ASN C 175 -24.59 -33.52 42.37
C ASN C 175 -24.16 -34.20 43.67
N ASN C 176 -23.35 -35.26 43.57
CA ASN C 176 -22.93 -36.08 44.69
C ASN C 176 -21.42 -36.08 44.85
N SER C 177 -20.71 -35.28 44.04
CA SER C 177 -19.25 -35.28 44.06
C SER C 177 -18.72 -33.92 43.70
N PHE C 178 -17.79 -33.81 42.75
CA PHE C 178 -17.22 -32.54 42.39
C PHE C 178 -16.63 -32.74 41.00
N LEU C 179 -16.15 -31.66 40.36
CA LEU C 179 -15.57 -31.68 39.03
C LEU C 179 -14.33 -32.54 38.86
N LYS C 180 -14.10 -33.08 37.64
CA LYS C 180 -12.94 -33.93 37.38
C LYS C 180 -11.70 -33.13 36.97
N ASN C 181 -11.81 -31.80 36.80
CA ASN C 181 -10.68 -30.93 36.50
C ASN C 181 -10.26 -30.23 37.79
N PRO C 182 -10.79 -29.13 38.34
CA PRO C 182 -10.39 -28.70 39.68
C PRO C 182 -10.84 -29.76 40.69
N ALA C 183 -9.87 -30.44 41.32
CA ALA C 183 -10.12 -31.50 42.24
C ALA C 183 -10.11 -30.97 43.64
N LEU C 184 -11.22 -31.16 44.36
CA LEU C 184 -11.36 -30.61 45.70
C LEU C 184 -10.82 -31.56 46.74
N TYR C 185 -10.16 -31.01 47.77
CA TYR C 185 -9.57 -31.75 48.86
C TYR C 185 -9.58 -30.82 50.07
N THR C 186 -9.79 -31.34 51.28
CA THR C 186 -9.87 -30.52 52.49
C THR C 186 -9.32 -31.32 53.64
N GLN C 187 -8.99 -30.65 54.76
CA GLN C 187 -8.56 -31.29 55.99
C GLN C 187 -9.59 -30.86 57.03
N GLU C 188 -9.56 -31.47 58.22
CA GLU C 188 -10.51 -31.11 59.25
C GLU C 188 -10.05 -29.90 60.03
N VAL C 189 -10.77 -28.79 59.89
CA VAL C 189 -10.48 -27.55 60.59
C VAL C 189 -11.76 -27.00 61.20
N LYS C 190 -11.72 -26.69 62.50
CA LYS C 190 -12.84 -26.12 63.23
C LYS C 190 -12.33 -24.93 64.01
N PRO C 191 -12.73 -23.69 63.76
CA PRO C 191 -12.17 -22.54 64.48
C PRO C 191 -12.62 -22.45 65.94
N SER C 192 -13.91 -22.71 66.23
CA SER C 192 -14.48 -22.68 67.58
C SER C 192 -13.83 -23.63 68.59
N GLU C 193 -13.43 -24.83 68.15
CA GLU C 193 -12.77 -25.81 68.99
C GLU C 193 -11.26 -25.65 68.93
N ASN C 194 -10.80 -24.59 68.23
CA ASN C 194 -9.41 -24.24 68.00
C ASN C 194 -8.61 -25.38 67.36
N LYS C 195 -9.30 -26.14 66.47
CA LYS C 195 -8.73 -27.22 65.69
C LYS C 195 -8.37 -26.60 64.36
N CYS C 196 -7.43 -25.63 64.38
CA CYS C 196 -6.95 -24.96 63.20
C CYS C 196 -6.07 -25.86 62.37
N GLY C 197 -5.95 -25.58 61.06
CA GLY C 197 -5.23 -26.45 60.13
C GLY C 197 -3.91 -25.85 59.70
N LYS C 198 -3.28 -26.49 58.71
CA LYS C 198 -2.01 -26.09 58.13
C LYS C 198 -2.24 -25.76 56.66
N GLU C 199 -1.56 -24.71 56.10
CA GLU C 199 -1.67 -24.40 54.68
C GLU C 199 -1.15 -25.57 53.84
N ASN C 200 -1.72 -25.75 52.64
CA ASN C 200 -1.40 -26.91 51.84
C ASN C 200 -0.37 -26.55 50.81
N LEU C 201 0.43 -27.53 50.40
CA LEU C 201 1.37 -27.42 49.31
C LEU C 201 1.18 -28.66 48.49
N ALA C 202 0.90 -28.53 47.19
CA ALA C 202 0.71 -29.67 46.33
C ALA C 202 1.38 -29.42 45.00
N PHE C 203 1.87 -30.47 44.33
CA PHE C 203 2.59 -30.34 43.06
C PHE C 203 1.80 -30.92 41.91
N PHE C 204 2.26 -30.62 40.67
CA PHE C 204 1.69 -31.22 39.49
C PHE C 204 2.67 -31.04 38.33
N THR C 205 2.69 -31.97 37.36
CA THR C 205 3.67 -31.96 36.29
C THR C 205 2.96 -32.01 34.96
N LEU C 206 3.14 -30.97 34.13
CA LEU C 206 2.56 -30.86 32.80
C LEU C 206 3.43 -31.62 31.78
N PRO C 207 2.93 -32.61 31.03
CA PRO C 207 3.75 -33.43 30.15
C PRO C 207 3.93 -32.83 28.77
N THR C 208 5.15 -32.96 28.20
CA THR C 208 5.55 -32.46 26.88
C THR C 208 4.98 -33.29 25.70
N GLN C 209 4.43 -34.48 25.98
CA GLN C 209 3.83 -35.32 24.97
C GLN C 209 2.63 -36.00 25.61
N PHE C 210 1.66 -36.42 24.79
CA PHE C 210 0.49 -37.15 25.23
C PHE C 210 0.19 -38.14 24.11
N GLY C 211 0.81 -39.34 24.16
CA GLY C 211 0.82 -40.28 23.04
C GLY C 211 1.64 -39.70 21.90
N THR C 212 1.08 -39.62 20.67
CA THR C 212 1.75 -38.98 19.55
C THR C 212 1.64 -37.47 19.62
N TYR C 213 0.58 -36.94 20.29
CA TYR C 213 0.34 -35.53 20.48
C TYR C 213 1.46 -34.81 21.20
N GLU C 214 1.90 -33.69 20.63
CA GLU C 214 2.99 -32.90 21.12
C GLU C 214 2.46 -31.71 21.87
N CYS C 215 2.91 -31.47 23.11
CA CYS C 215 2.38 -30.40 23.92
C CYS C 215 3.43 -29.32 24.07
N LYS C 216 3.24 -28.21 23.35
CA LYS C 216 4.09 -27.06 23.46
C LYS C 216 3.43 -26.02 24.36
N LEU C 217 2.08 -26.08 24.45
CA LEU C 217 1.33 -25.16 25.23
C LEU C 217 0.06 -25.83 25.71
N HIS C 218 -0.25 -25.69 27.01
CA HIS C 218 -1.38 -26.28 27.66
C HIS C 218 -2.36 -25.17 28.02
N LEU C 219 -3.66 -25.41 27.84
CA LEU C 219 -4.71 -24.49 28.22
C LEU C 219 -5.32 -25.06 29.49
N VAL C 220 -5.06 -24.41 30.64
CA VAL C 220 -5.53 -24.86 31.93
C VAL C 220 -6.40 -23.79 32.56
N ALA C 221 -7.27 -24.20 33.50
CA ALA C 221 -8.15 -23.32 34.22
C ALA C 221 -7.67 -23.16 35.65
N SER C 222 -7.32 -21.93 36.07
CA SER C 222 -6.96 -21.67 37.45
C SER C 222 -8.21 -21.23 38.17
N CYS C 223 -8.69 -22.01 39.14
CA CYS C 223 -9.94 -21.70 39.80
C CYS C 223 -9.77 -21.42 41.27
N TYR C 224 -10.72 -20.69 41.86
CA TYR C 224 -10.72 -20.36 43.27
C TYR C 224 -12.10 -19.96 43.73
N PHE C 225 -12.32 -20.00 45.05
CA PHE C 225 -13.56 -19.59 45.68
C PHE C 225 -13.51 -18.14 46.11
N ILE C 226 -14.56 -17.36 45.78
CA ILE C 226 -14.68 -15.97 46.14
C ILE C 226 -15.64 -15.83 47.32
N TYR C 227 -15.09 -15.48 48.50
CA TYR C 227 -15.84 -15.29 49.72
C TYR C 227 -16.20 -13.84 49.96
N ASP C 228 -17.40 -13.59 50.54
CA ASP C 228 -17.89 -12.26 50.89
C ASP C 228 -17.04 -11.49 51.91
N SER C 229 -16.56 -12.14 52.99
CA SER C 229 -15.80 -11.41 54.00
C SER C 229 -14.95 -12.34 54.85
N LYS C 230 -14.10 -11.70 55.69
CA LYS C 230 -13.27 -12.28 56.75
C LYS C 230 -14.03 -13.29 57.61
N GLU C 231 -15.01 -12.78 58.40
CA GLU C 231 -15.94 -13.55 59.21
C GLU C 231 -16.54 -14.78 58.53
N VAL C 232 -17.02 -14.64 57.27
CA VAL C 232 -17.59 -15.73 56.51
C VAL C 232 -16.59 -16.85 56.32
N TYR C 233 -15.37 -16.55 55.83
CA TYR C 233 -14.30 -17.53 55.79
C TYR C 233 -14.00 -18.09 57.19
N ASN C 234 -13.85 -17.20 58.21
CA ASN C 234 -13.64 -17.59 59.60
C ASN C 234 -14.70 -18.45 60.29
N LYS C 235 -15.84 -18.76 59.62
CA LYS C 235 -16.72 -19.82 60.06
C LYS C 235 -16.06 -21.19 59.89
N ARG C 236 -15.46 -21.42 58.71
CA ARG C 236 -14.87 -22.68 58.29
C ARG C 236 -13.34 -22.75 58.32
N GLY C 237 -12.61 -21.63 58.50
CA GLY C 237 -11.15 -21.66 58.50
C GLY C 237 -10.57 -20.52 59.29
N CYS C 238 -9.60 -20.81 60.17
CA CYS C 238 -9.03 -19.85 61.12
C CYS C 238 -8.34 -18.62 60.55
N ASP C 239 -7.57 -18.80 59.46
CA ASP C 239 -6.74 -17.79 58.84
C ASP C 239 -7.48 -16.92 57.82
N ASN C 240 -7.20 -17.12 56.52
CA ASN C 240 -7.84 -16.42 55.43
C ASN C 240 -7.86 -17.35 54.24
N TYR C 241 -8.80 -17.14 53.31
CA TYR C 241 -8.88 -17.91 52.08
C TYR C 241 -7.67 -17.64 51.18
N PHE C 242 -7.25 -18.65 50.40
CA PHE C 242 -6.25 -18.45 49.38
C PHE C 242 -6.03 -19.75 48.62
N GLN C 243 -5.77 -19.61 47.31
CA GLN C 243 -5.41 -20.69 46.42
C GLN C 243 -4.53 -20.02 45.40
N VAL C 244 -3.28 -20.47 45.23
CA VAL C 244 -2.30 -19.82 44.37
C VAL C 244 -1.46 -20.87 43.66
N ILE C 245 -1.13 -20.60 42.38
CA ILE C 245 -0.41 -21.50 41.50
C ILE C 245 0.99 -20.94 41.25
N TYR C 246 2.05 -21.65 41.63
CA TYR C 246 3.44 -21.28 41.42
C TYR C 246 4.10 -22.07 40.29
N ASP C 247 5.20 -21.55 39.72
CA ASP C 247 6.00 -22.21 38.70
C ASP C 247 7.10 -23.10 39.31
N SER C 248 7.90 -23.70 38.41
CA SER C 248 9.06 -24.53 38.70
C SER C 248 10.16 -23.77 39.44
N PHE C 249 10.45 -22.52 39.00
CA PHE C 249 11.36 -21.60 39.66
C PHE C 249 10.87 -21.12 41.03
N GLY C 250 9.58 -20.75 41.14
CA GLY C 250 8.98 -20.30 42.39
C GLY C 250 8.22 -19.02 42.29
N LYS C 251 7.96 -18.52 41.06
CA LYS C 251 7.13 -17.34 40.84
C LYS C 251 5.67 -17.76 40.82
N VAL C 252 4.73 -16.83 41.05
CA VAL C 252 3.31 -17.16 41.03
C VAL C 252 2.75 -16.86 39.65
N VAL C 253 1.85 -17.72 39.15
CA VAL C 253 1.29 -17.63 37.81
C VAL C 253 -0.23 -17.50 37.83
N GLY C 254 -0.88 -17.62 39.01
CA GLY C 254 -2.33 -17.44 39.09
C GLY C 254 -2.89 -17.74 40.44
N GLY C 255 -4.19 -17.45 40.64
CA GLY C 255 -4.94 -17.73 41.85
C GLY C 255 -5.50 -16.50 42.53
N LEU C 256 -5.83 -16.63 43.82
CA LEU C 256 -6.38 -15.59 44.67
C LEU C 256 -5.86 -15.78 46.08
N ASP C 257 -5.25 -14.75 46.70
CA ASP C 257 -4.75 -14.82 48.06
C ASP C 257 -5.40 -13.75 48.95
N ASN C 258 -6.37 -14.14 49.81
CA ASN C 258 -7.07 -13.19 50.67
C ASN C 258 -6.35 -12.98 51.99
N ARG C 259 -5.07 -13.41 52.11
CA ARG C 259 -4.23 -12.97 53.21
C ARG C 259 -3.77 -11.54 52.97
N VAL C 260 -3.73 -11.13 51.68
CA VAL C 260 -3.36 -9.79 51.25
C VAL C 260 -4.45 -9.11 50.44
N SER C 261 -5.17 -9.83 49.55
CA SER C 261 -6.22 -9.23 48.74
C SER C 261 -7.58 -9.18 49.45
N PRO C 262 -8.33 -8.07 49.48
CA PRO C 262 -9.65 -8.01 50.10
C PRO C 262 -10.68 -9.03 49.62
N TYR C 263 -11.68 -9.35 50.46
CA TYR C 263 -12.76 -10.24 50.10
C TYR C 263 -13.81 -9.53 49.25
N THR C 264 -14.06 -10.05 48.04
CA THR C 264 -14.90 -9.40 47.03
C THR C 264 -16.24 -10.04 46.79
N GLY C 265 -16.60 -11.11 47.53
CA GLY C 265 -17.83 -11.87 47.32
C GLY C 265 -19.15 -11.15 47.47
N ASN C 266 -20.22 -11.89 47.10
CA ASN C 266 -21.59 -11.42 47.14
C ASN C 266 -22.55 -12.60 47.15
N SER C 267 -22.11 -13.77 47.64
CA SER C 267 -22.89 -14.99 47.67
C SER C 267 -23.17 -15.52 49.07
N GLY C 268 -22.82 -14.72 50.11
CA GLY C 268 -23.08 -15.04 51.50
C GLY C 268 -22.19 -16.13 52.06
N ASP C 269 -22.77 -17.04 52.86
CA ASP C 269 -22.03 -18.06 53.57
C ASP C 269 -21.33 -19.05 52.63
N THR C 270 -21.99 -19.34 51.50
CA THR C 270 -21.49 -20.17 50.43
C THR C 270 -20.71 -19.30 49.46
N PRO C 271 -19.55 -19.68 48.97
CA PRO C 271 -18.79 -18.84 48.06
C PRO C 271 -19.24 -19.07 46.65
N THR C 272 -18.62 -18.37 45.70
CA THR C 272 -18.88 -18.55 44.28
C THR C 272 -17.52 -18.75 43.63
N MET C 273 -17.45 -19.67 42.66
CA MET C 273 -16.19 -20.08 42.07
C MET C 273 -15.89 -19.30 40.81
N GLN C 274 -14.62 -18.90 40.66
CA GLN C 274 -14.14 -18.22 39.48
C GLN C 274 -12.99 -18.98 38.90
N CYS C 275 -13.01 -19.22 37.58
CA CYS C 275 -11.97 -19.96 36.89
C CYS C 275 -11.40 -19.06 35.82
N ASP C 276 -10.13 -18.63 35.98
CA ASP C 276 -9.45 -17.82 35.00
C ASP C 276 -8.71 -18.73 34.03
N MET C 277 -8.62 -18.37 32.75
CA MET C 277 -7.98 -19.20 31.76
C MET C 277 -6.50 -18.86 31.64
N LEU C 278 -5.62 -19.87 31.74
CA LEU C 278 -4.19 -19.68 31.69
C LEU C 278 -3.60 -20.55 30.61
N GLN C 279 -2.56 -20.05 29.93
CA GLN C 279 -1.82 -20.79 28.94
C GLN C 279 -0.47 -21.08 29.55
N LEU C 280 -0.13 -22.38 29.76
CA LEU C 280 1.06 -22.82 30.48
C LEU C 280 1.91 -23.75 29.63
N LYS C 281 3.24 -23.61 29.72
CA LYS C 281 4.18 -24.48 29.04
C LYS C 281 4.53 -25.71 29.90
N PRO C 282 4.97 -26.85 29.38
CA PRO C 282 5.29 -28.04 30.17
C PRO C 282 6.35 -27.85 31.26
N GLY C 283 6.19 -28.53 32.42
CA GLY C 283 7.15 -28.46 33.52
C GLY C 283 6.54 -28.94 34.81
N ARG C 284 7.27 -28.74 35.94
CA ARG C 284 6.83 -29.13 37.27
C ARG C 284 6.36 -27.90 38.03
N TYR C 285 5.04 -27.79 38.26
CA TYR C 285 4.39 -26.68 38.93
C TYR C 285 3.95 -27.06 40.34
N SER C 286 3.68 -26.05 41.19
CA SER C 286 3.22 -26.27 42.56
C SER C 286 2.06 -25.34 42.87
N VAL C 287 1.25 -25.66 43.88
CA VAL C 287 0.13 -24.84 44.31
C VAL C 287 0.15 -24.78 45.82
N ARG C 288 -0.30 -23.66 46.41
CA ARG C 288 -0.44 -23.49 47.84
C ARG C 288 -1.84 -23.00 48.14
N SER C 289 -2.44 -23.42 49.25
CA SER C 289 -3.81 -23.00 49.54
C SER C 289 -4.12 -23.06 51.01
N SER C 290 -5.19 -22.37 51.44
CA SER C 290 -5.62 -22.30 52.83
C SER C 290 -6.10 -23.64 53.35
N PRO C 291 -5.95 -23.97 54.64
CA PRO C 291 -6.25 -25.28 55.22
C PRO C 291 -7.53 -25.95 54.77
N ARG C 292 -8.63 -25.18 54.74
CA ARG C 292 -9.96 -25.70 54.49
C ARG C 292 -10.27 -26.01 53.04
N PHE C 293 -9.47 -25.48 52.07
CA PHE C 293 -9.74 -25.68 50.65
C PHE C 293 -8.49 -25.89 49.83
N LEU C 294 -8.44 -26.97 49.04
CA LEU C 294 -7.42 -27.17 48.02
C LEU C 294 -8.16 -27.52 46.74
N LEU C 295 -7.89 -26.78 45.65
CA LEU C 295 -8.50 -26.96 44.34
C LEU C 295 -7.42 -27.20 43.29
N MET C 296 -6.90 -28.44 43.17
CA MET C 296 -5.84 -28.73 42.21
C MET C 296 -6.40 -28.95 40.80
N PRO C 297 -6.00 -28.29 39.71
CA PRO C 297 -6.48 -28.65 38.38
C PRO C 297 -5.89 -29.97 37.91
N GLU C 298 -6.71 -30.90 37.40
CA GLU C 298 -6.24 -32.19 36.93
C GLU C 298 -6.51 -32.44 35.45
N ARG C 299 -6.97 -31.42 34.68
CA ARG C 299 -7.20 -31.54 33.25
C ARG C 299 -6.78 -30.28 32.50
N SER C 300 -6.64 -30.39 31.16
CA SER C 300 -6.22 -29.28 30.31
C SER C 300 -6.30 -29.70 28.85
N TYR C 301 -6.10 -28.76 27.91
CA TYR C 301 -6.03 -29.02 26.48
C TYR C 301 -4.58 -28.80 26.05
N CYS C 302 -4.04 -29.69 25.22
CA CYS C 302 -2.66 -29.68 24.77
C CYS C 302 -2.64 -29.31 23.30
N PHE C 303 -1.80 -28.32 22.97
CA PHE C 303 -1.61 -27.78 21.64
C PHE C 303 -0.15 -27.90 21.21
N ASP C 304 0.10 -28.36 19.96
CA ASP C 304 1.45 -28.44 19.44
C ASP C 304 2.01 -27.10 18.96
N MET C 305 1.15 -26.11 18.63
CA MET C 305 1.52 -24.77 18.24
C MET C 305 2.40 -24.68 16.98
N LYS C 306 2.41 -25.73 16.14
CA LYS C 306 3.29 -25.77 14.98
C LYS C 306 3.10 -24.75 13.87
N GLU C 307 1.85 -24.46 13.48
CA GLU C 307 1.62 -23.62 12.33
C GLU C 307 0.26 -22.93 12.38
N LYS C 308 0.16 -21.76 11.73
CA LYS C 308 -1.10 -21.06 11.56
C LYS C 308 -2.05 -21.77 10.62
N GLY C 309 -3.37 -21.64 10.82
CA GLY C 309 -4.29 -22.25 9.88
C GLY C 309 -5.72 -21.89 10.18
N PRO C 310 -6.61 -21.94 9.19
CA PRO C 310 -8.03 -21.62 9.33
C PRO C 310 -8.77 -22.40 10.41
N VAL C 311 -9.82 -21.77 10.95
CA VAL C 311 -10.68 -22.34 11.96
C VAL C 311 -12.10 -21.95 11.62
N THR C 312 -13.00 -22.92 11.51
CA THR C 312 -14.41 -22.63 11.29
C THR C 312 -15.13 -22.95 12.56
N ALA C 313 -16.02 -22.07 13.04
CA ALA C 313 -16.76 -22.29 14.25
C ALA C 313 -18.23 -22.13 13.92
N VAL C 314 -19.02 -23.19 14.15
CA VAL C 314 -20.43 -23.20 13.87
C VAL C 314 -21.20 -22.85 15.14
N GLN C 315 -22.22 -21.97 15.02
CA GLN C 315 -23.08 -21.55 16.11
C GLN C 315 -23.84 -22.71 16.74
N SER C 316 -23.31 -23.25 17.85
CA SER C 316 -23.84 -24.44 18.48
C SER C 316 -24.91 -24.09 19.50
N ILE C 317 -26.17 -24.05 19.04
CA ILE C 317 -27.32 -23.70 19.85
C ILE C 317 -28.35 -24.80 19.79
N TRP C 318 -29.32 -24.77 20.72
CA TRP C 318 -30.37 -25.75 20.87
C TRP C 318 -31.58 -25.50 19.99
N GLY C 319 -32.38 -26.57 19.79
CA GLY C 319 -33.75 -26.49 19.30
C GLY C 319 -34.70 -25.83 20.29
N LYS C 320 -35.97 -25.66 19.90
CA LYS C 320 -36.94 -25.01 20.77
C LYS C 320 -37.30 -25.68 22.11
N GLY C 321 -36.84 -25.08 23.23
CA GLY C 321 -37.16 -25.51 24.59
C GLY C 321 -35.99 -25.69 25.52
N ARG C 322 -34.75 -25.45 25.04
CA ARG C 322 -33.56 -25.54 25.87
C ARG C 322 -32.74 -24.26 25.73
N GLU C 323 -32.56 -23.51 26.84
CA GLU C 323 -31.87 -22.23 26.85
C GLU C 323 -30.43 -22.24 26.36
N SER C 324 -30.13 -21.37 25.37
CA SER C 324 -28.86 -21.27 24.68
C SER C 324 -28.21 -19.92 24.86
N ASP C 325 -26.86 -19.88 24.91
CA ASP C 325 -26.06 -18.67 24.99
C ASP C 325 -25.22 -18.53 23.72
N TYR C 326 -24.64 -17.33 23.50
CA TYR C 326 -23.91 -16.95 22.29
C TYR C 326 -22.42 -16.86 22.54
N ALA C 327 -21.93 -17.59 23.56
CA ALA C 327 -20.54 -17.71 23.94
C ALA C 327 -19.61 -18.02 22.77
N VAL C 328 -19.98 -19.05 21.97
CA VAL C 328 -19.34 -19.49 20.72
C VAL C 328 -19.07 -18.33 19.76
N ASP C 329 -20.17 -17.67 19.32
CA ASP C 329 -20.25 -16.48 18.51
C ASP C 329 -19.29 -15.39 18.99
N GLN C 330 -19.52 -14.92 20.24
CA GLN C 330 -18.72 -13.92 20.95
C GLN C 330 -17.22 -14.23 20.95
N ALA C 331 -16.86 -15.45 21.39
CA ALA C 331 -15.51 -15.96 21.45
C ALA C 331 -14.81 -15.94 20.09
N CYS C 332 -15.43 -16.52 19.04
CA CYS C 332 -14.92 -16.42 17.67
C CYS C 332 -14.70 -15.00 17.21
N LEU C 333 -15.73 -14.14 17.30
CA LEU C 333 -15.69 -12.74 16.90
C LEU C 333 -14.65 -11.88 17.62
N SER C 334 -14.07 -12.38 18.74
CA SER C 334 -13.04 -11.69 19.48
C SER C 334 -11.70 -12.40 19.39
N THR C 335 -11.56 -13.39 18.48
CA THR C 335 -10.31 -14.07 18.19
C THR C 335 -10.01 -14.01 16.70
N PRO C 336 -8.78 -13.88 16.22
CA PRO C 336 -8.50 -13.82 14.78
C PRO C 336 -8.32 -15.22 14.22
N GLY C 337 -8.42 -15.36 12.88
CA GLY C 337 -8.26 -16.64 12.19
C GLY C 337 -9.44 -17.57 12.17
N CYS C 338 -10.53 -17.28 12.92
CA CYS C 338 -11.72 -18.10 12.83
C CYS C 338 -12.85 -17.44 12.05
N MET C 339 -13.64 -18.27 11.36
CA MET C 339 -14.80 -17.89 10.60
C MET C 339 -16.05 -18.44 11.27
N LEU C 340 -17.02 -17.56 11.59
CA LEU C 340 -18.24 -17.96 12.27
C LEU C 340 -19.33 -18.32 11.29
N ILE C 341 -20.03 -19.45 11.50
CA ILE C 341 -21.16 -19.89 10.72
C ILE C 341 -22.36 -19.82 11.64
N GLN C 342 -23.39 -19.05 11.27
CA GLN C 342 -24.53 -18.81 12.14
C GLN C 342 -25.84 -18.85 11.37
N LYS C 343 -26.93 -19.14 12.10
CA LYS C 343 -28.25 -19.33 11.55
C LYS C 343 -29.11 -18.08 11.46
N GLN C 344 -29.79 -17.89 10.31
CA GLN C 344 -30.65 -16.74 10.09
C GLN C 344 -32.12 -17.12 10.30
N LYS C 345 -32.40 -18.42 10.46
CA LYS C 345 -33.70 -18.96 10.66
C LYS C 345 -33.65 -19.78 11.96
N PRO C 346 -34.73 -20.01 12.71
CA PRO C 346 -34.70 -20.77 13.96
C PRO C 346 -34.16 -22.19 13.80
N TYR C 347 -33.78 -22.87 14.89
CA TYR C 347 -33.31 -24.25 14.81
C TYR C 347 -34.53 -25.14 14.90
N ILE C 348 -34.87 -25.80 13.78
CA ILE C 348 -36.00 -26.72 13.70
C ILE C 348 -35.48 -28.03 13.18
N GLY C 349 -35.33 -29.03 14.08
CA GLY C 349 -34.83 -30.33 13.72
C GLY C 349 -35.90 -31.30 13.25
N GLU C 350 -35.48 -32.31 12.46
CA GLU C 350 -36.33 -33.40 12.02
C GLU C 350 -36.50 -34.48 13.06
N ALA C 351 -35.37 -35.06 13.54
CA ALA C 351 -35.30 -36.14 14.51
C ALA C 351 -36.03 -35.83 15.80
N ASP C 352 -35.77 -34.64 16.33
CA ASP C 352 -36.44 -34.07 17.47
C ASP C 352 -36.22 -32.60 17.21
N ASP C 353 -36.69 -31.72 18.10
CA ASP C 353 -36.60 -30.28 17.98
C ASP C 353 -35.18 -29.75 17.81
N HIS C 354 -34.19 -30.47 18.38
CA HIS C 354 -32.82 -30.06 18.53
C HIS C 354 -31.85 -30.73 17.60
N HIS C 355 -32.30 -31.60 16.67
CA HIS C 355 -31.39 -32.30 15.78
C HIS C 355 -31.90 -32.42 14.34
N GLY C 356 -31.06 -32.06 13.35
CA GLY C 356 -31.37 -32.21 11.92
C GLY C 356 -32.06 -31.01 11.35
N ASP C 357 -31.38 -29.85 11.41
CA ASP C 357 -31.94 -28.58 10.98
C ASP C 357 -31.71 -28.35 9.50
N GLN C 358 -32.80 -27.91 8.84
CA GLN C 358 -32.91 -27.62 7.43
C GLN C 358 -31.86 -26.63 6.96
N GLU C 359 -31.89 -25.41 7.53
CA GLU C 359 -30.90 -24.38 7.37
C GLU C 359 -29.44 -24.82 7.49
N MET C 360 -29.07 -25.38 8.66
CA MET C 360 -27.73 -25.88 8.94
C MET C 360 -27.23 -26.82 7.85
N ARG C 361 -28.11 -27.73 7.36
CA ARG C 361 -27.83 -28.59 6.23
C ARG C 361 -27.53 -27.86 4.91
N GLU C 362 -28.33 -26.85 4.51
CA GLU C 362 -28.08 -26.10 3.28
C GLU C 362 -26.89 -25.14 3.42
N LEU C 363 -26.36 -24.93 4.64
CA LEU C 363 -25.12 -24.25 4.92
C LEU C 363 -23.90 -25.15 4.93
N LEU C 364 -23.92 -26.28 5.64
CA LEU C 364 -22.75 -27.13 5.79
C LEU C 364 -22.60 -28.16 4.69
N SER C 365 -23.38 -28.03 3.60
CA SER C 365 -23.29 -28.84 2.40
C SER C 365 -21.96 -28.71 1.64
N GLY C 366 -21.37 -27.49 1.63
CA GLY C 366 -20.10 -27.17 0.97
C GLY C 366 -18.91 -28.01 1.35
N LEU C 367 -18.88 -28.55 2.59
CA LEU C 367 -17.84 -29.40 3.17
C LEU C 367 -17.54 -30.71 2.43
N ASP C 368 -18.36 -31.06 1.41
CA ASP C 368 -18.19 -32.21 0.56
C ASP C 368 -17.47 -31.87 -0.73
N TYR C 369 -17.36 -30.56 -1.08
CA TYR C 369 -16.70 -30.05 -2.26
C TYR C 369 -15.34 -29.47 -1.92
N GLU C 370 -14.45 -29.29 -2.92
CA GLU C 370 -13.15 -28.67 -2.71
C GLU C 370 -13.14 -27.22 -3.21
N ALA C 371 -13.15 -26.26 -2.28
CA ALA C 371 -13.16 -24.84 -2.58
C ALA C 371 -11.77 -24.33 -2.95
N ARG C 372 -11.70 -23.29 -3.80
CA ARG C 372 -10.42 -22.68 -4.18
C ARG C 372 -10.20 -21.42 -3.37
N CYS C 373 -11.22 -21.00 -2.59
CA CYS C 373 -11.11 -19.93 -1.63
C CYS C 373 -12.27 -20.08 -0.66
N ILE C 374 -12.05 -19.71 0.61
CA ILE C 374 -13.04 -19.74 1.66
C ILE C 374 -12.90 -18.44 2.42
N SER C 375 -14.01 -17.76 2.73
CA SER C 375 -13.97 -16.47 3.38
C SER C 375 -15.10 -16.40 4.37
N GLN C 376 -15.14 -15.34 5.20
CA GLN C 376 -16.27 -15.10 6.08
C GLN C 376 -17.53 -14.70 5.31
N SER C 377 -17.39 -14.33 4.01
CA SER C 377 -18.49 -14.07 3.09
C SER C 377 -19.02 -15.30 2.39
N GLY C 378 -18.34 -16.46 2.51
CA GLY C 378 -18.72 -17.67 1.81
C GLY C 378 -17.57 -18.26 1.05
N TRP C 379 -17.84 -19.34 0.29
CA TRP C 379 -16.83 -20.12 -0.40
C TRP C 379 -17.05 -20.19 -1.90
N VAL C 380 -16.02 -20.57 -2.65
CA VAL C 380 -16.08 -20.65 -4.09
C VAL C 380 -15.16 -21.77 -4.54
N ASN C 381 -15.58 -22.64 -5.50
CA ASN C 381 -14.73 -23.70 -6.03
C ASN C 381 -14.39 -23.43 -7.49
N GLU C 382 -15.18 -22.57 -8.15
CA GLU C 382 -15.04 -22.06 -9.49
C GLU C 382 -13.88 -21.09 -9.66
N THR C 383 -13.25 -21.08 -10.86
CA THR C 383 -12.13 -20.23 -11.24
C THR C 383 -12.62 -18.86 -11.72
N SER C 384 -11.72 -17.92 -12.09
CA SER C 384 -11.96 -16.52 -12.49
C SER C 384 -11.32 -15.57 -11.49
N PRO C 385 -10.46 -14.61 -11.87
CA PRO C 385 -9.81 -13.72 -10.93
C PRO C 385 -10.70 -12.59 -10.43
N PHE C 386 -12.01 -12.52 -10.76
CA PHE C 386 -12.84 -11.41 -10.33
C PHE C 386 -14.19 -11.82 -9.76
N THR C 387 -14.74 -10.94 -8.91
CA THR C 387 -16.00 -11.07 -8.18
C THR C 387 -16.61 -9.69 -8.08
N GLU C 388 -17.94 -9.60 -7.84
CA GLU C 388 -18.68 -8.34 -7.79
C GLU C 388 -18.15 -7.33 -6.77
N LYS C 389 -17.78 -7.78 -5.56
CA LYS C 389 -17.28 -6.91 -4.52
C LYS C 389 -16.45 -7.65 -3.49
N TYR C 390 -15.67 -6.91 -2.69
CA TYR C 390 -14.72 -7.42 -1.71
C TYR C 390 -15.28 -8.38 -0.65
N LEU C 391 -14.58 -9.51 -0.43
CA LEU C 391 -14.96 -10.52 0.54
C LEU C 391 -14.56 -10.10 1.95
N LEU C 392 -15.33 -10.48 2.99
CA LEU C 392 -15.07 -10.07 4.35
C LEU C 392 -13.66 -10.43 4.87
N PRO C 393 -12.99 -9.56 5.64
CA PRO C 393 -11.58 -9.69 6.03
C PRO C 393 -10.94 -11.05 6.25
N PRO C 394 -11.32 -12.00 7.09
CA PRO C 394 -10.56 -13.24 7.16
C PRO C 394 -10.98 -14.14 6.01
N LYS C 395 -10.00 -14.54 5.18
CA LYS C 395 -10.28 -15.38 4.04
C LYS C 395 -8.98 -16.08 3.69
N PHE C 396 -9.10 -17.25 3.05
CA PHE C 396 -7.99 -18.13 2.76
C PHE C 396 -8.15 -18.64 1.33
N GLY C 397 -7.05 -18.85 0.60
CA GLY C 397 -7.07 -19.45 -0.75
C GLY C 397 -6.78 -18.51 -1.86
N ARG C 398 -7.23 -18.83 -3.09
CA ARG C 398 -7.02 -17.99 -4.25
C ARG C 398 -8.14 -16.99 -4.38
N CYS C 399 -7.97 -15.82 -3.73
CA CYS C 399 -8.97 -14.78 -3.64
C CYS C 399 -9.36 -14.12 -4.97
N PRO C 400 -10.64 -13.87 -5.26
CA PRO C 400 -11.02 -13.16 -6.47
C PRO C 400 -11.08 -11.67 -6.10
N LEU C 401 -10.84 -10.76 -7.04
CA LEU C 401 -10.75 -9.35 -6.73
C LEU C 401 -12.01 -8.64 -7.18
N ALA C 402 -12.32 -7.46 -6.59
CA ALA C 402 -13.55 -6.76 -6.90
C ALA C 402 -13.47 -6.07 -8.26
N ALA C 403 -14.55 -6.18 -9.06
CA ALA C 403 -14.62 -5.54 -10.36
C ALA C 403 -16.07 -5.41 -10.81
N LYS C 404 -16.34 -4.48 -11.75
CA LYS C 404 -17.66 -4.26 -12.32
C LYS C 404 -17.68 -4.90 -13.69
N GLU C 405 -18.73 -5.68 -14.04
CA GLU C 405 -18.85 -6.35 -15.33
C GLU C 405 -18.79 -5.39 -16.51
N GLU C 406 -19.41 -4.20 -16.35
CA GLU C 406 -19.41 -3.15 -17.35
C GLU C 406 -18.02 -2.61 -17.70
N SER C 407 -17.01 -2.84 -16.84
CA SER C 407 -15.63 -2.45 -17.08
C SER C 407 -14.76 -3.60 -17.54
N ILE C 408 -15.28 -4.85 -17.59
CA ILE C 408 -14.51 -6.00 -18.06
C ILE C 408 -14.36 -5.98 -19.59
N PRO C 409 -13.20 -6.22 -20.19
CA PRO C 409 -13.05 -6.27 -21.65
C PRO C 409 -14.00 -7.22 -22.38
N LYS C 410 -14.29 -6.93 -23.66
CA LYS C 410 -15.13 -7.77 -24.49
C LYS C 410 -14.31 -8.37 -25.61
N ILE C 411 -14.59 -9.64 -25.91
CA ILE C 411 -13.91 -10.50 -26.84
C ILE C 411 -14.77 -10.57 -28.10
N PRO C 412 -14.25 -10.37 -29.31
CA PRO C 412 -15.02 -10.49 -30.55
C PRO C 412 -15.52 -11.91 -30.77
N ASP C 413 -16.70 -12.10 -31.35
CA ASP C 413 -17.24 -13.44 -31.56
C ASP C 413 -18.11 -13.47 -32.82
N GLY C 414 -18.18 -14.64 -33.47
CA GLY C 414 -18.93 -14.87 -34.69
C GLY C 414 -18.09 -14.71 -35.92
N LEU C 415 -18.43 -13.73 -36.79
CA LEU C 415 -17.69 -13.39 -37.98
C LEU C 415 -16.77 -12.22 -37.69
N LEU C 416 -15.47 -12.35 -37.97
CA LEU C 416 -14.45 -11.34 -37.73
C LEU C 416 -13.87 -10.86 -39.06
N ILE C 417 -13.72 -9.53 -39.24
CA ILE C 417 -13.16 -8.94 -40.45
C ILE C 417 -12.05 -7.94 -40.05
N PRO C 418 -10.76 -8.17 -40.39
CA PRO C 418 -9.64 -7.29 -40.03
C PRO C 418 -9.59 -5.95 -40.73
N THR C 419 -9.28 -4.84 -40.01
CA THR C 419 -9.02 -3.56 -40.68
C THR C 419 -7.53 -3.46 -40.91
N SER C 420 -7.13 -2.76 -41.98
CA SER C 420 -5.74 -2.56 -42.37
C SER C 420 -5.35 -1.12 -42.04
N GLY C 421 -4.57 -0.47 -42.94
CA GLY C 421 -4.08 0.90 -42.89
C GLY C 421 -5.15 1.95 -43.05
N THR C 422 -4.79 3.12 -43.56
CA THR C 422 -5.70 4.25 -43.70
C THR C 422 -6.81 4.04 -44.74
N ASP C 423 -6.49 3.31 -45.83
CA ASP C 423 -7.37 2.97 -46.94
C ASP C 423 -8.63 2.17 -46.54
N THR C 424 -8.42 1.17 -45.68
CA THR C 424 -9.30 0.14 -45.18
C THR C 424 -10.80 0.37 -45.04
N THR C 425 -11.32 1.46 -44.45
CA THR C 425 -12.77 1.61 -44.28
C THR C 425 -13.34 2.67 -45.18
N VAL C 426 -14.09 2.23 -46.20
CA VAL C 426 -14.76 3.12 -47.14
C VAL C 426 -16.19 3.41 -46.68
N THR C 427 -16.68 4.60 -47.04
CA THR C 427 -18.00 5.11 -46.75
C THR C 427 -18.47 5.86 -48.01
N ILE D 4 -7.57 6.41 -57.36
CA ILE D 4 -8.86 5.92 -56.81
C ILE D 4 -9.40 4.74 -57.61
N ASP D 5 -9.74 3.60 -56.97
CA ASP D 5 -10.23 2.43 -57.66
C ASP D 5 -11.75 2.50 -57.69
N ASP D 6 -12.44 1.72 -58.55
CA ASP D 6 -13.85 1.94 -58.83
C ASP D 6 -14.85 1.18 -57.94
N LEU D 7 -15.61 0.25 -58.52
CA LEU D 7 -16.69 -0.45 -57.84
C LEU D 7 -16.22 -1.76 -57.24
N ILE D 8 -15.04 -2.24 -57.64
CA ILE D 8 -14.39 -3.39 -57.04
C ILE D 8 -13.07 -2.91 -56.52
N ILE D 9 -12.76 -3.21 -55.23
CA ILE D 9 -11.62 -2.64 -54.54
C ILE D 9 -10.93 -3.76 -53.80
N GLY D 10 -9.64 -3.55 -53.45
CA GLY D 10 -8.74 -4.54 -52.84
C GLY D 10 -9.12 -5.23 -51.55
N VAL D 11 -8.24 -6.16 -51.12
CA VAL D 11 -8.39 -6.97 -49.92
C VAL D 11 -8.15 -6.22 -48.63
N LEU D 12 -7.36 -5.12 -48.65
CA LEU D 12 -7.11 -4.28 -47.48
C LEU D 12 -8.37 -3.59 -47.00
N PHE D 13 -9.18 -3.15 -47.98
CA PHE D 13 -10.49 -2.54 -47.85
C PHE D 13 -11.57 -3.42 -47.22
N VAL D 14 -12.51 -2.77 -46.53
CA VAL D 14 -13.71 -3.36 -45.97
C VAL D 14 -14.79 -2.31 -46.20
N ALA D 15 -15.92 -2.71 -46.81
CA ALA D 15 -16.98 -1.79 -47.17
C ALA D 15 -18.24 -2.08 -46.38
N ILE D 16 -18.95 -1.01 -45.97
CA ILE D 16 -20.20 -1.13 -45.24
C ILE D 16 -21.31 -1.52 -46.20
N VAL D 17 -21.92 -2.70 -45.99
CA VAL D 17 -22.98 -3.22 -46.83
C VAL D 17 -23.95 -3.83 -45.85
N GLU D 18 -24.57 -2.93 -45.06
CA GLU D 18 -25.40 -3.22 -43.91
C GLU D 18 -26.60 -4.12 -44.20
N THR D 19 -27.29 -3.93 -45.33
CA THR D 19 -28.49 -4.68 -45.69
C THR D 19 -28.28 -5.51 -46.94
N GLY D 20 -27.02 -5.84 -47.28
CA GLY D 20 -26.68 -6.65 -48.45
C GLY D 20 -25.73 -7.76 -48.09
N ILE D 21 -25.05 -8.32 -49.11
CA ILE D 21 -24.06 -9.38 -48.91
C ILE D 21 -22.85 -8.94 -48.11
N GLY D 22 -22.40 -9.77 -47.15
CA GLY D 22 -21.28 -9.47 -46.28
C GLY D 22 -20.29 -10.59 -46.28
N GLY D 23 -19.25 -10.47 -45.43
CA GLY D 23 -18.20 -11.46 -45.28
C GLY D 23 -17.14 -11.31 -46.33
N TYR D 24 -16.66 -12.44 -46.87
CA TYR D 24 -15.65 -12.49 -47.91
C TYR D 24 -16.31 -12.86 -49.23
N LEU D 25 -16.13 -12.03 -50.25
CA LEU D 25 -16.75 -12.25 -51.54
C LEU D 25 -15.83 -11.86 -52.69
N LEU D 26 -16.10 -12.42 -53.86
CA LEU D 26 -15.36 -12.19 -55.07
C LEU D 26 -16.08 -11.11 -55.87
N GLY D 27 -15.47 -9.92 -55.97
CA GLY D 27 -16.00 -8.77 -56.68
C GLY D 27 -15.34 -8.67 -58.02
N SER D 28 -16.06 -8.92 -59.13
CA SER D 28 -15.46 -8.91 -60.46
C SER D 28 -16.21 -8.08 -61.47
N ARG D 29 -15.48 -7.54 -62.46
CA ARG D 29 -16.08 -6.79 -63.56
C ARG D 29 -15.07 -6.69 -64.70
N LYS D 30 -15.52 -6.33 -65.91
CA LYS D 30 -14.62 -6.18 -67.04
C LYS D 30 -13.81 -4.90 -67.02
N GLU D 31 -12.52 -4.93 -67.45
CA GLU D 31 -11.70 -3.74 -67.53
C GLU D 31 -12.12 -2.88 -68.72
N SER D 32 -12.65 -1.68 -68.42
CA SER D 32 -13.25 -0.75 -69.38
C SER D 32 -14.45 -1.36 -70.09
N GLY D 33 -15.33 -2.06 -69.34
CA GLY D 33 -16.50 -2.69 -69.93
C GLY D 33 -17.53 -3.06 -68.89
N GLY D 34 -18.30 -4.13 -69.18
CA GLY D 34 -19.41 -4.69 -68.39
C GLY D 34 -19.31 -4.71 -66.88
N GLY D 35 -20.45 -4.36 -66.25
CA GLY D 35 -20.73 -4.27 -64.82
C GLY D 35 -20.35 -5.39 -63.87
N VAL D 36 -20.37 -5.02 -62.58
CA VAL D 36 -20.01 -5.83 -61.43
C VAL D 36 -20.85 -7.07 -61.14
N THR D 37 -20.14 -8.16 -60.80
CA THR D 37 -20.65 -9.43 -60.34
C THR D 37 -20.06 -9.64 -58.96
N LYS D 38 -20.88 -9.97 -57.95
CA LYS D 38 -20.45 -10.21 -56.58
C LYS D 38 -20.97 -11.55 -56.12
N GLU D 39 -20.12 -12.40 -55.51
CA GLU D 39 -20.50 -13.74 -55.13
C GLU D 39 -19.58 -14.27 -54.04
N SER D 40 -20.11 -15.14 -53.15
CA SER D 40 -19.41 -15.62 -51.97
C SER D 40 -18.09 -16.35 -52.22
N ALA D 41 -17.12 -16.12 -51.31
CA ALA D 41 -15.79 -16.69 -51.34
C ALA D 41 -15.61 -17.91 -50.45
N GLU D 42 -16.69 -18.56 -49.97
CA GLU D 42 -16.70 -19.76 -49.10
C GLU D 42 -15.76 -20.94 -49.45
N LYS D 43 -15.10 -20.94 -50.61
CA LYS D 43 -14.13 -21.96 -50.97
C LYS D 43 -12.72 -21.56 -50.59
N GLY D 44 -12.44 -20.24 -50.53
CA GLY D 44 -11.21 -19.69 -50.02
C GLY D 44 -11.27 -19.66 -48.51
N PHE D 45 -12.48 -19.37 -47.98
CA PHE D 45 -12.75 -19.26 -46.57
C PHE D 45 -12.31 -20.46 -45.71
N GLU D 46 -12.44 -21.73 -46.19
CA GLU D 46 -11.91 -22.95 -45.56
C GLU D 46 -10.49 -22.86 -44.97
N LYS D 47 -9.63 -22.00 -45.56
CA LYS D 47 -8.30 -21.68 -45.08
C LYS D 47 -8.39 -20.65 -43.95
N ILE D 48 -8.86 -19.42 -44.29
CA ILE D 48 -9.14 -18.30 -43.39
C ILE D 48 -9.80 -18.74 -42.08
N GLY D 49 -10.94 -19.47 -42.19
CA GLY D 49 -11.70 -20.07 -41.13
C GLY D 49 -10.91 -20.93 -40.19
N ASN D 50 -10.05 -21.84 -40.71
CA ASN D 50 -9.18 -22.67 -39.90
C ASN D 50 -8.13 -21.82 -39.16
N ASP D 51 -7.52 -20.84 -39.84
CA ASP D 51 -6.59 -19.89 -39.24
C ASP D 51 -7.25 -19.05 -38.15
N ILE D 52 -8.52 -18.60 -38.35
CA ILE D 52 -9.34 -17.94 -37.34
C ILE D 52 -9.48 -18.79 -36.09
N GLN D 53 -9.64 -20.12 -36.24
CA GLN D 53 -9.64 -21.06 -35.13
C GLN D 53 -8.29 -21.06 -34.40
N ILE D 54 -7.15 -21.22 -35.11
CA ILE D 54 -5.79 -21.07 -34.57
C ILE D 54 -5.57 -19.75 -33.79
N LEU D 55 -6.05 -18.62 -34.35
CA LEU D 55 -6.07 -17.31 -33.72
C LEU D 55 -6.89 -17.31 -32.42
N LYS D 56 -8.14 -17.81 -32.46
CA LYS D 56 -8.97 -18.02 -31.28
C LYS D 56 -8.32 -18.92 -30.21
N SER D 57 -7.56 -19.95 -30.63
CA SER D 57 -6.77 -20.81 -29.75
C SER D 57 -5.75 -20.02 -28.96
N SER D 58 -5.06 -19.07 -29.64
CA SER D 58 -4.13 -18.10 -29.05
C SER D 58 -4.83 -17.29 -27.97
N ILE D 59 -5.93 -16.59 -28.33
CA ILE D 59 -6.85 -15.91 -27.40
C ILE D 59 -7.15 -16.69 -26.11
N ASN D 60 -7.76 -17.89 -26.23
CA ASN D 60 -8.04 -18.85 -25.15
C ASN D 60 -6.92 -19.02 -24.14
N ILE D 61 -5.71 -19.35 -24.66
CA ILE D 61 -4.43 -19.45 -23.96
C ILE D 61 -4.14 -18.17 -23.19
N ALA D 62 -4.00 -17.03 -23.88
CA ALA D 62 -3.79 -15.72 -23.29
C ALA D 62 -4.80 -15.36 -22.17
N ILE D 63 -6.08 -15.74 -22.31
CA ILE D 63 -7.11 -15.62 -21.28
C ILE D 63 -6.84 -16.54 -20.09
N GLU D 64 -6.52 -17.84 -20.30
CA GLU D 64 -6.11 -18.78 -19.25
C GLU D 64 -4.92 -18.25 -18.45
N LYS D 65 -3.93 -17.70 -19.18
CA LYS D 65 -2.76 -17.02 -18.65
C LYS D 65 -3.03 -15.83 -17.73
N LEU D 66 -4.24 -15.22 -17.77
CA LEU D 66 -4.63 -14.11 -16.93
C LEU D 66 -5.51 -14.58 -15.78
N ASN D 67 -5.91 -15.87 -15.76
CA ASN D 67 -6.73 -16.45 -14.72
C ASN D 67 -5.82 -16.94 -13.60
N ASP D 68 -6.29 -16.95 -12.33
CA ASP D 68 -5.54 -17.33 -11.14
C ASP D 68 -4.12 -16.73 -11.01
N ARG D 69 -3.95 -15.41 -11.29
CA ARG D 69 -2.65 -14.77 -11.14
C ARG D 69 -2.27 -14.32 -9.74
N ILE D 70 -3.25 -14.10 -8.84
CA ILE D 70 -2.96 -13.68 -7.48
C ILE D 70 -2.68 -14.90 -6.63
N SER D 71 -1.65 -14.82 -5.75
CA SER D 71 -1.19 -15.96 -4.98
C SER D 71 -2.10 -16.32 -3.80
N HIS D 72 -1.89 -17.51 -3.22
CA HIS D 72 -2.71 -18.05 -2.13
C HIS D 72 -2.64 -17.24 -0.84
N ASP D 73 -3.82 -16.79 -0.35
CA ASP D 73 -3.97 -15.98 0.84
C ASP D 73 -4.23 -16.86 2.08
N GLU D 74 -3.96 -16.31 3.26
CA GLU D 74 -4.17 -16.93 4.55
C GLU D 74 -4.51 -15.86 5.59
N GLN D 75 -5.21 -14.76 5.20
CA GLN D 75 -5.58 -13.69 6.11
C GLN D 75 -6.38 -14.10 7.34
N ALA D 76 -5.73 -14.05 8.52
CA ALA D 76 -6.37 -14.34 9.78
C ALA D 76 -6.84 -13.08 10.50
N ILE D 77 -6.20 -11.93 10.25
CA ILE D 77 -6.56 -10.65 10.84
C ILE D 77 -7.92 -10.14 10.34
N ARG D 78 -8.68 -9.44 11.20
CA ARG D 78 -10.04 -9.03 10.88
C ARG D 78 -10.15 -7.63 10.30
N ASP D 79 -9.02 -6.93 10.12
CA ASP D 79 -8.97 -5.57 9.62
C ASP D 79 -9.09 -5.44 8.09
N LEU D 80 -9.64 -4.29 7.66
CA LEU D 80 -9.97 -3.98 6.28
C LEU D 80 -8.80 -3.61 5.37
N THR D 81 -8.80 -4.09 4.11
CA THR D 81 -7.76 -3.76 3.12
C THR D 81 -8.38 -3.23 1.83
N LEU D 82 -9.69 -2.92 1.82
CA LEU D 82 -10.42 -2.46 0.65
C LEU D 82 -9.81 -1.33 -0.17
N GLU D 83 -9.34 -0.24 0.48
CA GLU D 83 -8.63 0.87 -0.13
C GLU D 83 -7.33 0.46 -0.86
N ILE D 84 -6.70 -0.65 -0.43
CA ILE D 84 -5.49 -1.23 -0.99
C ILE D 84 -5.90 -2.09 -2.18
N GLU D 85 -6.83 -3.05 -1.98
CA GLU D 85 -7.45 -3.88 -3.01
C GLU D 85 -7.96 -3.04 -4.20
N ASN D 86 -8.61 -1.90 -3.89
CA ASN D 86 -9.08 -0.89 -4.83
C ASN D 86 -7.94 -0.37 -5.70
N ALA D 87 -6.84 0.14 -5.11
CA ALA D 87 -5.68 0.61 -5.83
C ALA D 87 -5.01 -0.47 -6.69
N ARG D 88 -5.01 -1.75 -6.25
CA ARG D 88 -4.55 -2.87 -7.05
C ARG D 88 -5.49 -3.17 -8.23
N SER D 89 -6.81 -3.08 -8.01
CA SER D 89 -7.84 -3.28 -9.03
C SER D 89 -7.77 -2.23 -10.11
N GLU D 90 -7.65 -0.93 -9.73
CA GLU D 90 -7.42 0.17 -10.65
C GLU D 90 -6.22 -0.01 -11.59
N ALA D 91 -5.12 -0.59 -11.06
CA ALA D 91 -3.93 -0.92 -11.83
C ALA D 91 -4.16 -2.07 -12.80
N LEU D 92 -4.60 -3.24 -12.28
CA LEU D 92 -4.95 -4.42 -13.06
C LEU D 92 -5.99 -4.19 -14.14
N LEU D 93 -6.97 -3.29 -13.90
CA LEU D 93 -7.95 -2.86 -14.87
C LEU D 93 -7.28 -2.11 -16.02
N GLY D 94 -6.39 -1.15 -15.69
CA GLY D 94 -5.55 -0.45 -16.67
C GLY D 94 -4.75 -1.37 -17.56
N GLU D 95 -4.04 -2.35 -16.95
CA GLU D 95 -3.30 -3.42 -17.64
C GLU D 95 -4.14 -4.21 -18.63
N LEU D 96 -5.36 -4.60 -18.22
CA LEU D 96 -6.35 -5.30 -19.03
C LEU D 96 -6.77 -4.51 -20.26
N GLY D 97 -6.96 -3.19 -20.12
CA GLY D 97 -7.21 -2.26 -21.22
C GLY D 97 -6.17 -2.33 -22.32
N ILE D 98 -4.89 -2.13 -21.94
CA ILE D 98 -3.73 -2.21 -22.82
C ILE D 98 -3.62 -3.52 -23.59
N ILE D 99 -3.60 -4.66 -22.88
CA ILE D 99 -3.48 -5.99 -23.50
C ILE D 99 -4.67 -6.36 -24.38
N ARG D 100 -5.82 -5.68 -24.23
CA ARG D 100 -6.94 -5.85 -25.11
C ARG D 100 -6.65 -5.19 -26.45
N ALA D 101 -6.28 -3.90 -26.46
CA ALA D 101 -5.86 -3.21 -27.68
C ALA D 101 -4.70 -3.89 -28.44
N LEU D 102 -3.64 -4.31 -27.72
CA LEU D 102 -2.54 -5.12 -28.22
C LEU D 102 -2.95 -6.44 -28.87
N LEU D 103 -3.91 -7.15 -28.24
CA LEU D 103 -4.41 -8.42 -28.72
C LEU D 103 -5.20 -8.23 -30.00
N VAL D 104 -6.10 -7.23 -30.04
CA VAL D 104 -6.90 -6.89 -31.20
C VAL D 104 -6.06 -6.63 -32.44
N GLY D 105 -5.01 -5.77 -32.33
CA GLY D 105 -4.06 -5.57 -33.42
C GLY D 105 -3.33 -6.80 -33.90
N ASN D 106 -2.75 -7.59 -32.96
CA ASN D 106 -2.04 -8.83 -33.25
C ASN D 106 -2.91 -9.86 -34.00
N ILE D 107 -4.15 -10.04 -33.51
CA ILE D 107 -5.18 -10.87 -34.15
C ILE D 107 -5.48 -10.35 -35.56
N SER D 108 -5.91 -9.07 -35.69
CA SER D 108 -6.12 -8.37 -36.95
C SER D 108 -5.05 -8.63 -38.01
N ILE D 109 -3.79 -8.26 -37.70
CA ILE D 109 -2.58 -8.53 -38.48
C ILE D 109 -2.46 -9.97 -38.94
N GLY D 110 -2.48 -10.94 -37.99
CA GLY D 110 -2.38 -12.37 -38.32
C GLY D 110 -3.50 -12.88 -39.20
N LEU D 111 -4.70 -12.31 -39.06
CA LEU D 111 -5.84 -12.60 -39.91
C LEU D 111 -5.57 -12.11 -41.33
N GLN D 112 -5.12 -10.85 -41.49
CA GLN D 112 -4.75 -10.25 -42.77
C GLN D 112 -3.70 -11.06 -43.54
N GLU D 113 -2.62 -11.50 -42.87
CA GLU D 113 -1.62 -12.41 -43.44
C GLU D 113 -2.15 -13.74 -44.00
N SER D 114 -3.35 -14.21 -43.57
CA SER D 114 -3.95 -15.44 -44.06
C SER D 114 -4.70 -15.17 -45.34
N LEU D 115 -5.05 -13.89 -45.59
CA LEU D 115 -5.62 -13.46 -46.85
C LEU D 115 -4.50 -13.34 -47.89
N TRP D 116 -3.26 -13.01 -47.45
CA TRP D 116 -2.11 -13.04 -48.33
C TRP D 116 -1.65 -14.44 -48.74
N GLU D 117 -2.00 -15.48 -47.95
CA GLU D 117 -1.79 -16.87 -48.33
C GLU D 117 -2.69 -17.33 -49.46
N LEU D 118 -3.90 -16.73 -49.59
CA LEU D 118 -4.82 -17.00 -50.68
C LEU D 118 -4.29 -16.47 -51.99
N ALA D 119 -3.87 -15.18 -52.02
CA ALA D 119 -3.16 -14.52 -53.13
C ALA D 119 -2.12 -15.43 -53.77
N SER D 120 -1.04 -15.74 -53.00
CA SER D 120 0.00 -16.72 -53.29
C SER D 120 -0.48 -18.03 -53.93
N GLU D 121 -1.48 -18.71 -53.33
CA GLU D 121 -2.08 -19.93 -53.85
C GLU D 121 -2.80 -19.77 -55.17
N ILE D 122 -3.63 -18.71 -55.31
CA ILE D 122 -4.35 -18.37 -56.53
C ILE D 122 -3.39 -18.01 -57.66
N THR D 123 -2.38 -17.17 -57.38
CA THR D 123 -1.29 -16.83 -58.29
C THR D 123 -0.49 -18.05 -58.74
N ASN D 124 -0.16 -18.96 -57.80
CA ASN D 124 0.50 -20.23 -58.06
C ASN D 124 -0.29 -21.17 -58.97
N ARG D 125 -1.63 -21.21 -58.83
CA ARG D 125 -2.54 -22.01 -59.63
C ARG D 125 -2.47 -21.77 -61.14
N ALA D 126 -2.30 -20.52 -61.59
CA ALA D 126 -2.09 -20.23 -63.00
C ALA D 126 -1.05 -19.13 -63.19
N GLY D 127 0.06 -19.41 -63.93
CA GLY D 127 1.13 -18.44 -64.20
C GLY D 127 0.73 -17.12 -64.82
N ASP D 128 -0.25 -17.13 -65.75
CA ASP D 128 -0.79 -15.95 -66.38
C ASP D 128 -1.66 -15.10 -65.42
N LEU D 129 -1.99 -15.62 -64.22
CA LEU D 129 -2.76 -14.92 -63.20
C LEU D 129 -1.88 -13.90 -62.45
N ALA D 130 -0.53 -13.98 -62.59
CA ALA D 130 0.40 -13.05 -61.99
C ALA D 130 0.45 -11.72 -62.75
N VAL D 131 -0.06 -10.64 -62.12
CA VAL D 131 -0.14 -9.33 -62.74
C VAL D 131 -0.29 -8.24 -61.67
N GLU D 132 0.13 -7.00 -61.97
CA GLU D 132 0.08 -5.87 -61.05
C GLU D 132 -1.23 -5.10 -61.28
N VAL D 133 -2.11 -5.04 -60.26
CA VAL D 133 -3.42 -4.40 -60.41
C VAL D 133 -3.78 -3.47 -59.26
N SER D 134 -4.15 -4.00 -58.07
CA SER D 134 -4.53 -3.23 -56.92
C SER D 134 -4.36 -4.21 -55.77
N PRO D 135 -4.08 -3.87 -54.51
CA PRO D 135 -3.83 -4.83 -53.43
C PRO D 135 -4.95 -5.85 -53.20
N GLY D 136 -4.80 -7.11 -53.66
CA GLY D 136 -5.82 -8.14 -53.50
C GLY D 136 -6.79 -8.19 -54.66
N CYS D 137 -6.39 -7.60 -55.80
CA CYS D 137 -7.12 -7.65 -57.04
C CYS D 137 -6.17 -8.17 -58.09
N TRP D 138 -6.69 -8.91 -59.07
CA TRP D 138 -5.92 -9.48 -60.14
C TRP D 138 -6.72 -9.36 -61.42
N ILE D 139 -6.05 -9.49 -62.58
CA ILE D 139 -6.69 -9.37 -63.88
C ILE D 139 -6.39 -10.64 -64.64
N ILE D 140 -7.41 -11.22 -65.28
CA ILE D 140 -7.24 -12.44 -66.07
C ILE D 140 -8.00 -12.23 -67.36
N ASP D 141 -7.77 -13.09 -68.36
CA ASP D 141 -8.40 -12.96 -69.65
C ASP D 141 -9.31 -14.15 -69.92
N ASN D 142 -10.58 -13.88 -70.24
CA ASN D 142 -11.56 -14.94 -70.47
C ASN D 142 -11.40 -15.55 -71.87
N ASN D 143 -10.59 -14.94 -72.77
CA ASN D 143 -10.22 -15.58 -74.03
C ASN D 143 -9.37 -16.81 -73.76
N ILE D 144 -8.39 -16.64 -72.84
CA ILE D 144 -7.46 -17.65 -72.40
C ILE D 144 -8.07 -18.67 -71.45
N CYS D 145 -8.81 -18.22 -70.43
CA CYS D 145 -9.36 -19.11 -69.41
C CYS D 145 -10.87 -18.99 -69.27
N ASP D 146 -11.58 -20.13 -69.45
CA ASP D 146 -13.02 -20.22 -69.31
C ASP D 146 -13.41 -20.45 -67.85
N GLN D 147 -14.72 -20.65 -67.60
CA GLN D 147 -15.30 -21.00 -66.31
C GLN D 147 -14.55 -22.10 -65.59
N SER D 148 -14.38 -23.26 -66.25
CA SER D 148 -13.58 -24.41 -65.82
C SER D 148 -12.33 -24.08 -65.03
N CYS D 149 -11.32 -23.49 -65.69
CA CYS D 149 -10.09 -23.09 -65.05
C CYS D 149 -10.24 -21.98 -64.03
N GLN D 150 -11.13 -20.98 -64.24
CA GLN D 150 -11.46 -19.96 -63.26
C GLN D 150 -11.96 -20.53 -61.93
N ASN D 151 -12.90 -21.48 -62.06
CA ASN D 151 -13.53 -22.27 -61.03
C ASN D 151 -12.48 -23.09 -60.28
N PHE D 152 -11.49 -23.66 -61.00
CA PHE D 152 -10.29 -24.22 -60.39
C PHE D 152 -9.43 -23.18 -59.65
N ILE D 153 -8.92 -22.16 -60.37
CA ILE D 153 -8.06 -21.07 -59.91
C ILE D 153 -8.44 -20.40 -58.59
N PHE D 154 -9.66 -19.85 -58.48
CA PHE D 154 -10.05 -19.13 -57.26
C PHE D 154 -11.32 -19.65 -56.59
N LYS D 155 -11.97 -20.71 -57.09
CA LYS D 155 -13.13 -21.28 -56.41
C LYS D 155 -12.83 -22.70 -55.95
N PHE D 156 -11.58 -23.17 -56.11
CA PHE D 156 -11.05 -24.42 -55.60
C PHE D 156 -11.88 -25.65 -55.95
N ASN D 157 -12.27 -25.78 -57.25
CA ASN D 157 -13.13 -26.85 -57.70
C ASN D 157 -12.44 -27.75 -58.71
N GLU D 158 -11.12 -27.54 -58.90
CA GLU D 158 -10.17 -28.30 -59.70
C GLU D 158 -10.52 -28.66 -61.15
N THR D 159 -11.62 -28.11 -61.69
CA THR D 159 -12.06 -28.30 -63.06
C THR D 159 -11.10 -27.79 -64.11
N ALA D 160 -10.78 -28.64 -65.12
CA ALA D 160 -9.94 -28.38 -66.29
C ALA D 160 -9.02 -27.15 -66.33
N PRO D 161 -7.78 -27.21 -65.82
CA PRO D 161 -6.81 -26.12 -65.81
C PRO D 161 -6.54 -25.43 -67.14
N VAL D 162 -6.09 -24.15 -67.07
CA VAL D 162 -5.88 -23.30 -68.23
C VAL D 162 -4.80 -23.79 -69.24
N PRO D 163 -5.06 -23.86 -70.54
CA PRO D 163 -4.04 -24.27 -71.51
C PRO D 163 -3.31 -23.05 -72.06
N THR D 164 -2.01 -23.18 -72.37
CA THR D 164 -1.19 -22.07 -72.87
C THR D 164 -0.98 -22.07 -74.38
N ILE D 165 -1.57 -23.02 -75.13
CA ILE D 165 -1.39 -23.07 -76.56
C ILE D 165 -2.64 -23.65 -77.26
N GLU E 1 12.58 8.61 -73.57
CA GLU E 1 13.67 8.14 -72.67
C GLU E 1 13.14 7.85 -71.27
N LYS E 2 13.64 6.79 -70.60
CA LYS E 2 13.17 6.43 -69.28
C LYS E 2 13.71 7.34 -68.18
N ILE E 3 12.82 7.85 -67.32
CA ILE E 3 13.19 8.71 -66.21
C ILE E 3 12.67 8.08 -64.92
N LYS E 4 13.50 8.05 -63.85
CA LYS E 4 13.15 7.47 -62.58
C LYS E 4 12.74 8.57 -61.62
N ILE E 5 11.58 8.40 -60.99
CA ILE E 5 10.95 9.34 -60.09
C ILE E 5 10.84 8.66 -58.73
N CYS E 6 11.08 9.37 -57.63
CA CYS E 6 10.97 8.80 -56.29
C CYS E 6 10.32 9.81 -55.38
N LEU E 7 9.40 9.34 -54.50
CA LEU E 7 8.84 10.18 -53.46
C LEU E 7 9.76 10.17 -52.26
N GLN E 8 10.53 11.26 -52.07
CA GLN E 8 11.57 11.34 -51.08
C GLN E 8 11.15 12.09 -49.83
N LYS E 9 11.66 11.65 -48.67
CA LYS E 9 11.45 12.33 -47.41
C LYS E 9 12.81 12.85 -46.97
N GLN E 10 12.90 14.13 -46.56
CA GLN E 10 14.15 14.72 -46.13
C GLN E 10 13.88 15.52 -44.87
N VAL E 11 14.68 15.32 -43.81
CA VAL E 11 14.44 15.98 -42.54
C VAL E 11 15.43 17.11 -42.32
N ASN E 12 14.90 18.29 -41.95
CA ASN E 12 15.59 19.56 -42.03
C ASN E 12 15.57 20.40 -40.78
N SER E 13 16.64 21.19 -40.56
CA SER E 13 16.77 22.25 -39.58
C SER E 13 16.68 21.82 -38.12
N SER E 14 15.50 21.92 -37.48
CA SER E 14 15.29 21.53 -36.09
C SER E 14 14.40 20.31 -36.07
N PHE E 15 14.85 19.21 -35.46
CA PHE E 15 14.07 17.99 -35.40
C PHE E 15 14.42 17.12 -34.20
N SER E 16 13.41 16.37 -33.72
CA SER E 16 13.44 15.46 -32.59
C SER E 16 13.12 14.07 -33.09
N LEU E 17 13.79 13.02 -32.58
CA LEU E 17 13.58 11.65 -33.04
C LEU E 17 12.88 10.87 -31.94
N HIS E 18 11.55 10.77 -32.05
CA HIS E 18 10.72 10.07 -31.10
C HIS E 18 10.78 8.57 -31.36
N ASN E 19 11.23 7.82 -30.35
CA ASN E 19 11.47 6.39 -30.43
C ASN E 19 10.23 5.56 -30.06
N GLY E 20 9.93 4.47 -30.80
CA GLY E 20 8.73 3.66 -30.57
C GLY E 20 8.94 2.17 -30.68
N PHE E 21 7.81 1.44 -30.86
CA PHE E 21 7.74 0.02 -31.12
C PHE E 21 6.99 -0.08 -32.44
N GLY E 22 7.65 -0.52 -33.52
CA GLY E 22 7.09 -0.55 -34.87
C GLY E 22 7.33 0.79 -35.51
N GLY E 23 8.57 1.03 -35.97
CA GLY E 23 9.00 2.32 -36.51
C GLY E 23 9.18 3.42 -35.48
N ASN E 24 10.03 4.41 -35.82
CA ASN E 24 10.28 5.57 -34.98
C ASN E 24 9.62 6.73 -35.69
N LEU E 25 9.76 7.97 -35.19
CA LEU E 25 9.11 9.10 -35.81
C LEU E 25 9.96 10.35 -35.63
N TYR E 26 10.14 11.14 -36.69
CA TYR E 26 10.82 12.43 -36.59
C TYR E 26 9.78 13.52 -36.49
N ALA E 27 10.05 14.59 -35.73
CA ALA E 27 9.14 15.71 -35.66
C ALA E 27 9.95 16.99 -35.49
N THR E 28 9.45 18.15 -35.94
CA THR E 28 10.23 19.39 -35.86
C THR E 28 10.12 20.10 -34.54
N GLU E 29 8.98 19.95 -33.84
CA GLU E 29 8.79 20.52 -32.53
C GLU E 29 8.19 19.44 -31.66
N GLU E 30 8.10 19.68 -30.35
CA GLU E 30 7.61 18.70 -29.42
C GLU E 30 7.12 19.44 -28.19
N LYS E 31 6.11 18.91 -27.51
CA LYS E 31 5.50 19.56 -26.36
C LYS E 31 5.03 18.54 -25.34
N ARG E 32 4.74 18.95 -24.09
CA ARG E 32 4.38 17.99 -23.04
C ARG E 32 2.96 17.43 -23.16
N MET E 33 2.80 16.12 -22.84
CA MET E 33 1.52 15.41 -22.85
C MET E 33 0.48 15.97 -21.89
N PHE E 34 0.89 16.28 -20.65
CA PHE E 34 0.06 16.86 -19.63
C PHE E 34 0.82 18.00 -19.00
N GLU E 35 0.07 18.93 -18.40
CA GLU E 35 0.60 20.09 -17.73
C GLU E 35 0.27 19.93 -16.26
N LEU E 36 1.24 20.17 -15.36
CA LEU E 36 1.03 20.05 -13.93
C LEU E 36 0.05 21.08 -13.38
N VAL E 37 -0.92 20.64 -12.56
CA VAL E 37 -1.91 21.52 -11.99
C VAL E 37 -1.38 22.04 -10.65
N LYS E 38 -1.89 23.19 -10.18
CA LYS E 38 -1.46 23.79 -8.95
C LYS E 38 -2.65 23.96 -8.02
N PRO E 39 -2.51 23.82 -6.70
CA PRO E 39 -3.59 24.10 -5.78
C PRO E 39 -3.59 25.60 -5.50
N LYS E 40 -4.75 26.24 -5.53
CA LYS E 40 -4.88 27.65 -5.28
C LYS E 40 -5.29 27.90 -3.85
N ALA E 41 -4.65 28.89 -3.20
CA ALA E 41 -4.90 29.27 -1.82
C ALA E 41 -6.34 29.69 -1.54
N GLY E 42 -6.79 29.47 -0.28
CA GLY E 42 -8.15 29.80 0.11
C GLY E 42 -9.09 28.63 0.07
N ALA E 43 -10.40 28.94 0.09
CA ALA E 43 -11.45 27.95 0.21
C ALA E 43 -12.34 27.93 -1.01
N SER E 44 -12.81 26.74 -1.40
CA SER E 44 -13.71 26.54 -2.52
C SER E 44 -14.48 25.28 -2.20
N VAL E 45 -15.43 24.89 -3.06
CA VAL E 45 -16.32 23.78 -2.79
C VAL E 45 -16.46 22.91 -4.01
N LEU E 46 -16.78 21.62 -3.80
CA LEU E 46 -17.14 20.71 -4.87
C LEU E 46 -18.63 20.87 -5.14
N ASN E 47 -19.09 20.62 -6.38
CA ASN E 47 -20.50 20.70 -6.80
C ASN E 47 -21.19 22.07 -6.75
N GLN E 48 -20.67 23.06 -5.99
CA GLN E 48 -21.13 24.45 -5.86
C GLN E 48 -22.63 24.61 -5.58
N SER E 49 -23.24 23.58 -4.98
CA SER E 49 -24.65 23.57 -4.69
C SER E 49 -25.03 22.71 -3.49
N THR E 50 -24.22 21.70 -3.13
CA THR E 50 -24.47 20.81 -1.99
C THR E 50 -23.82 21.27 -0.70
N TRP E 51 -23.60 22.59 -0.55
CA TRP E 51 -22.90 23.16 0.58
C TRP E 51 -23.74 24.21 1.29
N ILE E 52 -23.42 24.44 2.58
CA ILE E 52 -24.17 25.34 3.45
C ILE E 52 -23.15 25.97 4.38
N GLY E 53 -23.38 27.22 4.82
CA GLY E 53 -22.48 27.92 5.72
C GLY E 53 -23.18 28.45 6.93
N PHE E 54 -22.45 28.60 8.05
CA PHE E 54 -22.95 29.22 9.26
C PHE E 54 -22.18 30.49 9.49
N GLY E 55 -22.89 31.63 9.52
CA GLY E 55 -22.28 32.95 9.48
C GLY E 55 -22.39 33.80 10.71
N ASP E 56 -21.71 34.95 10.61
CA ASP E 56 -21.51 35.98 11.59
C ASP E 56 -22.05 37.31 11.06
N SER E 57 -21.29 38.42 11.26
CA SER E 57 -21.60 39.76 10.78
C SER E 57 -20.94 40.08 9.45
N ARG E 58 -19.95 39.28 9.02
CA ARG E 58 -19.14 39.54 7.84
C ARG E 58 -19.58 38.68 6.68
N THR E 59 -20.57 37.81 6.95
CA THR E 59 -21.24 36.95 5.98
C THR E 59 -22.72 37.29 5.93
N ASP E 60 -23.16 38.35 6.64
CA ASP E 60 -24.54 38.74 6.75
C ASP E 60 -25.02 39.63 5.60
N LYS E 61 -26.02 39.15 4.84
CA LYS E 61 -26.62 39.87 3.72
C LYS E 61 -27.48 41.05 4.18
N SER E 62 -27.84 41.11 5.48
CA SER E 62 -28.68 42.17 6.03
C SER E 62 -27.83 43.27 6.65
N ASN E 63 -26.49 43.12 6.63
CA ASN E 63 -25.54 44.14 7.04
C ASN E 63 -25.65 45.38 6.14
N SER E 64 -25.90 46.57 6.74
CA SER E 64 -26.12 47.84 6.04
C SER E 64 -25.00 48.22 5.10
N ALA E 65 -23.74 47.98 5.53
CA ALA E 65 -22.55 48.27 4.79
C ALA E 65 -21.98 47.03 4.15
N PHE E 66 -22.82 46.00 3.81
CA PHE E 66 -22.42 44.65 3.37
C PHE E 66 -21.21 44.59 2.43
N PRO E 67 -21.18 44.92 1.14
CA PRO E 67 -19.97 44.85 0.27
C PRO E 67 -18.63 45.15 0.96
N ARG E 68 -18.55 46.31 1.64
CA ARG E 68 -17.44 46.78 2.46
C ARG E 68 -17.08 45.83 3.60
N SER E 69 -18.04 45.66 4.55
CA SER E 69 -18.00 44.78 5.70
C SER E 69 -17.77 43.31 5.42
N ALA E 70 -18.07 42.83 4.19
CA ALA E 70 -18.05 41.44 3.85
C ALA E 70 -16.66 40.87 3.58
N ASP E 71 -16.38 39.68 4.13
CA ASP E 71 -15.15 38.95 3.84
C ASP E 71 -15.41 37.93 2.74
N VAL E 72 -16.64 37.96 2.19
CA VAL E 72 -17.13 37.06 1.16
C VAL E 72 -17.86 37.86 0.10
N SER E 73 -18.16 37.22 -1.05
CA SER E 73 -18.98 37.82 -2.10
C SER E 73 -20.45 37.72 -1.74
N ALA E 74 -21.35 38.32 -2.55
CA ALA E 74 -22.77 38.20 -2.33
C ALA E 74 -23.25 36.80 -2.66
N LYS E 75 -22.88 36.28 -3.85
CA LYS E 75 -23.02 34.91 -4.31
C LYS E 75 -22.69 33.85 -3.26
N THR E 76 -21.49 33.95 -2.65
CA THR E 76 -21.00 33.09 -1.58
C THR E 76 -21.88 33.15 -0.33
N ALA E 77 -22.12 34.39 0.17
CA ALA E 77 -22.97 34.73 1.30
C ALA E 77 -24.38 34.13 1.25
N ASP E 78 -24.98 33.96 0.05
CA ASP E 78 -26.31 33.40 -0.16
C ASP E 78 -26.49 32.02 0.46
N LYS E 79 -25.42 31.19 0.50
CA LYS E 79 -25.46 29.85 1.05
C LYS E 79 -25.27 29.83 2.57
N PHE E 80 -25.13 31.00 3.21
CA PHE E 80 -24.89 31.12 4.63
C PHE E 80 -26.14 31.35 5.44
N ARG E 81 -26.10 30.94 6.72
CA ARG E 81 -27.14 31.13 7.68
C ARG E 81 -26.47 31.97 8.74
N PHE E 82 -26.66 33.28 8.56
CA PHE E 82 -25.96 34.37 9.20
C PHE E 82 -26.84 35.23 10.06
N LEU E 83 -26.20 36.13 10.83
CA LEU E 83 -26.82 37.08 11.71
C LEU E 83 -25.71 37.85 12.41
N SER E 84 -25.65 39.18 12.18
CA SER E 84 -24.63 40.04 12.75
C SER E 84 -24.56 40.01 14.28
N GLY E 85 -23.35 39.71 14.80
CA GLY E 85 -23.06 39.56 16.22
C GLY E 85 -23.21 38.14 16.69
N GLY E 86 -23.78 37.27 15.85
CA GLY E 86 -24.03 35.86 16.14
C GLY E 86 -22.84 34.97 16.34
N SER E 87 -23.07 33.85 17.03
CA SER E 87 -22.08 32.82 17.24
C SER E 87 -22.81 31.56 17.65
N LEU E 88 -22.32 30.38 17.23
CA LEU E 88 -22.84 29.09 17.64
C LEU E 88 -22.76 28.92 19.15
N MET E 89 -21.61 29.32 19.74
CA MET E 89 -21.40 29.31 21.17
C MET E 89 -22.34 30.26 21.89
N LEU E 90 -22.65 31.45 21.31
CA LEU E 90 -23.61 32.37 21.93
C LEU E 90 -25.02 31.81 21.94
N SER E 91 -25.45 31.09 20.89
CA SER E 91 -26.76 30.45 20.90
C SER E 91 -26.79 29.17 21.71
N MET E 92 -25.65 28.45 21.82
CA MET E 92 -25.53 27.25 22.64
C MET E 92 -25.74 27.50 24.11
N PHE E 93 -25.10 28.54 24.67
CA PHE E 93 -25.17 28.80 26.10
C PHE E 93 -26.04 29.98 26.47
N GLY E 94 -26.45 30.83 25.50
CA GLY E 94 -27.29 32.01 25.70
C GLY E 94 -26.93 32.93 26.84
N PRO E 95 -25.74 33.50 26.98
CA PRO E 95 -25.41 34.39 28.10
C PRO E 95 -26.23 35.70 28.05
N PRO E 96 -26.75 36.25 29.16
CA PRO E 96 -27.53 37.48 29.14
C PRO E 96 -26.72 38.68 28.66
N GLY E 97 -27.32 39.56 27.84
CA GLY E 97 -26.64 40.74 27.31
C GLY E 97 -25.85 40.46 26.06
N LYS E 98 -26.30 39.46 25.28
CA LYS E 98 -25.71 39.06 24.02
C LYS E 98 -26.82 38.52 23.13
N VAL E 99 -26.57 38.44 21.81
CA VAL E 99 -27.53 37.96 20.82
C VAL E 99 -27.73 36.44 20.89
N ASP E 100 -28.87 35.98 20.35
CA ASP E 100 -29.29 34.60 20.43
C ASP E 100 -29.94 34.29 19.08
N TYR E 101 -29.71 33.10 18.49
CA TYR E 101 -30.17 32.83 17.15
C TYR E 101 -30.33 31.34 16.89
N LEU E 102 -31.31 30.95 16.04
CA LEU E 102 -31.57 29.58 15.71
C LEU E 102 -30.79 29.14 14.47
N TYR E 103 -29.49 28.80 14.65
CA TYR E 103 -28.67 28.24 13.59
C TYR E 103 -29.12 26.83 13.18
N GLN E 104 -29.27 26.57 11.86
CA GLN E 104 -29.72 25.28 11.37
C GLN E 104 -29.61 25.20 9.85
N GLY E 105 -29.49 23.98 9.30
CA GLY E 105 -29.43 23.74 7.87
C GLY E 105 -28.88 22.39 7.54
N CYS E 106 -28.86 22.02 6.24
CA CYS E 106 -28.34 20.74 5.79
C CYS E 106 -27.36 20.94 4.64
N GLY E 107 -26.47 19.96 4.41
CA GLY E 107 -25.56 19.99 3.28
C GLY E 107 -24.42 19.01 3.42
N LYS E 108 -23.84 18.60 2.29
CA LYS E 108 -22.67 17.73 2.22
C LYS E 108 -21.44 18.37 2.85
N HIS E 109 -21.23 19.68 2.56
CA HIS E 109 -20.10 20.44 3.03
C HIS E 109 -20.58 21.62 3.85
N LYS E 110 -20.11 21.70 5.11
CA LYS E 110 -20.50 22.74 6.05
C LYS E 110 -19.36 23.73 6.24
N VAL E 111 -19.61 25.05 6.11
CA VAL E 111 -18.60 26.08 6.21
C VAL E 111 -18.82 26.98 7.43
N PHE E 112 -17.89 26.97 8.41
CA PHE E 112 -17.99 27.74 9.63
C PHE E 112 -17.11 28.99 9.66
N TYR E 113 -17.67 30.17 10.02
CA TYR E 113 -16.86 31.35 10.33
C TYR E 113 -17.13 31.75 11.79
N GLU E 114 -17.61 30.78 12.58
CA GLU E 114 -17.88 30.86 14.00
C GLU E 114 -16.70 31.21 14.90
N GLY E 115 -16.94 31.95 16.00
CA GLY E 115 -15.95 32.16 17.05
C GLY E 115 -15.72 33.56 17.56
N VAL E 116 -15.49 34.56 16.68
CA VAL E 116 -15.08 35.90 17.09
C VAL E 116 -15.94 36.63 18.13
N ASN E 117 -17.28 36.44 18.08
CA ASN E 117 -18.26 37.00 19.00
C ASN E 117 -18.22 36.49 20.43
N TRP E 118 -17.48 35.39 20.71
CA TRP E 118 -17.23 34.99 22.09
C TRP E 118 -15.74 34.75 22.24
N SER E 119 -14.97 35.83 22.09
CA SER E 119 -13.54 35.86 22.32
C SER E 119 -13.31 36.58 23.63
N PRO E 120 -12.14 36.60 24.28
CA PRO E 120 -11.87 37.30 25.54
C PRO E 120 -12.43 38.71 25.65
N HIS E 121 -12.48 39.48 24.55
CA HIS E 121 -13.06 40.81 24.49
C HIS E 121 -14.50 40.89 25.00
N ALA E 122 -15.37 39.95 24.56
CA ALA E 122 -16.79 39.80 24.95
C ALA E 122 -17.12 39.86 26.45
N ALA E 123 -16.12 39.57 27.31
CA ALA E 123 -16.16 39.68 28.76
C ALA E 123 -17.32 39.05 29.54
N ILE E 124 -17.71 37.81 29.18
CA ILE E 124 -18.65 37.01 29.95
C ILE E 124 -17.98 36.51 31.23
N ASN E 125 -18.63 36.65 32.40
CA ASN E 125 -18.03 36.24 33.66
C ASN E 125 -19.06 35.59 34.57
N CYS E 126 -19.95 34.75 33.99
CA CYS E 126 -20.96 34.01 34.75
C CYS E 126 -20.34 32.83 35.51
N TYR E 127 -19.50 33.15 36.51
CA TYR E 127 -18.72 32.22 37.32
C TYR E 127 -17.63 31.53 36.50
N ARG E 128 -17.03 32.25 35.53
CA ARG E 128 -16.00 31.70 34.67
C ARG E 128 -15.62 32.84 33.73
N LYS E 129 -14.37 33.36 33.81
CA LYS E 129 -13.95 34.46 32.96
C LYS E 129 -13.27 33.98 31.68
N ASN E 130 -12.41 32.94 31.77
CA ASN E 130 -11.75 32.39 30.62
C ASN E 130 -12.60 31.29 30.00
N TRP E 131 -13.30 31.62 28.91
CA TRP E 131 -14.14 30.67 28.19
C TRP E 131 -13.41 29.75 27.23
N THR E 132 -12.13 30.05 26.91
CA THR E 132 -11.34 29.39 25.87
C THR E 132 -11.39 27.87 25.78
N ASP E 133 -11.14 27.15 26.90
CA ASP E 133 -11.24 25.69 26.96
C ASP E 133 -12.63 25.16 26.61
N ILE E 134 -13.70 25.77 27.17
CA ILE E 134 -15.08 25.43 26.87
C ILE E 134 -15.42 25.65 25.40
N LYS E 135 -15.04 26.83 24.86
CA LYS E 135 -15.13 27.19 23.46
C LYS E 135 -14.48 26.18 22.52
N LEU E 136 -13.20 25.89 22.76
CA LEU E 136 -12.38 24.87 22.11
C LEU E 136 -13.06 23.52 22.03
N ASN E 137 -13.35 22.93 23.21
CA ASN E 137 -14.00 21.65 23.36
C ASN E 137 -15.38 21.59 22.69
N PHE E 138 -16.18 22.66 22.84
CA PHE E 138 -17.45 22.82 22.15
C PHE E 138 -17.29 22.78 20.62
N GLN E 139 -16.41 23.64 20.06
CA GLN E 139 -16.05 23.63 18.65
C GLN E 139 -15.57 22.28 18.14
N LYS E 140 -14.61 21.64 18.86
CA LYS E 140 -14.10 20.31 18.55
C LYS E 140 -15.18 19.27 18.33
N ASN E 141 -16.21 19.27 19.21
CA ASN E 141 -17.36 18.38 19.14
C ASN E 141 -18.29 18.77 18.00
N ILE E 142 -18.59 20.08 17.81
CA ILE E 142 -19.35 20.59 16.67
C ILE E 142 -18.77 20.14 15.33
N TYR E 143 -17.43 20.30 15.14
CA TYR E 143 -16.70 19.87 13.97
C TYR E 143 -16.77 18.37 13.75
N GLU E 144 -16.52 17.58 14.81
CA GLU E 144 -16.61 16.13 14.83
C GLU E 144 -17.97 15.62 14.36
N LEU E 145 -19.05 15.98 15.07
CA LEU E 145 -20.40 15.63 14.69
C LEU E 145 -20.84 16.16 13.32
N ALA E 146 -20.43 17.40 12.94
CA ALA E 146 -20.73 17.99 11.65
C ALA E 146 -20.10 17.27 10.47
N SER E 147 -18.83 16.82 10.57
CA SER E 147 -18.18 16.08 9.49
C SER E 147 -18.67 14.63 9.38
N GLN E 148 -19.68 14.29 10.19
CA GLN E 148 -20.35 13.00 10.22
C GLN E 148 -21.86 13.14 10.12
N SER E 149 -22.37 14.33 9.75
CA SER E 149 -23.80 14.57 9.61
C SER E 149 -24.15 15.27 8.34
N HIS E 150 -25.42 15.15 7.90
CA HIS E 150 -25.89 15.87 6.74
C HIS E 150 -26.71 17.06 7.17
N CYS E 151 -27.52 16.92 8.24
CA CYS E 151 -28.32 18.02 8.80
C CYS E 151 -27.95 18.31 10.24
N MET E 152 -28.08 19.58 10.64
CA MET E 152 -27.80 20.02 12.00
C MET E 152 -28.65 21.22 12.37
N SER E 153 -29.04 21.34 13.66
CA SER E 153 -29.84 22.46 14.15
C SER E 153 -29.58 22.69 15.61
N LEU E 154 -29.61 23.97 16.03
CA LEU E 154 -29.60 24.37 17.43
C LEU E 154 -30.95 24.00 18.04
N VAL E 155 -30.98 23.59 19.31
CA VAL E 155 -32.15 23.28 20.09
C VAL E 155 -32.17 24.26 21.25
N ASN E 156 -33.02 25.30 21.14
CA ASN E 156 -33.06 26.44 22.06
C ASN E 156 -33.98 26.24 23.26
N ALA E 157 -34.79 25.15 23.27
CA ALA E 157 -35.66 24.80 24.37
C ALA E 157 -35.94 23.31 24.34
N LEU E 158 -36.28 22.70 25.49
CA LEU E 158 -36.56 21.28 25.60
C LEU E 158 -37.63 21.02 26.64
N ASP E 159 -38.05 19.76 26.82
CA ASP E 159 -39.07 19.37 27.77
C ASP E 159 -38.42 19.19 29.15
N LYS E 160 -39.00 19.75 30.23
CA LYS E 160 -38.39 19.65 31.54
C LYS E 160 -39.41 19.46 32.65
N THR E 161 -38.93 19.07 33.84
CA THR E 161 -39.75 18.96 35.03
C THR E 161 -38.90 19.38 36.20
N ILE E 162 -39.27 20.47 36.88
CA ILE E 162 -38.52 21.04 37.99
C ILE E 162 -39.34 20.85 39.27
N PRO E 163 -38.77 20.52 40.44
CA PRO E 163 -39.56 20.26 41.63
C PRO E 163 -39.84 21.58 42.34
N LEU E 164 -41.09 21.77 42.83
CA LEU E 164 -41.60 22.98 43.48
C LEU E 164 -40.73 23.60 44.58
N GLN E 165 -39.87 22.82 45.24
CA GLN E 165 -38.94 23.29 46.26
C GLN E 165 -37.97 24.37 45.82
N VAL E 166 -37.49 24.35 44.55
CA VAL E 166 -36.54 25.31 44.03
C VAL E 166 -37.17 26.27 43.03
N THR E 167 -36.65 27.52 43.00
CA THR E 167 -37.09 28.58 42.11
C THR E 167 -35.87 29.29 41.53
N ALA E 168 -35.99 29.75 40.26
CA ALA E 168 -34.97 30.34 39.42
C ALA E 168 -33.95 31.29 40.06
N GLY E 169 -32.66 31.13 39.72
CA GLY E 169 -31.57 31.96 40.25
C GLY E 169 -31.17 33.14 39.40
N THR E 170 -30.24 33.95 39.92
CA THR E 170 -29.68 35.13 39.26
C THR E 170 -28.30 35.34 39.85
N ALA E 171 -27.40 36.05 39.15
CA ALA E 171 -26.05 36.29 39.58
C ALA E 171 -25.59 37.65 39.08
N GLY E 172 -24.90 38.46 39.93
CA GLY E 172 -24.45 39.80 39.60
C GLY E 172 -23.28 39.88 38.64
N ASN E 173 -22.59 38.74 38.44
CA ASN E 173 -21.46 38.63 37.53
C ASN E 173 -21.96 38.09 36.18
N CYS E 174 -23.27 37.83 36.09
CA CYS E 174 -23.94 37.36 34.90
C CYS E 174 -25.03 38.36 34.55
N ASN E 175 -24.63 39.65 34.53
CA ASN E 175 -25.51 40.79 34.39
C ASN E 175 -26.63 40.84 35.42
N ASN E 176 -27.89 40.56 35.01
CA ASN E 176 -29.05 40.66 35.89
C ASN E 176 -29.73 39.32 36.07
N SER E 177 -29.17 38.23 35.51
CA SER E 177 -29.82 36.94 35.55
C SER E 177 -28.84 35.79 35.47
N PHE E 178 -29.01 34.89 34.48
CA PHE E 178 -28.18 33.73 34.34
C PHE E 178 -28.32 33.26 32.90
N LEU E 179 -27.49 32.29 32.48
CA LEU E 179 -27.49 31.68 31.16
C LEU E 179 -28.80 31.02 30.73
N LYS E 180 -29.02 30.87 29.39
CA LYS E 180 -30.21 30.23 28.86
C LYS E 180 -30.00 28.74 28.57
N ASN E 181 -28.83 28.17 28.93
CA ASN E 181 -28.57 26.75 28.78
C ASN E 181 -28.49 26.14 30.17
N PRO E 182 -27.44 26.14 31.00
CA PRO E 182 -27.58 25.70 32.37
C PRO E 182 -28.51 26.66 33.12
N ALA E 183 -29.69 26.20 33.54
CA ALA E 183 -30.65 27.00 34.22
C ALA E 183 -30.51 26.81 35.72
N LEU E 184 -30.25 27.91 36.43
CA LEU E 184 -30.02 27.89 37.85
C LEU E 184 -31.33 28.01 38.62
N TYR E 185 -31.45 27.29 39.74
CA TYR E 185 -32.61 27.26 40.60
C TYR E 185 -32.12 26.93 42.00
N THR E 186 -32.74 27.52 43.03
CA THR E 186 -32.33 27.38 44.42
C THR E 186 -33.54 27.41 45.32
N GLN E 187 -33.40 26.98 46.59
CA GLN E 187 -34.44 26.99 47.61
C GLN E 187 -33.80 27.65 48.82
N GLU E 188 -34.58 28.04 49.86
CA GLU E 188 -33.97 28.56 51.07
C GLU E 188 -33.26 27.47 51.85
N VAL E 189 -31.96 27.64 52.09
CA VAL E 189 -31.19 26.77 52.95
C VAL E 189 -30.21 27.65 53.67
N LYS E 190 -30.20 27.54 55.00
CA LYS E 190 -29.37 28.36 55.86
C LYS E 190 -28.83 27.47 56.95
N PRO E 191 -27.54 27.15 57.03
CA PRO E 191 -27.03 26.23 58.05
C PRO E 191 -27.06 26.85 59.43
N SER E 192 -26.73 28.13 59.56
CA SER E 192 -26.76 28.89 60.81
C SER E 192 -28.10 28.98 61.52
N GLU E 193 -29.22 29.07 60.75
CA GLU E 193 -30.57 29.09 61.29
C GLU E 193 -31.11 27.65 61.45
N ASN E 194 -30.30 26.64 61.05
CA ASN E 194 -30.59 25.22 61.02
C ASN E 194 -31.78 24.87 60.12
N LYS E 195 -31.95 25.64 59.04
CA LYS E 195 -32.99 25.46 58.06
C LYS E 195 -32.35 24.80 56.86
N CYS E 196 -32.20 23.48 56.95
CA CYS E 196 -31.54 22.69 55.92
C CYS E 196 -32.51 22.19 54.87
N GLY E 197 -32.14 22.35 53.59
CA GLY E 197 -32.98 22.00 52.46
C GLY E 197 -32.95 20.53 52.11
N LYS E 198 -33.62 20.16 51.00
CA LYS E 198 -33.69 18.81 50.49
C LYS E 198 -33.00 18.70 49.14
N GLU E 199 -32.41 17.52 48.79
CA GLU E 199 -31.80 17.29 47.48
C GLU E 199 -32.83 17.47 46.37
N ASN E 200 -32.40 17.93 45.19
CA ASN E 200 -33.35 18.17 44.12
C ASN E 200 -33.31 16.98 43.18
N LEU E 201 -34.45 16.71 42.52
CA LEU E 201 -34.56 15.73 41.47
C LEU E 201 -35.34 16.41 40.37
N ALA E 202 -34.81 16.47 39.15
CA ALA E 202 -35.51 17.11 38.06
C ALA E 202 -35.33 16.28 36.80
N PHE E 203 -36.32 16.30 35.89
CA PHE E 203 -36.29 15.51 34.67
C PHE E 203 -36.16 16.42 33.46
N PHE E 204 -35.84 15.82 32.30
CA PHE E 204 -35.80 16.54 31.05
C PHE E 204 -35.84 15.54 29.91
N THR E 205 -36.40 15.93 28.75
CA THR E 205 -36.62 15.01 27.64
C THR E 205 -35.99 15.59 26.40
N LEU E 206 -34.99 14.88 25.82
CA LEU E 206 -34.31 15.29 24.62
C LEU E 206 -35.15 14.85 23.41
N PRO E 207 -35.60 15.73 22.52
CA PRO E 207 -36.50 15.34 21.44
C PRO E 207 -35.77 14.70 20.27
N THR E 208 -36.33 13.61 19.70
CA THR E 208 -35.70 12.87 18.60
C THR E 208 -35.94 13.52 17.23
N GLN E 209 -36.70 14.62 17.19
CA GLN E 209 -36.96 15.41 16.01
C GLN E 209 -37.04 16.85 16.48
N PHE E 210 -36.80 17.82 15.58
CA PHE E 210 -36.93 19.22 15.88
C PHE E 210 -37.46 19.83 14.59
N GLY E 211 -38.81 19.82 14.43
CA GLY E 211 -39.46 20.12 13.15
C GLY E 211 -39.07 19.08 12.11
N THR E 212 -38.56 19.53 10.95
CA THR E 212 -38.02 18.68 9.90
C THR E 212 -36.75 17.96 10.32
N TYR E 213 -35.89 18.64 11.13
CA TYR E 213 -34.62 18.13 11.60
C TYR E 213 -34.73 16.83 12.38
N GLU E 214 -33.90 15.85 12.02
CA GLU E 214 -33.90 14.54 12.62
C GLU E 214 -32.77 14.53 13.62
N CYS E 215 -33.04 14.15 14.89
CA CYS E 215 -32.03 14.22 15.93
C CYS E 215 -31.69 12.83 16.35
N LYS E 216 -30.47 12.38 15.99
CA LYS E 216 -29.98 11.08 16.38
C LYS E 216 -28.94 11.23 17.46
N LEU E 217 -28.34 12.44 17.58
CA LEU E 217 -27.35 12.70 18.59
C LEU E 217 -27.37 14.18 18.95
N HIS E 218 -27.37 14.47 20.26
CA HIS E 218 -27.41 15.80 20.81
C HIS E 218 -26.08 16.12 21.46
N LEU E 219 -25.59 17.36 21.28
CA LEU E 219 -24.39 17.85 21.92
C LEU E 219 -24.85 18.76 23.04
N VAL E 220 -24.72 18.32 24.30
CA VAL E 220 -25.17 19.07 25.46
C VAL E 220 -23.99 19.37 26.36
N ALA E 221 -24.13 20.41 27.21
CA ALA E 221 -23.12 20.82 28.16
C ALA E 221 -23.55 20.46 29.56
N SER E 222 -22.80 19.58 30.27
CA SER E 222 -23.09 19.27 31.66
C SER E 222 -22.26 20.21 32.50
N CYS E 223 -22.89 21.10 33.28
CA CYS E 223 -22.14 22.09 34.04
C CYS E 223 -22.34 21.92 35.53
N TYR E 224 -21.38 22.43 36.31
CA TYR E 224 -21.43 22.39 37.74
C TYR E 224 -20.50 23.41 38.35
N PHE E 225 -20.71 23.74 39.63
CA PHE E 225 -19.90 24.67 40.37
C PHE E 225 -18.80 23.93 41.12
N ILE E 226 -17.56 24.41 41.01
CA ILE E 226 -16.42 23.86 41.68
C ILE E 226 -16.07 24.72 42.88
N TYR E 227 -16.31 24.17 44.09
CA TYR E 227 -16.02 24.81 45.36
C TYR E 227 -14.65 24.43 45.87
N ASP E 228 -13.94 25.38 46.53
CA ASP E 228 -12.65 25.14 47.15
C ASP E 228 -12.65 24.09 48.25
N SER E 229 -13.66 24.12 49.15
CA SER E 229 -13.66 23.20 50.28
C SER E 229 -15.02 23.05 50.93
N LYS E 230 -15.06 22.12 51.91
CA LYS E 230 -16.14 21.86 52.86
C LYS E 230 -16.74 23.14 53.43
N GLU E 231 -15.93 23.83 54.28
CA GLU E 231 -16.22 25.11 54.91
C GLU E 231 -16.86 26.13 54.00
N VAL E 232 -16.33 26.31 52.77
CA VAL E 232 -16.90 27.22 51.80
C VAL E 232 -18.31 26.86 51.39
N TYR E 233 -18.56 25.60 50.98
CA TYR E 233 -19.91 25.12 50.70
C TYR E 233 -20.81 25.25 51.92
N ASN E 234 -20.32 24.79 53.09
CA ASN E 234 -21.01 24.88 54.37
C ASN E 234 -21.37 26.26 54.89
N LYS E 235 -20.98 27.35 54.19
CA LYS E 235 -21.57 28.65 54.44
C LYS E 235 -23.04 28.68 53.99
N ARG E 236 -23.28 28.17 52.76
CA ARG E 236 -24.56 28.24 52.07
C ARG E 236 -25.38 26.95 52.00
N GLY E 237 -24.82 25.78 52.38
CA GLY E 237 -25.55 24.51 52.32
C GLY E 237 -25.14 23.61 53.44
N CYS E 238 -26.05 22.80 53.99
CA CYS E 238 -25.76 22.01 55.18
C CYS E 238 -24.97 20.74 54.92
N ASP E 239 -25.07 20.22 53.69
CA ASP E 239 -24.52 18.97 53.24
C ASP E 239 -23.17 19.13 52.53
N ASN E 240 -23.09 18.71 51.26
CA ASN E 240 -21.92 18.84 50.42
C ASN E 240 -22.45 19.16 49.05
N TYR E 241 -21.66 19.85 48.22
CA TYR E 241 -22.06 20.17 46.86
C TYR E 241 -22.25 18.93 45.99
N PHE E 242 -23.15 19.00 44.99
CA PHE E 242 -23.27 17.97 44.00
C PHE E 242 -24.30 18.37 42.97
N GLN E 243 -24.01 17.98 41.71
CA GLN E 243 -24.87 18.13 40.57
C GLN E 243 -24.50 16.96 39.69
N VAL E 244 -25.45 16.09 39.34
CA VAL E 244 -25.18 14.86 38.60
C VAL E 244 -26.29 14.59 37.61
N ILE E 245 -25.92 14.08 36.42
CA ILE E 245 -26.83 13.82 35.32
C ILE E 245 -27.00 12.32 35.16
N TYR E 246 -28.23 11.82 35.34
CA TYR E 246 -28.61 10.43 35.20
C TYR E 246 -29.34 10.17 33.89
N ASP E 247 -29.37 8.91 33.44
CA ASP E 247 -30.15 8.49 32.29
C ASP E 247 -31.53 7.98 32.74
N SER E 248 -32.33 7.50 31.77
CA SER E 248 -33.67 6.95 31.99
C SER E 248 -33.66 5.70 32.87
N PHE E 249 -32.70 4.80 32.60
CA PHE E 249 -32.43 3.58 33.34
C PHE E 249 -32.03 3.78 34.80
N GLY E 250 -31.12 4.73 35.08
CA GLY E 250 -30.65 5.01 36.44
C GLY E 250 -29.16 5.08 36.54
N LYS E 251 -28.45 5.12 35.40
CA LYS E 251 -27.01 5.25 35.35
C LYS E 251 -26.61 6.70 35.34
N VAL E 252 -25.45 7.07 35.91
CA VAL E 252 -25.01 8.45 35.87
C VAL E 252 -24.07 8.61 34.69
N VAL E 253 -24.17 9.75 33.98
CA VAL E 253 -23.42 10.00 32.76
C VAL E 253 -22.53 11.22 32.87
N GLY E 254 -22.64 12.01 33.96
CA GLY E 254 -21.77 13.16 34.14
C GLY E 254 -22.14 13.97 35.35
N GLY E 255 -21.28 14.96 35.67
CA GLY E 255 -21.48 15.89 36.78
C GLY E 255 -20.37 15.80 37.79
N LEU E 256 -20.65 16.29 39.01
CA LEU E 256 -19.72 16.32 40.11
C LEU E 256 -20.47 16.09 41.41
N ASP E 257 -20.05 15.10 42.22
CA ASP E 257 -20.66 14.77 43.49
C ASP E 257 -19.63 14.89 44.60
N ASN E 258 -19.65 15.98 45.41
CA ASN E 258 -18.66 16.18 46.45
C ASN E 258 -19.06 15.49 47.75
N ARG E 259 -20.09 14.63 47.73
CA ARG E 259 -20.36 13.73 48.84
C ARG E 259 -19.45 12.51 48.77
N VAL E 260 -18.87 12.24 47.58
CA VAL E 260 -17.98 11.10 47.35
C VAL E 260 -16.67 11.47 46.66
N SER E 261 -16.50 12.71 46.14
CA SER E 261 -15.27 13.17 45.51
C SER E 261 -14.76 14.43 46.18
N PRO E 262 -13.50 14.59 46.59
CA PRO E 262 -12.98 15.80 47.20
C PRO E 262 -13.20 17.11 46.42
N TYR E 263 -13.27 18.24 47.14
CA TYR E 263 -13.37 19.58 46.59
C TYR E 263 -12.10 20.00 45.85
N THR E 264 -12.22 20.80 44.75
CA THR E 264 -11.08 21.09 43.88
C THR E 264 -10.97 22.55 43.45
N GLY E 265 -11.74 23.48 44.05
CA GLY E 265 -11.74 24.90 43.64
C GLY E 265 -10.50 25.69 43.97
N ASN E 266 -10.60 27.03 43.81
CA ASN E 266 -9.55 27.98 44.11
C ASN E 266 -10.06 29.41 44.00
N SER E 267 -11.37 29.62 44.19
CA SER E 267 -12.01 30.91 44.01
C SER E 267 -12.66 31.45 45.26
N GLY E 268 -12.37 30.83 46.43
CA GLY E 268 -12.83 31.26 47.73
C GLY E 268 -14.31 31.10 47.92
N ASP E 269 -14.97 32.10 48.55
CA ASP E 269 -16.38 32.05 48.91
C ASP E 269 -17.29 31.79 47.71
N THR E 270 -16.94 32.40 46.56
CA THR E 270 -17.59 32.23 45.27
C THR E 270 -17.04 31.01 44.54
N PRO E 271 -17.81 30.16 43.90
CA PRO E 271 -17.24 29.01 43.19
C PRO E 271 -16.92 29.41 41.76
N THR E 272 -16.39 28.48 40.96
CA THR E 272 -16.13 28.69 39.55
C THR E 272 -16.75 27.53 38.80
N MET E 273 -17.35 27.81 37.64
CA MET E 273 -18.17 26.86 36.91
C MET E 273 -17.38 26.12 35.85
N GLN E 274 -17.65 24.81 35.73
CA GLN E 274 -17.05 23.96 34.73
C GLN E 274 -18.15 23.30 33.95
N CYS E 275 -18.04 23.33 32.61
CA CYS E 275 -19.03 22.77 31.71
C CYS E 275 -18.35 21.73 30.85
N ASP E 276 -18.68 20.45 31.03
CA ASP E 276 -18.11 19.37 30.24
C ASP E 276 -19.00 19.12 29.03
N MET E 277 -18.43 18.77 27.86
CA MET E 277 -19.20 18.50 26.67
C MET E 277 -19.57 17.04 26.60
N LEU E 278 -20.87 16.74 26.42
CA LEU E 278 -21.40 15.39 26.38
C LEU E 278 -22.18 15.18 25.10
N GLN E 279 -22.14 13.95 24.54
CA GLN E 279 -22.91 13.58 23.38
C GLN E 279 -23.98 12.60 23.86
N LEU E 280 -25.27 12.97 23.73
CA LEU E 280 -26.39 12.22 24.27
C LEU E 280 -27.40 11.87 23.19
N LYS E 281 -27.97 10.65 23.23
CA LYS E 281 -29.00 10.23 22.32
C LYS E 281 -30.37 10.62 22.87
N PRO E 282 -31.43 10.83 22.08
CA PRO E 282 -32.74 11.25 22.57
C PRO E 282 -33.36 10.33 23.63
N GLY E 283 -34.11 10.90 24.60
CA GLY E 283 -34.77 10.13 25.64
C GLY E 283 -35.14 10.99 26.82
N ARG E 284 -35.62 10.36 27.93
CA ARG E 284 -36.00 11.02 29.15
C ARG E 284 -34.90 10.85 30.19
N TYR E 285 -34.18 11.93 30.50
CA TYR E 285 -33.07 11.98 31.42
C TYR E 285 -33.48 12.65 32.74
N SER E 286 -32.70 12.45 33.82
CA SER E 286 -32.97 13.06 35.10
C SER E 286 -31.70 13.62 35.69
N VAL E 287 -31.79 14.58 36.62
CA VAL E 287 -30.65 15.19 37.27
C VAL E 287 -30.94 15.28 38.75
N ARG E 288 -29.87 15.19 39.58
CA ARG E 288 -29.96 15.31 41.02
C ARG E 288 -28.94 16.32 41.50
N SER E 289 -29.26 17.11 42.53
CA SER E 289 -28.32 18.11 43.00
C SER E 289 -28.56 18.51 44.44
N SER E 290 -27.54 19.14 45.07
CA SER E 290 -27.57 19.60 46.45
C SER E 290 -28.60 20.71 46.66
N PRO E 291 -29.23 20.85 47.83
CA PRO E 291 -30.31 21.81 48.10
C PRO E 291 -30.15 23.21 47.57
N ARG E 292 -28.95 23.79 47.72
CA ARG E 292 -28.69 25.18 47.42
C ARG E 292 -28.49 25.48 45.95
N PHE E 293 -28.20 24.45 45.11
CA PHE E 293 -27.94 24.66 43.70
C PHE E 293 -28.52 23.58 42.81
N LEU E 294 -29.29 23.97 41.78
CA LEU E 294 -29.72 23.08 40.71
C LEU E 294 -29.34 23.76 39.42
N LEU E 295 -28.60 23.08 38.53
CA LEU E 295 -28.15 23.57 37.24
C LEU E 295 -28.63 22.65 36.13
N MET E 296 -29.89 22.80 35.68
CA MET E 296 -30.45 21.95 34.65
C MET E 296 -30.01 22.40 33.25
N PRO E 297 -29.41 21.62 32.34
CA PRO E 297 -29.15 22.09 30.98
C PRO E 297 -30.44 22.20 30.18
N GLU E 298 -30.68 23.32 29.48
CA GLU E 298 -31.91 23.52 28.72
C GLU E 298 -31.67 23.79 27.23
N ARG E 299 -30.43 23.60 26.72
CA ARG E 299 -30.14 23.76 25.31
C ARG E 299 -29.12 22.74 24.81
N SER E 300 -29.01 22.59 23.47
CA SER E 300 -28.12 21.62 22.87
C SER E 300 -28.12 21.80 21.35
N TYR E 301 -27.23 21.11 20.65
CA TYR E 301 -27.17 21.04 19.20
C TYR E 301 -27.60 19.65 18.77
N CYS E 302 -28.44 19.54 17.74
CA CYS E 302 -29.02 18.30 17.25
C CYS E 302 -28.39 18.00 15.91
N PHE E 303 -27.89 16.76 15.77
CA PHE E 303 -27.24 16.23 14.61
C PHE E 303 -27.96 15.00 14.10
N ASP E 304 -28.18 14.89 12.77
CA ASP E 304 -28.80 13.71 12.19
C ASP E 304 -27.84 12.54 11.98
N MET E 305 -26.52 12.78 11.92
CA MET E 305 -25.47 11.78 11.87
C MET E 305 -25.49 10.86 10.64
N LYS E 306 -26.11 11.30 9.54
CA LYS E 306 -26.29 10.47 8.36
C LYS E 306 -25.10 10.11 7.49
N GLU E 307 -24.22 11.07 7.16
CA GLU E 307 -23.14 10.82 6.25
C GLU E 307 -21.97 11.70 6.56
N LYS E 308 -20.76 11.23 6.22
CA LYS E 308 -19.54 11.97 6.39
C LYS E 308 -19.37 13.03 5.31
N GLY E 309 -18.70 14.15 5.61
CA GLY E 309 -18.46 15.11 4.55
C GLY E 309 -17.56 16.22 5.00
N PRO E 310 -16.94 16.94 4.06
CA PRO E 310 -16.05 18.05 4.35
C PRO E 310 -16.61 19.14 5.24
N VAL E 311 -15.71 19.79 5.98
CA VAL E 311 -16.02 20.88 6.86
C VAL E 311 -14.93 21.90 6.71
N THR E 312 -15.27 23.15 6.41
CA THR E 312 -14.27 24.20 6.33
C THR E 312 -14.49 25.08 7.53
N ALA E 313 -13.40 25.45 8.23
CA ALA E 313 -13.50 26.29 9.40
C ALA E 313 -12.56 27.45 9.16
N VAL E 314 -13.10 28.67 9.17
CA VAL E 314 -12.33 29.88 8.94
C VAL E 314 -11.95 30.46 10.28
N GLN E 315 -10.68 30.89 10.43
CA GLN E 315 -10.13 31.50 11.63
C GLN E 315 -10.86 32.79 12.01
N SER E 316 -11.83 32.68 12.93
CA SER E 316 -12.69 33.78 13.30
C SER E 316 -12.10 34.59 14.43
N ILE E 317 -11.30 35.62 14.06
CA ILE E 317 -10.61 36.50 14.99
C ILE E 317 -10.99 37.93 14.71
N TRP E 318 -10.72 38.84 15.67
CA TRP E 318 -11.07 40.23 15.58
C TRP E 318 -10.09 41.09 14.77
N GLY E 319 -10.59 42.30 14.41
CA GLY E 319 -9.77 43.42 13.98
C GLY E 319 -8.88 43.93 15.10
N LYS E 320 -8.01 44.92 14.84
CA LYS E 320 -7.14 45.44 15.88
C LYS E 320 -7.83 46.07 17.11
N GLY E 321 -7.27 45.84 18.31
CA GLY E 321 -7.79 46.38 19.57
C GLY E 321 -8.61 45.44 20.43
N ARG E 322 -9.14 44.34 19.84
CA ARG E 322 -9.98 43.39 20.56
C ARG E 322 -9.31 42.04 20.75
N GLU E 323 -9.10 41.66 22.02
CA GLU E 323 -8.42 40.44 22.43
C GLU E 323 -9.10 39.16 21.91
N SER E 324 -8.31 38.33 21.18
CA SER E 324 -8.77 37.13 20.48
C SER E 324 -8.05 35.88 20.92
N ASP E 325 -8.74 34.72 20.85
CA ASP E 325 -8.24 33.40 21.17
C ASP E 325 -8.14 32.55 19.90
N TYR E 326 -7.43 31.41 19.97
CA TYR E 326 -7.19 30.51 18.83
C TYR E 326 -7.96 29.21 18.98
N ALA E 327 -9.07 29.22 19.74
CA ALA E 327 -9.95 28.06 19.98
C ALA E 327 -10.36 27.35 18.70
N VAL E 328 -10.84 28.13 17.70
CA VAL E 328 -11.23 27.68 16.36
C VAL E 328 -10.17 26.81 15.69
N ASP E 329 -8.95 27.38 15.49
CA ASP E 329 -7.74 26.75 15.01
C ASP E 329 -7.44 25.44 15.72
N GLN E 330 -7.24 25.53 17.06
CA GLN E 330 -6.96 24.41 17.95
C GLN E 330 -7.98 23.28 17.82
N ALA E 331 -9.28 23.60 17.93
CA ALA E 331 -10.39 22.68 17.80
C ALA E 331 -10.41 21.96 16.46
N CYS E 332 -10.33 22.69 15.32
CA CYS E 332 -10.22 22.09 14.00
C CYS E 332 -9.03 21.14 13.88
N LEU E 333 -7.81 21.61 14.21
CA LEU E 333 -6.58 20.84 14.15
C LEU E 333 -6.56 19.59 15.04
N SER E 334 -7.52 19.43 15.97
CA SER E 334 -7.61 18.27 16.85
C SER E 334 -8.84 17.43 16.56
N THR E 335 -9.52 17.67 15.42
CA THR E 335 -10.63 16.85 14.96
C THR E 335 -10.43 16.52 13.49
N PRO E 336 -10.74 15.35 12.96
CA PRO E 336 -10.51 15.04 11.55
C PRO E 336 -11.71 15.49 10.71
N GLY E 337 -11.52 15.57 9.37
CA GLY E 337 -12.56 15.98 8.43
C GLY E 337 -12.74 17.46 8.22
N CYS E 338 -12.12 18.32 9.05
CA CYS E 338 -12.18 19.75 8.81
C CYS E 338 -10.88 20.32 8.24
N MET E 339 -11.03 21.36 7.41
CA MET E 339 -9.94 22.11 6.82
C MET E 339 -9.95 23.52 7.38
N LEU E 340 -8.80 23.95 7.94
CA LEU E 340 -8.68 25.25 8.57
C LEU E 340 -8.20 26.28 7.58
N ILE E 341 -8.83 27.47 7.56
CA ILE E 341 -8.43 28.60 6.75
C ILE E 341 -7.99 29.67 7.72
N GLN E 342 -6.74 30.12 7.62
CA GLN E 342 -6.15 31.05 8.57
C GLN E 342 -5.42 32.18 7.86
N LYS E 343 -5.30 33.33 8.55
CA LYS E 343 -4.72 34.53 8.00
C LYS E 343 -3.24 34.71 8.27
N GLN E 344 -2.47 35.03 7.20
CA GLN E 344 -1.05 35.23 7.28
C GLN E 344 -0.72 36.67 7.65
N LYS E 345 -1.63 37.60 7.32
CA LYS E 345 -1.53 39.02 7.59
C LYS E 345 -2.52 39.41 8.67
N PRO E 346 -2.37 40.51 9.41
CA PRO E 346 -3.35 40.94 10.42
C PRO E 346 -4.72 41.19 9.82
N TYR E 347 -5.79 41.21 10.64
CA TYR E 347 -7.12 41.51 10.17
C TYR E 347 -7.30 43.01 10.16
N ILE E 348 -7.47 43.59 8.96
CA ILE E 348 -7.68 45.02 8.76
C ILE E 348 -8.92 45.19 7.89
N GLY E 349 -10.02 45.66 8.49
CA GLY E 349 -11.29 45.83 7.78
C GLY E 349 -11.48 47.17 7.10
N GLU E 350 -12.35 47.20 6.07
CA GLU E 350 -12.74 48.41 5.38
C GLU E 350 -13.80 49.23 6.11
N ALA E 351 -14.96 48.61 6.41
CA ALA E 351 -16.11 49.22 7.09
C ALA E 351 -15.76 49.85 8.43
N ASP E 352 -15.02 49.07 9.22
CA ASP E 352 -14.43 49.43 10.47
C ASP E 352 -13.29 48.44 10.54
N ASP E 353 -12.50 48.46 11.62
CA ASP E 353 -11.34 47.61 11.78
C ASP E 353 -11.62 46.11 11.80
N HIS E 354 -12.86 45.71 12.10
CA HIS E 354 -13.25 44.35 12.35
C HIS E 354 -14.05 43.73 11.22
N HIS E 355 -14.32 44.45 10.11
CA HIS E 355 -15.13 43.92 9.03
C HIS E 355 -14.61 44.27 7.65
N GLY E 356 -14.46 43.28 6.73
CA GLY E 356 -14.04 43.50 5.35
C GLY E 356 -12.56 43.46 5.14
N ASP E 357 -11.92 42.32 5.44
CA ASP E 357 -10.49 42.16 5.32
C ASP E 357 -10.11 41.74 3.90
N GLN E 358 -9.09 42.41 3.36
CA GLN E 358 -8.53 42.25 2.04
C GLN E 358 -8.11 40.83 1.73
N GLU E 359 -7.13 40.32 2.52
CA GLU E 359 -6.68 38.95 2.56
C GLU E 359 -7.78 37.91 2.57
N MET E 360 -8.65 37.94 3.61
CA MET E 360 -9.78 37.04 3.77
C MET E 360 -10.67 36.96 2.52
N ARG E 361 -10.94 38.10 1.87
CA ARG E 361 -11.66 38.15 0.60
C ARG E 361 -10.98 37.40 -0.53
N GLU E 362 -9.67 37.59 -0.77
CA GLU E 362 -8.99 36.86 -1.82
C GLU E 362 -8.75 35.38 -1.49
N LEU E 363 -8.99 34.96 -0.23
CA LEU E 363 -9.00 33.57 0.20
C LEU E 363 -10.37 32.94 0.01
N LEU E 364 -11.44 33.59 0.46
CA LEU E 364 -12.79 33.04 0.37
C LEU E 364 -13.45 33.36 -0.95
N SER E 365 -12.66 33.88 -1.92
CA SER E 365 -13.04 34.12 -3.31
C SER E 365 -13.40 32.84 -4.05
N GLY E 366 -12.66 31.74 -3.75
CA GLY E 366 -12.86 30.42 -4.32
C GLY E 366 -14.23 29.82 -4.18
N LEU E 367 -14.97 30.18 -3.10
CA LEU E 367 -16.32 29.76 -2.78
C LEU E 367 -17.40 30.06 -3.82
N ASP E 368 -17.06 30.85 -4.86
CA ASP E 368 -17.94 31.15 -5.97
C ASP E 368 -17.68 30.22 -7.15
N TYR E 369 -16.55 29.49 -7.16
CA TYR E 369 -16.20 28.57 -8.23
C TYR E 369 -16.54 27.14 -7.84
N GLU E 370 -16.60 26.24 -8.84
CA GLU E 370 -16.86 24.85 -8.61
C GLU E 370 -15.54 24.09 -8.76
N ALA E 371 -14.97 23.65 -7.63
CA ALA E 371 -13.71 22.94 -7.59
C ALA E 371 -13.86 21.46 -7.95
N ARG E 372 -12.80 20.86 -8.54
CA ARG E 372 -12.80 19.44 -8.85
C ARG E 372 -12.03 18.69 -7.78
N CYS E 373 -11.34 19.43 -6.88
CA CYS E 373 -10.71 18.88 -5.70
C CYS E 373 -10.48 20.04 -4.75
N ILE E 374 -10.55 19.76 -3.44
CA ILE E 374 -10.32 20.72 -2.37
C ILE E 374 -9.46 20.02 -1.34
N SER E 375 -8.42 20.68 -0.82
CA SER E 375 -7.49 20.06 0.10
C SER E 375 -7.10 21.08 1.14
N GLN E 376 -6.38 20.65 2.19
CA GLN E 376 -5.83 21.56 3.17
C GLN E 376 -4.68 22.42 2.60
N SER E 377 -4.21 22.11 1.38
CA SER E 377 -3.22 22.90 0.66
C SER E 377 -3.84 23.89 -0.30
N GLY E 378 -5.18 23.88 -0.48
CA GLY E 378 -5.86 24.75 -1.43
C GLY E 378 -6.77 23.97 -2.35
N TRP E 379 -7.37 24.68 -3.33
CA TRP E 379 -8.37 24.12 -4.22
C TRP E 379 -7.98 24.22 -5.69
N VAL E 380 -8.64 23.44 -6.55
CA VAL E 380 -8.37 23.41 -7.96
C VAL E 380 -9.65 23.12 -8.72
N ASN E 381 -9.93 23.83 -9.83
CA ASN E 381 -11.12 23.56 -10.64
C ASN E 381 -10.69 23.03 -12.01
N GLU E 382 -9.43 23.30 -12.41
CA GLU E 382 -8.75 22.82 -13.59
C GLU E 382 -8.50 21.31 -13.57
N THR E 383 -8.51 20.64 -14.74
CA THR E 383 -8.30 19.18 -14.85
C THR E 383 -6.80 18.88 -14.92
N SER E 384 -6.39 17.63 -15.27
CA SER E 384 -5.02 17.11 -15.29
C SER E 384 -4.77 16.17 -14.12
N PRO E 385 -4.32 14.92 -14.29
CA PRO E 385 -4.07 14.02 -13.18
C PRO E 385 -2.76 14.28 -12.44
N PHE E 386 -2.03 15.40 -12.68
CA PHE E 386 -0.76 15.64 -12.02
C PHE E 386 -0.58 17.04 -11.45
N THR E 387 0.32 17.16 -10.46
CA THR E 387 0.65 18.35 -9.67
C THR E 387 2.14 18.28 -9.37
N GLU E 388 2.78 19.44 -9.08
CA GLU E 388 4.21 19.54 -8.79
C GLU E 388 4.64 18.66 -7.61
N LYS E 389 3.79 18.62 -6.57
CA LYS E 389 4.05 17.88 -5.36
C LYS E 389 2.76 17.56 -4.61
N TYR E 390 2.85 16.66 -3.61
CA TYR E 390 1.75 16.15 -2.80
C TYR E 390 0.95 17.20 -2.02
N LEU E 391 -0.40 17.04 -1.98
CA LEU E 391 -1.31 17.90 -1.27
C LEU E 391 -1.48 17.42 0.16
N LEU E 392 -1.63 18.33 1.14
CA LEU E 392 -1.71 18.01 2.56
C LEU E 392 -2.80 16.99 2.93
N PRO E 393 -2.58 16.10 3.92
CA PRO E 393 -3.43 14.95 4.23
C PRO E 393 -4.94 15.00 4.02
N PRO E 394 -5.82 15.85 4.56
CA PRO E 394 -7.23 15.74 4.24
C PRO E 394 -7.51 16.45 2.93
N LYS E 395 -8.19 15.76 2.00
CA LYS E 395 -8.50 16.31 0.71
C LYS E 395 -9.69 15.54 0.19
N PHE E 396 -10.47 16.18 -0.70
CA PHE E 396 -11.71 15.65 -1.21
C PHE E 396 -11.74 15.91 -2.71
N GLY E 397 -12.30 15.01 -3.52
CA GLY E 397 -12.50 15.20 -4.96
C GLY E 397 -11.62 14.37 -5.84
N ARG E 398 -11.40 14.84 -7.10
CA ARG E 398 -10.55 14.14 -8.06
C ARG E 398 -9.13 14.64 -7.90
N CYS E 399 -8.37 13.98 -7.02
CA CYS E 399 -7.03 14.37 -6.62
C CYS E 399 -5.97 14.30 -7.72
N PRO E 400 -5.05 15.26 -7.84
CA PRO E 400 -3.96 15.18 -8.82
C PRO E 400 -2.77 14.55 -8.10
N LEU E 401 -1.89 13.81 -8.81
CA LEU E 401 -0.80 13.09 -8.19
C LEU E 401 0.53 13.79 -8.41
N ALA E 402 1.55 13.55 -7.55
CA ALA E 402 2.82 14.24 -7.67
C ALA E 402 3.70 13.73 -8.81
N ALA E 403 4.31 14.65 -9.58
CA ALA E 403 5.20 14.30 -10.67
C ALA E 403 6.10 15.46 -11.08
N LYS E 404 7.27 15.15 -11.66
CA LYS E 404 8.19 16.15 -12.20
C LYS E 404 7.91 16.38 -13.67
N GLU E 405 7.91 17.65 -14.14
CA GLU E 405 7.66 18.00 -15.53
C GLU E 405 8.64 17.32 -16.50
N GLU E 406 9.95 17.20 -16.12
CA GLU E 406 10.96 16.50 -16.91
C GLU E 406 10.65 15.01 -17.15
N SER E 407 9.76 14.40 -16.33
CA SER E 407 9.41 13.01 -16.49
C SER E 407 8.09 12.82 -17.21
N ILE E 408 7.35 13.91 -17.51
CA ILE E 408 6.14 13.84 -18.33
C ILE E 408 6.47 13.54 -19.79
N PRO E 409 5.79 12.66 -20.53
CA PRO E 409 6.03 12.40 -21.94
C PRO E 409 5.93 13.61 -22.85
N LYS E 410 6.57 13.55 -24.03
CA LYS E 410 6.52 14.62 -25.01
C LYS E 410 5.79 14.08 -26.23
N ILE E 411 4.95 14.95 -26.82
CA ILE E 411 4.11 14.69 -27.97
C ILE E 411 4.77 15.37 -29.15
N PRO E 412 5.00 14.74 -30.31
CA PRO E 412 5.54 15.39 -31.50
C PRO E 412 4.60 16.48 -32.03
N ASP E 413 5.13 17.58 -32.59
CA ASP E 413 4.28 18.61 -33.15
C ASP E 413 5.00 19.32 -34.30
N GLY E 414 4.21 19.87 -35.26
CA GLY E 414 4.69 20.54 -36.46
C GLY E 414 4.77 19.64 -37.67
N LEU E 415 5.97 19.41 -38.21
CA LEU E 415 6.18 18.51 -39.34
C LEU E 415 6.64 17.19 -38.77
N LEU E 416 5.95 16.09 -39.15
CA LEU E 416 6.21 14.73 -38.69
C LEU E 416 6.65 13.88 -39.88
N ILE E 417 7.73 13.07 -39.74
CA ILE E 417 8.21 12.17 -40.80
C ILE E 417 8.41 10.74 -40.25
N PRO E 418 7.67 9.70 -40.69
CA PRO E 418 7.81 8.32 -40.22
C PRO E 418 9.06 7.58 -40.65
N THR E 419 9.71 6.83 -39.74
CA THR E 419 10.78 5.88 -40.09
C THR E 419 10.14 4.51 -40.26
N SER E 420 10.68 3.63 -41.13
CA SER E 420 10.14 2.27 -41.27
C SER E 420 11.18 1.22 -40.95
N GLY E 421 11.76 0.53 -41.96
CA GLY E 421 12.73 -0.55 -41.81
C GLY E 421 14.09 -0.13 -41.34
N THR E 422 15.12 -0.97 -41.59
CA THR E 422 16.48 -0.62 -41.17
C THR E 422 17.15 0.24 -42.21
N ASP E 423 16.59 0.25 -43.45
CA ASP E 423 16.95 1.05 -44.59
C ASP E 423 16.77 2.55 -44.35
N THR E 424 15.61 2.86 -43.76
CA THR E 424 15.00 4.13 -43.48
C THR E 424 15.84 5.36 -43.21
N THR E 425 16.90 5.36 -42.36
CA THR E 425 17.66 6.58 -42.12
C THR E 425 19.06 6.46 -42.67
N VAL E 426 19.33 7.18 -43.77
CA VAL E 426 20.63 7.24 -44.42
C VAL E 426 21.48 8.40 -43.91
N THR E 427 22.81 8.25 -43.98
CA THR E 427 23.75 9.27 -43.57
C THR E 427 25.11 9.04 -44.29
N ILE F 4 21.76 -1.00 -54.08
CA ILE F 4 21.95 0.40 -53.61
C ILE F 4 21.56 1.46 -54.63
N ASP F 5 20.45 2.20 -54.40
CA ASP F 5 20.01 3.28 -55.27
C ASP F 5 20.94 4.49 -55.12
N ASP F 6 21.07 5.32 -56.18
CA ASP F 6 22.05 6.38 -56.23
C ASP F 6 21.70 7.65 -55.45
N LEU F 7 21.22 8.71 -56.13
CA LEU F 7 20.96 10.01 -55.54
C LEU F 7 19.48 10.26 -55.29
N ILE F 8 18.61 9.38 -55.79
CA ILE F 8 17.18 9.39 -55.54
C ILE F 8 16.84 8.03 -54.96
N ILE F 9 16.08 7.98 -53.87
CA ILE F 9 15.83 6.77 -53.10
C ILE F 9 14.37 6.76 -52.70
N GLY F 10 13.82 5.57 -52.38
CA GLY F 10 12.41 5.32 -52.08
C GLY F 10 11.72 6.06 -50.95
N VAL F 11 10.42 5.78 -50.78
CA VAL F 11 9.54 6.39 -49.80
C VAL F 11 9.78 5.92 -48.38
N LEU F 12 10.32 4.71 -48.16
CA LEU F 12 10.65 4.17 -46.84
C LEU F 12 11.75 4.99 -46.17
N PHE F 13 12.73 5.40 -46.99
CA PHE F 13 13.85 6.25 -46.68
C PHE F 13 13.51 7.67 -46.23
N VAL F 14 14.40 8.24 -45.40
CA VAL F 14 14.39 9.61 -44.96
C VAL F 14 15.85 10.01 -44.87
N ALA F 15 16.21 11.17 -45.43
CA ALA F 15 17.59 11.62 -45.47
C ALA F 15 17.78 12.91 -44.70
N ILE F 16 18.91 13.05 -43.99
CA ILE F 16 19.23 14.24 -43.22
C ILE F 16 19.68 15.35 -44.16
N VAL F 17 18.99 16.51 -44.15
CA VAL F 17 19.30 17.63 -45.02
C VAL F 17 18.97 18.87 -44.19
N GLU F 18 19.81 19.17 -43.17
CA GLU F 18 19.49 20.23 -42.22
C GLU F 18 19.36 21.64 -42.76
N THR F 19 20.24 22.10 -43.67
CA THR F 19 20.21 23.48 -44.15
C THR F 19 19.54 23.62 -45.51
N GLY F 20 19.20 22.50 -46.17
CA GLY F 20 18.56 22.51 -47.48
C GLY F 20 17.07 22.34 -47.43
N ILE F 21 16.49 21.78 -48.52
CA ILE F 21 15.09 21.45 -48.63
C ILE F 21 14.71 20.24 -47.78
N GLY F 22 13.56 20.30 -47.08
CA GLY F 22 13.08 19.20 -46.26
C GLY F 22 11.61 19.03 -46.44
N GLY F 23 11.06 18.00 -45.78
CA GLY F 23 9.66 17.63 -45.83
C GLY F 23 9.50 16.46 -46.78
N TYR F 24 8.50 16.56 -47.68
CA TYR F 24 8.24 15.58 -48.72
C TYR F 24 8.54 16.23 -50.04
N LEU F 25 9.33 15.56 -50.91
CA LEU F 25 9.69 16.11 -52.20
C LEU F 25 9.76 15.03 -53.26
N LEU F 26 9.62 15.44 -54.54
CA LEU F 26 9.68 14.56 -55.69
C LEU F 26 11.10 14.61 -56.23
N GLY F 27 11.84 13.49 -56.11
CA GLY F 27 13.22 13.35 -56.55
C GLY F 27 13.28 12.61 -57.85
N SER F 28 13.66 13.26 -58.96
CA SER F 28 13.67 12.63 -60.28
C SER F 28 14.96 12.81 -61.05
N ARG F 29 15.28 11.83 -61.93
CA ARG F 29 16.41 11.92 -62.83
C ARG F 29 16.30 10.89 -63.95
N LYS F 30 16.97 11.12 -65.10
CA LYS F 30 17.00 10.17 -66.19
C LYS F 30 17.71 8.85 -65.86
N GLU F 31 17.20 7.70 -66.36
CA GLU F 31 17.86 6.42 -66.19
C GLU F 31 19.01 6.33 -67.17
N SER F 32 20.24 6.14 -66.63
CA SER F 32 21.49 6.15 -67.38
C SER F 32 21.79 7.49 -68.03
N GLY F 33 21.59 8.61 -67.31
CA GLY F 33 21.85 9.91 -67.93
C GLY F 33 21.81 11.06 -66.97
N GLY F 34 21.05 12.10 -67.37
CA GLY F 34 20.86 13.41 -66.74
C GLY F 34 20.73 13.53 -65.24
N GLY F 35 21.03 14.75 -64.75
CA GLY F 35 21.00 15.15 -63.35
C GLY F 35 19.70 15.00 -62.58
N VAL F 36 19.82 15.23 -61.26
CA VAL F 36 18.72 15.13 -60.32
C VAL F 36 17.95 16.41 -60.20
N THR F 37 16.61 16.30 -60.19
CA THR F 37 15.66 17.37 -60.02
C THR F 37 14.87 17.07 -58.78
N LYS F 38 14.76 18.06 -57.89
CA LYS F 38 14.02 17.97 -56.66
C LYS F 38 13.02 19.10 -56.51
N GLU F 39 11.76 18.77 -56.16
CA GLU F 39 10.75 19.79 -56.04
C GLU F 39 9.62 19.38 -55.12
N SER F 40 9.04 20.40 -54.45
CA SER F 40 8.06 20.29 -53.35
C SER F 40 6.75 19.58 -53.71
N ALA F 41 6.25 18.84 -52.70
CA ALA F 41 5.13 17.91 -52.81
C ALA F 41 3.82 18.44 -52.21
N GLU F 42 3.79 19.81 -51.92
CA GLU F 42 2.85 20.63 -51.08
C GLU F 42 1.29 20.43 -51.22
N LYS F 43 1.03 19.68 -52.27
CA LYS F 43 -0.36 19.12 -52.61
C LYS F 43 -1.11 17.83 -52.21
N GLY F 44 -0.46 16.60 -52.05
CA GLY F 44 -0.69 15.34 -51.32
C GLY F 44 -0.32 15.75 -49.82
N PHE F 45 0.65 16.70 -49.47
CA PHE F 45 0.95 16.93 -48.07
C PHE F 45 -0.40 17.33 -47.44
N GLU F 46 -1.27 18.21 -48.00
CA GLU F 46 -2.63 18.19 -47.39
C GLU F 46 -3.39 16.87 -47.16
N LYS F 47 -3.07 15.88 -47.98
CA LYS F 47 -3.61 14.57 -47.84
C LYS F 47 -2.91 13.91 -46.63
N ILE F 48 -1.55 13.67 -46.76
CA ILE F 48 -0.71 13.19 -45.65
C ILE F 48 -1.01 13.87 -44.32
N GLY F 49 -0.91 15.22 -44.32
CA GLY F 49 -1.20 16.21 -43.29
C GLY F 49 -2.58 16.04 -42.69
N ASN F 50 -3.63 15.89 -43.54
CA ASN F 50 -5.07 15.79 -43.16
C ASN F 50 -5.26 14.51 -42.38
N ASP F 51 -4.59 13.45 -42.89
CA ASP F 51 -4.49 12.14 -42.27
C ASP F 51 -3.74 12.23 -40.93
N ILE F 52 -2.67 13.05 -40.84
CA ILE F 52 -1.99 13.46 -39.62
C ILE F 52 -2.89 14.12 -38.59
N GLN F 53 -3.87 14.94 -39.04
CA GLN F 53 -4.91 15.51 -38.20
C GLN F 53 -5.77 14.39 -37.62
N ILE F 54 -6.31 13.47 -38.45
CA ILE F 54 -6.98 12.24 -37.99
C ILE F 54 -6.17 11.40 -36.98
N LEU F 55 -4.86 11.21 -37.20
CA LEU F 55 -3.91 10.59 -36.30
C LEU F 55 -3.82 11.36 -34.98
N LYS F 56 -3.60 12.68 -35.05
CA LYS F 56 -3.66 13.61 -33.92
C LYS F 56 -4.98 13.59 -33.16
N SER F 57 -6.12 13.37 -33.84
CA SER F 57 -7.44 13.19 -33.24
C SER F 57 -7.42 11.97 -32.32
N SER F 58 -6.82 10.85 -32.80
CA SER F 58 -6.54 9.65 -32.03
C SER F 58 -5.75 9.97 -30.77
N ILE F 59 -4.54 10.60 -30.93
CA ILE F 59 -3.73 11.16 -29.85
C ILE F 59 -4.53 11.90 -28.77
N ASN F 60 -5.26 12.98 -29.13
CA ASN F 60 -6.18 13.76 -28.29
C ASN F 60 -7.11 12.93 -27.41
N ILE F 61 -7.82 11.99 -28.06
CA ILE F 61 -8.70 10.98 -27.47
C ILE F 61 -7.95 10.17 -26.42
N ALA F 62 -6.91 9.44 -26.82
CA ALA F 62 -6.02 8.68 -25.96
C ALA F 62 -5.46 9.48 -24.77
N ILE F 63 -5.11 10.78 -24.96
CA ILE F 63 -4.72 11.68 -23.90
C ILE F 63 -5.87 11.97 -22.95
N GLU F 64 -7.08 12.30 -23.45
CA GLU F 64 -8.29 12.43 -22.63
C GLU F 64 -8.59 11.18 -21.81
N LYS F 65 -8.46 9.98 -22.43
CA LYS F 65 -8.59 8.70 -21.76
C LYS F 65 -7.62 8.48 -20.60
N LEU F 66 -6.50 9.21 -20.52
CA LEU F 66 -5.56 9.17 -19.41
C LEU F 66 -5.79 10.28 -18.40
N ASN F 67 -6.69 11.23 -18.71
CA ASN F 67 -7.06 12.34 -17.84
C ASN F 67 -8.25 11.88 -17.00
N ASP F 68 -8.38 12.39 -15.75
CA ASP F 68 -9.42 12.02 -14.80
C ASP F 68 -9.50 10.52 -14.45
N ARG F 69 -8.39 9.74 -14.55
CA ARG F 69 -8.41 8.33 -14.17
C ARG F 69 -8.64 7.96 -12.71
N ILE F 70 -7.97 8.63 -11.76
CA ILE F 70 -8.06 8.32 -10.35
C ILE F 70 -9.43 8.63 -9.74
N SER F 71 -9.89 7.76 -8.82
CA SER F 71 -11.17 7.81 -8.13
C SER F 71 -11.38 9.05 -7.25
N HIS F 72 -12.66 9.45 -7.08
CA HIS F 72 -13.01 10.59 -6.24
C HIS F 72 -12.87 10.27 -4.76
N ASP F 73 -11.93 10.92 -4.07
CA ASP F 73 -11.64 10.71 -2.67
C ASP F 73 -12.47 11.62 -1.76
N GLU F 74 -12.48 11.31 -0.46
CA GLU F 74 -13.08 12.09 0.61
C GLU F 74 -12.25 11.87 1.88
N GLN F 75 -10.90 11.87 1.80
CA GLN F 75 -10.03 11.68 2.94
C GLN F 75 -10.22 12.69 4.06
N ALA F 76 -10.81 12.24 5.18
CA ALA F 76 -11.01 13.05 6.34
C ALA F 76 -9.91 12.90 7.37
N ILE F 77 -9.22 11.74 7.40
CA ILE F 77 -8.11 11.50 8.31
C ILE F 77 -6.88 12.32 7.98
N ARG F 78 -6.09 12.68 9.00
CA ARG F 78 -4.91 13.50 8.81
C ARG F 78 -3.64 12.67 8.63
N ASP F 79 -3.79 11.34 8.52
CA ASP F 79 -2.72 10.38 8.30
C ASP F 79 -2.05 10.56 6.92
N LEU F 80 -0.72 10.36 6.84
CA LEU F 80 0.05 10.55 5.62
C LEU F 80 -0.01 9.36 4.67
N THR F 81 -0.08 9.61 3.34
CA THR F 81 -0.15 8.53 2.36
C THR F 81 0.91 8.70 1.27
N LEU F 82 1.90 9.60 1.48
CA LEU F 82 3.00 9.87 0.54
C LEU F 82 3.73 8.66 -0.03
N GLU F 83 4.11 7.70 0.84
CA GLU F 83 4.73 6.43 0.51
C GLU F 83 3.91 5.56 -0.46
N ILE F 84 2.58 5.72 -0.41
CA ILE F 84 1.60 5.05 -1.24
C ILE F 84 1.52 5.83 -2.54
N GLU F 85 1.26 7.16 -2.47
CA GLU F 85 1.25 8.07 -3.61
C GLU F 85 2.49 7.91 -4.50
N ASN F 86 3.69 7.81 -3.88
CA ASN F 86 4.95 7.53 -4.54
C ASN F 86 4.91 6.23 -5.34
N ALA F 87 4.58 5.09 -4.69
CA ALA F 87 4.49 3.81 -5.35
C ALA F 87 3.48 3.73 -6.48
N ARG F 88 2.34 4.44 -6.35
CA ARG F 88 1.37 4.58 -7.42
C ARG F 88 1.88 5.44 -8.57
N SER F 89 2.58 6.55 -8.26
CA SER F 89 3.15 7.46 -9.24
C SER F 89 4.25 6.81 -10.06
N GLU F 90 5.21 6.11 -9.41
CA GLU F 90 6.24 5.33 -10.08
C GLU F 90 5.69 4.29 -11.08
N ALA F 91 4.58 3.63 -10.74
CA ALA F 91 3.88 2.68 -11.59
C ALA F 91 3.22 3.35 -12.78
N LEU F 92 2.34 4.33 -12.53
CA LEU F 92 1.68 5.14 -13.55
C LEU F 92 2.65 5.83 -14.50
N LEU F 93 3.84 6.24 -14.02
CA LEU F 93 4.91 6.79 -14.82
C LEU F 93 5.44 5.76 -15.80
N GLY F 94 5.73 4.52 -15.31
CA GLY F 94 6.08 3.37 -16.14
C GLY F 94 5.08 3.08 -17.24
N GLU F 95 3.76 3.01 -16.89
CA GLU F 95 2.66 2.86 -17.84
C GLU F 95 2.66 3.90 -18.95
N LEU F 96 2.87 5.19 -18.59
CA LEU F 96 2.99 6.31 -19.51
C LEU F 96 4.15 6.14 -20.49
N GLY F 97 5.31 5.64 -20.02
CA GLY F 97 6.44 5.25 -20.85
C GLY F 97 6.09 4.29 -21.97
N ILE F 98 5.48 3.13 -21.62
CA ILE F 98 5.04 2.10 -22.55
C ILE F 98 4.09 2.61 -23.62
N ILE F 99 2.95 3.22 -23.22
CA ILE F 99 1.94 3.74 -24.14
C ILE F 99 2.42 4.87 -25.01
N ARG F 100 3.53 5.54 -24.63
CA ARG F 100 4.17 6.55 -25.45
C ARG F 100 4.88 5.86 -26.62
N ALA F 101 5.77 4.89 -26.34
CA ALA F 101 6.41 4.10 -27.39
C ALA F 101 5.43 3.41 -28.37
N LEU F 102 4.38 2.75 -27.82
CA LEU F 102 3.25 2.21 -28.57
C LEU F 102 2.52 3.20 -29.46
N LEU F 103 2.27 4.42 -28.95
CA LEU F 103 1.59 5.46 -29.68
C LEU F 103 2.43 5.95 -30.84
N VAL F 104 3.73 6.22 -30.59
CA VAL F 104 4.67 6.64 -31.62
C VAL F 104 4.72 5.69 -32.80
N GLY F 105 4.89 4.37 -32.53
CA GLY F 105 4.82 3.36 -33.57
C GLY F 105 3.54 3.27 -34.36
N ASN F 106 2.37 3.21 -33.67
CA ASN F 106 1.05 3.16 -34.27
C ASN F 106 0.77 4.35 -35.19
N ILE F 107 1.12 5.57 -34.72
CA ILE F 107 1.09 6.80 -35.49
C ILE F 107 1.99 6.69 -36.72
N SER F 108 3.31 6.43 -36.53
CA SER F 108 4.30 6.16 -37.56
C SER F 108 3.81 5.25 -38.70
N ILE F 109 3.42 4.00 -38.36
CA ILE F 109 2.79 3.01 -39.23
C ILE F 109 1.63 3.55 -40.03
N GLY F 110 0.60 4.13 -39.36
CA GLY F 110 -0.57 4.71 -40.02
C GLY F 110 -0.24 5.85 -40.96
N LEU F 111 0.81 6.63 -40.63
CA LEU F 111 1.35 7.68 -41.46
C LEU F 111 1.97 7.09 -42.72
N GLN F 112 2.83 6.06 -42.60
CA GLN F 112 3.44 5.36 -43.72
C GLN F 112 2.42 4.78 -44.72
N GLU F 113 1.38 4.10 -44.21
CA GLU F 113 0.23 3.65 -44.99
C GLU F 113 -0.53 4.72 -45.80
N SER F 114 -0.42 6.02 -45.44
CA SER F 114 -1.04 7.13 -46.16
C SER F 114 -0.17 7.53 -47.33
N LEU F 115 1.12 7.18 -47.27
CA LEU F 115 2.04 7.35 -48.37
C LEU F 115 1.79 6.25 -49.39
N TRP F 116 1.35 5.06 -48.94
CA TRP F 116 0.89 4.00 -49.83
C TRP F 116 -0.44 4.29 -50.54
N GLU F 117 -1.30 5.21 -50.01
CA GLU F 117 -2.47 5.68 -50.74
C GLU F 117 -2.11 6.55 -51.94
N LEU F 118 -0.98 7.29 -51.86
CA LEU F 118 -0.49 8.13 -52.95
C LEU F 118 -0.01 7.30 -54.11
N ALA F 119 0.90 6.32 -53.85
CA ALA F 119 1.36 5.31 -54.79
C ALA F 119 0.23 4.76 -55.66
N SER F 120 -0.70 4.03 -55.03
CA SER F 120 -1.96 3.55 -55.58
C SER F 120 -2.70 4.53 -56.51
N GLU F 121 -2.96 5.77 -56.04
CA GLU F 121 -3.60 6.84 -56.81
C GLU F 121 -2.81 7.31 -58.01
N ILE F 122 -1.50 7.51 -57.85
CA ILE F 122 -0.60 7.90 -58.93
C ILE F 122 -0.49 6.81 -59.99
N THR F 123 -0.33 5.53 -59.57
CA THR F 123 -0.38 4.34 -60.43
C THR F 123 -1.69 4.22 -61.18
N ASN F 124 -2.83 4.47 -60.49
CA ASN F 124 -4.15 4.52 -61.07
C ASN F 124 -4.34 5.59 -62.15
N ARG F 125 -3.74 6.78 -61.95
CA ARG F 125 -3.79 7.92 -62.88
C ARG F 125 -3.30 7.67 -64.29
N ALA F 126 -2.24 6.87 -64.47
CA ALA F 126 -1.81 6.48 -65.80
C ALA F 126 -1.36 5.03 -65.79
N GLY F 127 -1.88 4.21 -66.72
CA GLY F 127 -1.50 2.80 -66.88
C GLY F 127 -0.03 2.56 -67.05
N ASP F 128 0.63 3.47 -67.77
CA ASP F 128 2.04 3.48 -68.10
C ASP F 128 2.93 3.75 -66.88
N LEU F 129 2.33 4.17 -65.75
CA LEU F 129 3.00 4.42 -64.49
C LEU F 129 3.30 3.13 -63.72
N ALA F 130 2.68 1.98 -64.09
CA ALA F 130 2.89 0.73 -63.41
C ALA F 130 4.20 0.04 -63.82
N VAL F 131 5.19 -0.02 -62.91
CA VAL F 131 6.49 -0.60 -63.21
C VAL F 131 7.20 -0.98 -61.91
N GLU F 132 8.14 -1.95 -61.96
CA GLU F 132 8.87 -2.46 -60.82
C GLU F 132 10.17 -1.67 -60.70
N VAL F 133 10.32 -0.83 -59.64
CA VAL F 133 11.50 0.04 -59.54
C VAL F 133 12.19 -0.04 -58.19
N SER F 134 11.66 0.63 -57.16
CA SER F 134 12.24 0.66 -55.82
C SER F 134 11.08 1.09 -54.94
N PRO F 135 10.95 0.81 -53.64
CA PRO F 135 9.77 1.16 -52.85
C PRO F 135 9.41 2.64 -52.86
N GLY F 136 8.32 3.04 -53.55
CA GLY F 136 7.94 4.45 -53.65
C GLY F 136 8.68 5.21 -54.72
N CYS F 137 9.21 4.48 -55.73
CA CYS F 137 9.82 5.04 -56.90
C CYS F 137 9.13 4.41 -58.09
N TRP F 138 9.10 5.13 -59.21
CA TRP F 138 8.44 4.68 -60.42
C TRP F 138 9.24 5.23 -61.60
N ILE F 139 9.00 4.67 -62.79
CA ILE F 139 9.72 5.05 -64.00
C ILE F 139 8.69 5.36 -65.07
N ILE F 140 8.89 6.42 -65.84
CA ILE F 140 7.98 6.82 -66.91
C ILE F 140 8.84 7.26 -68.08
N ASP F 141 8.27 7.42 -69.29
CA ASP F 141 9.01 7.80 -70.47
C ASP F 141 8.55 9.15 -71.01
N ASN F 142 9.52 10.05 -71.28
CA ASN F 142 9.28 11.42 -71.74
C ASN F 142 8.92 11.48 -73.24
N ASN F 143 9.00 10.35 -73.97
CA ASN F 143 8.57 10.25 -75.35
C ASN F 143 7.07 9.90 -75.42
N ILE F 144 6.48 9.51 -74.28
CA ILE F 144 5.10 9.09 -74.19
C ILE F 144 4.27 10.14 -73.47
N CYS F 145 4.76 10.64 -72.32
CA CYS F 145 4.04 11.61 -71.54
C CYS F 145 4.84 12.89 -71.39
N ASP F 146 4.26 14.04 -71.83
CA ASP F 146 4.83 15.36 -71.74
C ASP F 146 4.53 15.96 -70.38
N GLN F 147 4.94 17.23 -70.16
CA GLN F 147 4.70 18.01 -68.97
C GLN F 147 3.26 17.92 -68.49
N SER F 148 2.29 18.25 -69.37
CA SER F 148 0.85 18.16 -69.19
C SER F 148 0.37 16.99 -68.35
N CYS F 149 0.51 15.76 -68.88
CA CYS F 149 0.12 14.55 -68.19
C CYS F 149 0.94 14.24 -66.96
N GLN F 150 2.27 14.50 -66.94
CA GLN F 150 3.11 14.38 -65.75
C GLN F 150 2.62 15.22 -64.58
N ASN F 151 2.32 16.50 -64.91
CA ASN F 151 1.76 17.52 -64.05
C ASN F 151 0.40 17.07 -63.52
N PHE F 152 -0.43 16.44 -64.36
CA PHE F 152 -1.63 15.75 -63.92
C PHE F 152 -1.35 14.57 -62.97
N ILE F 153 -0.61 13.55 -63.45
CA ILE F 153 -0.25 12.33 -62.74
C ILE F 153 0.23 12.49 -61.30
N PHE F 154 1.30 13.27 -61.04
CA PHE F 154 1.83 13.36 -59.68
C PHE F 154 1.95 14.76 -59.08
N LYS F 155 1.54 15.82 -59.80
CA LYS F 155 1.51 17.16 -59.25
C LYS F 155 0.05 17.63 -59.26
N PHE F 156 -0.87 16.72 -59.64
CA PHE F 156 -2.32 16.86 -59.58
C PHE F 156 -2.86 18.19 -60.09
N ASN F 157 -2.51 18.52 -61.34
CA ASN F 157 -2.92 19.74 -61.98
C ASN F 157 -4.05 19.50 -62.96
N GLU F 158 -4.39 18.23 -63.20
CA GLU F 158 -5.42 17.72 -64.07
C GLU F 158 -5.30 18.11 -65.55
N THR F 159 -4.12 18.61 -65.95
CA THR F 159 -3.72 18.99 -67.29
C THR F 159 -3.58 17.83 -68.24
N ALA F 160 -4.20 17.96 -69.45
CA ALA F 160 -4.17 17.02 -70.57
C ALA F 160 -3.60 15.59 -70.38
N PRO F 161 -4.38 14.60 -69.91
CA PRO F 161 -3.93 13.23 -69.68
C PRO F 161 -3.26 12.53 -70.86
N VAL F 162 -2.37 11.56 -70.58
CA VAL F 162 -1.53 10.89 -71.55
C VAL F 162 -2.26 10.24 -72.74
N PRO F 163 -1.85 10.43 -74.00
CA PRO F 163 -2.50 9.80 -75.14
C PRO F 163 -1.77 8.51 -75.50
N THR F 164 -2.49 7.37 -75.59
CA THR F 164 -1.85 6.10 -75.94
C THR F 164 -1.89 5.77 -77.42
N ILE F 165 -2.54 6.61 -78.24
CA ILE F 165 -2.61 6.50 -79.68
C ILE F 165 -3.23 7.83 -80.20
C1 NAG G . 22.88 -23.99 -36.80
C2 NAG G . 23.88 -24.13 -35.67
C3 NAG G . 24.98 -23.09 -35.81
C4 NAG G . 25.63 -23.21 -37.18
C5 NAG G . 24.55 -22.99 -38.23
C6 NAG G . 25.06 -23.05 -39.66
C7 NAG G . 23.75 -24.67 -33.26
C8 NAG G . 22.95 -24.51 -32.00
N2 NAG G . 23.23 -24.10 -34.37
O3 NAG G . 25.92 -23.19 -34.76
O4 NAG G . 26.67 -22.25 -37.36
O5 NAG G . 23.56 -24.01 -38.07
O6 NAG G . 24.55 -21.99 -40.47
O7 NAG G . 24.82 -25.27 -33.28
C1 NAG G . 27.95 -22.81 -37.50
C2 NAG G . 28.89 -21.66 -37.77
C3 NAG G . 30.32 -22.17 -37.88
C4 NAG G . 30.71 -23.15 -36.80
C5 NAG G . 29.61 -24.14 -36.45
C6 NAG G . 29.79 -24.89 -35.14
C7 NAG G . 28.76 -19.58 -39.10
C8 NAG G . 28.24 -18.92 -40.35
N2 NAG G . 28.47 -20.87 -38.92
O3 NAG G . 31.22 -21.07 -37.91
O4 NAG G . 31.82 -23.97 -37.20
O5 NAG G . 28.38 -23.43 -36.29
O6 NAG G . 30.99 -25.66 -35.06
O7 NAG G . 29.43 -18.96 -38.28
C1 BMA G . 33.10 -23.51 -36.82
C2 BMA G . 34.02 -24.72 -36.85
C3 BMA G . 35.41 -24.27 -36.42
C4 BMA G . 35.92 -23.17 -37.34
C5 BMA G . 34.88 -22.05 -37.42
C6 BMA G . 35.22 -20.97 -38.43
O2 BMA G . 34.02 -25.39 -38.12
O3 BMA G . 36.35 -25.34 -36.29
O4 BMA G . 37.17 -22.68 -36.90
O5 BMA G . 33.62 -22.63 -37.82
O6 BMA G . 34.24 -19.93 -38.42
C1 NAG H . 32.22 -3.78 -5.66
C2 NAG H . 33.40 -3.19 -6.39
C3 NAG H . 34.33 -4.30 -6.81
C4 NAG H . 34.76 -5.13 -5.61
C5 NAG H . 33.55 -5.55 -4.77
C6 NAG H . 33.97 -6.17 -3.45
C7 NAG H . 33.75 -1.25 -7.88
C8 NAG H . 33.17 -0.34 -8.91
N2 NAG H . 33.00 -2.28 -7.46
O3 NAG H . 35.48 -3.78 -7.47
O4 NAG H . 35.46 -6.30 -6.02
O5 NAG H . 32.75 -4.39 -4.48
O6 NAG H . 32.93 -6.91 -2.80
O7 NAG H . 34.89 -1.08 -7.42
C1 NAG H . 36.80 -6.36 -5.61
C2 NAG H . 37.28 -7.76 -5.93
C3 NAG H . 38.69 -7.90 -5.39
C4 NAG H . 39.59 -6.91 -6.09
C5 NAG H . 39.00 -5.51 -6.00
C6 NAG H . 39.75 -4.53 -6.89
C7 NAG H . 36.19 -9.94 -6.24
C8 NAG H . 35.23 -10.96 -5.71
N2 NAG H . 36.37 -8.83 -5.52
O3 NAG H . 39.15 -9.23 -5.52
O4 NAG H . 40.91 -6.83 -5.52
O5 NAG H . 37.63 -5.50 -6.42
O6 NAG H . 39.29 -3.19 -6.71
O7 NAG H . 36.80 -10.12 -7.30
C1 BMA H . 41.95 -7.36 -6.29
C2 BMA H . 43.26 -6.79 -5.76
C3 BMA H . 44.40 -7.32 -6.60
C4 BMA H . 44.43 -8.82 -6.55
C5 BMA H . 43.06 -9.39 -6.90
C6 BMA H . 42.95 -10.89 -6.75
O2 BMA H . 43.47 -7.04 -4.37
O3 BMA H . 45.65 -6.74 -6.22
O4 BMA H . 45.44 -9.38 -7.40
O5 BMA H . 42.04 -8.78 -6.09
O6 BMA H . 43.39 -11.35 -5.47
C1 NAG I . 12.20 -1.00 -31.90
C2 NAG I . 13.01 -0.42 -30.77
C3 NAG I . 13.84 0.74 -31.25
C4 NAG I . 14.68 0.35 -32.44
C5 NAG I . 13.71 -0.09 -33.52
C6 NAG I . 14.35 -0.44 -34.84
C7 NAG I . 12.56 -0.22 -28.37
C8 NAG I . 11.72 0.45 -27.31
N2 NAG I . 12.19 -0.04 -29.63
O3 NAG I . 14.65 1.26 -30.19
O4 NAG I . 15.53 1.46 -32.85
O5 NAG I . 13.05 -1.26 -33.02
O6 NAG I . 13.39 -0.52 -35.88
O7 NAG I . 13.55 -0.87 -28.06
C1 NDG I . 16.89 1.15 -33.05
C2 NDG I . 17.75 2.08 -32.19
C3 NDG I . 17.91 3.44 -32.82
C4 NDG I . 18.40 3.25 -34.23
C5 NDG I . 17.26 2.57 -34.96
C6 NDG I . 17.42 2.50 -36.47
C7 NDG I . 18.09 2.41 -29.75
C8 NDG I . 17.44 2.41 -28.40
O5 NDG I . 17.22 1.22 -34.44
O3 NDG I . 18.75 4.30 -32.05
O4 NDG I . 18.78 4.50 -34.82
O6 NDG I . 16.15 2.34 -37.12
O7 NDG I . 19.29 2.68 -29.90
N2 NDG I . 17.31 2.12 -30.80
C1 BMA I . 20.17 4.76 -34.88
C2 BMA I . 20.31 6.25 -34.66
C3 BMA I . 21.78 6.62 -34.76
C4 BMA I . 22.59 5.83 -33.75
C5 BMA I . 22.34 4.34 -33.91
C6 BMA I . 23.00 3.52 -32.81
O2 BMA I . 19.77 6.66 -33.40
O3 BMA I . 21.99 8.03 -34.62
O4 BMA I . 23.98 6.11 -33.86
O5 BMA I . 20.92 4.07 -33.86
O6 BMA I . 22.74 2.12 -32.94
C1 NAG J . -23.22 -11.23 -42.37
C2 NAG J . -24.10 -11.97 -41.37
C3 NAG J . -23.77 -13.45 -41.38
C4 NAG J . -23.86 -13.98 -42.79
C5 NAG J . -22.81 -13.25 -43.60
C6 NAG J . -22.61 -13.77 -45.02
C7 NAG J . -24.99 -11.48 -39.12
C8 NAG J . -24.78 -10.74 -37.83
N2 NAG J . -24.03 -11.35 -40.05
O3 NAG J . -24.60 -14.17 -40.46
O4 NAG J . -23.63 -15.40 -42.88
O5 NAG J . -23.22 -11.88 -43.66
O6 NAG J . -21.23 -13.69 -45.41
O7 NAG J . -25.99 -12.15 -39.31
C1 NAG J . -24.77 -16.14 -43.25
C2 NAG J . -24.31 -17.57 -43.39
C3 NAG J . -25.50 -18.44 -43.73
C4 NAG J . -26.58 -18.30 -42.68
C5 NAG J . -26.93 -16.84 -42.45
C6 NAG J . -27.74 -16.55 -41.18
C7 NAG J . -22.28 -18.67 -44.23
C8 NAG J . -21.15 -18.62 -45.24
N2 NAG J . -23.20 -17.70 -44.32
O3 NAG J . -25.10 -19.80 -43.90
O4 NAG J . -27.78 -18.97 -43.09
O5 NAG J . -25.74 -16.09 -42.20
O6 NAG J . -28.94 -17.29 -41.05
O7 NAG J . -22.34 -19.56 -43.38
C1 BMA J . -28.14 -20.05 -42.25
C2 BMA J . -29.63 -20.27 -42.46
C3 BMA J . -30.08 -21.40 -41.55
C4 BMA J . -29.26 -22.65 -41.82
C5 BMA J . -27.76 -22.35 -41.79
C6 BMA J . -26.90 -23.50 -42.25
O2 BMA J . -29.98 -20.54 -43.83
O3 BMA J . -31.47 -21.62 -41.67
O4 BMA J . -29.55 -23.69 -40.89
O5 BMA J . -27.47 -21.25 -42.67
O6 BMA J . -25.52 -23.25 -41.99
C1 NAG K . -18.17 -26.74 -7.72
C2 NAG K . -18.15 -28.06 -8.46
C3 NAG K . -19.51 -28.34 -9.07
C4 NAG K . -20.63 -28.21 -8.08
C5 NAG K . -20.49 -26.91 -7.31
C6 NAG K . -21.52 -26.75 -6.20
C7 NAG K . -15.85 -28.58 -9.17
C8 NAG K . -14.90 -28.76 -10.32
N2 NAG K . -17.08 -28.15 -9.45
O3 NAG K . -19.51 -29.64 -9.66
O4 NAG K . -21.92 -28.24 -8.71
O5 NAG K . -19.18 -26.87 -6.72
O6 NAG K . -21.23 -25.62 -5.38
O7 NAG K . -15.50 -28.82 -8.01
C1 NAG K . -22.74 -29.33 -8.37
C2 NAG K . -24.04 -29.16 -9.12
C3 NAG K . -24.95 -30.37 -8.92
C4 NAG K . -24.23 -31.71 -8.98
C5 NAG K . -22.89 -31.68 -8.29
C6 NAG K . -22.04 -32.92 -8.54
C7 NAG K . -25.64 -27.25 -9.43
C8 NAG K . -26.05 -25.91 -8.88
N2 NAG K . -24.66 -27.88 -8.76
O3 NAG K . -25.98 -30.35 -9.90
O4 NAG K . -24.96 -32.78 -8.37
O5 NAG K . -22.16 -30.56 -8.80
O6 NAG K . -20.72 -32.77 -8.02
O7 NAG K . -26.18 -27.72 -10.43
C1 BMA K . -25.91 -33.45 -9.17
C2 BMA K . -26.18 -34.81 -8.54
C3 BMA K . -27.19 -35.58 -9.39
C4 BMA K . -28.45 -34.76 -9.65
C5 BMA K . -28.09 -33.35 -10.09
C6 BMA K . -29.27 -32.41 -10.27
O2 BMA K . -26.60 -34.71 -7.17
O3 BMA K . -27.49 -36.85 -8.79
O4 BMA K . -29.35 -35.37 -10.58
O5 BMA K . -27.17 -32.79 -9.13
O6 BMA K . -30.24 -32.50 -9.23
C1 NAG L . 0.12 -12.85 -31.73
C2 NAG L . 0.10 -13.70 -30.49
C3 NAG L . 0.76 -15.03 -30.70
C4 NAG L . 0.18 -15.75 -31.90
C5 NAG L . 0.35 -14.82 -33.09
C6 NAG L . -0.16 -15.39 -34.40
C7 NAG L . 0.15 -13.11 -28.10
C8 NAG L . 0.94 -12.46 -26.99
N2 NAG L . 0.66 -13.00 -29.33
O3 NAG L . 0.67 -15.83 -29.52
O4 NAG L . 0.84 -17.02 -32.10
O5 NAG L . -0.42 -13.63 -32.81
O6 NAG L . 0.10 -14.49 -35.48
O7 NAG L . -0.89 -13.71 -27.88
C1 NDG L . -0.02 -18.11 -32.43
C2 NDG L . -0.02 -19.15 -31.30
C3 NDG L . 1.12 -20.13 -31.42
C4 NDG L . 1.16 -20.66 -32.82
C5 NDG L . 1.46 -19.49 -33.74
C6 NDG L . 1.77 -19.89 -35.17
C7 NDG L . -0.62 -19.15 -28.91
C8 NDG L . -0.54 -18.42 -27.60
O5 NDG L . 0.30 -18.65 -33.72
O3 NDG L . 1.02 -21.17 -30.45
O4 NDG L . 2.15 -21.70 -32.92
O6 NDG L . 2.33 -18.80 -35.90
O7 NDG L . -1.11 -20.27 -28.99
N2 NDG L . -0.10 -18.54 -29.98
C1 BMA L . 1.63 -22.95 -33.30
C2 BMA L . 2.72 -23.96 -33.06
C3 BMA L . 2.25 -25.33 -33.53
C4 BMA L . 0.92 -25.70 -32.91
C5 BMA L . -0.09 -24.55 -32.95
C6 BMA L . -1.31 -24.82 -32.08
O2 BMA L . 3.14 -23.98 -31.69
O3 BMA L . 3.25 -26.31 -33.25
O4 BMA L . 0.36 -26.85 -33.54
O5 BMA L . 0.51 -23.33 -32.48
O6 BMA L . -2.19 -23.70 -32.03
C1 NAG M . 11.47 22.12 -42.75
C2 NAG M . 11.09 23.28 -41.84
C3 NAG M . 9.66 23.70 -42.13
C4 NAG M . 9.53 24.01 -43.61
C5 NAG M . 9.80 22.72 -44.36
C6 NAG M . 9.55 22.81 -45.86
C7 NAG M . 11.55 23.95 -39.52
C8 NAG M . 11.86 23.51 -38.12
N2 NAG M . 11.36 23.00 -40.44
O3 NAG M . 9.26 24.78 -41.31
O4 NAG M . 8.21 24.49 -43.95
O5 NAG M . 11.20 22.42 -44.13
O6 NAG M . 9.10 21.57 -46.40
O7 NAG M . 11.48 25.14 -39.80
C1 NAG M . 8.19 25.84 -44.35
C2 NAG M . 6.76 26.17 -44.72
C3 NAG M . 6.64 27.65 -45.13
C4 NAG M . 7.24 28.58 -44.11
C5 NAG M . 8.60 28.06 -43.67
C6 NAG M . 9.12 28.73 -42.42
C7 NAG M . 4.93 24.97 -45.85
C8 NAG M . 4.59 23.98 -46.95
N2 NAG M . 6.23 25.25 -45.71
O3 NAG M . 5.29 27.98 -45.37
O4 NAG M . 7.47 29.90 -44.65
O5 NAG M . 8.53 26.69 -43.27
O6 NAG M . 9.38 30.11 -42.61
O7 NAG M . 4.08 25.50 -45.13
C1 BMA M . 6.45 30.86 -44.48
C2 BMA M . 7.13 32.23 -44.46
C3 BMA M . 6.07 33.34 -44.43
C4 BMA M . 5.02 33.14 -45.50
C5 BMA M . 4.47 31.72 -45.44
C6 BMA M . 3.51 31.39 -46.54
O2 BMA M . 8.05 32.39 -45.55
O3 BMA M . 6.64 34.65 -44.53
O4 BMA M . 3.96 34.08 -45.39
O5 BMA M . 5.60 30.84 -45.61
O6 BMA M . 3.00 30.06 -46.39
C1 NAG N . -11.84 28.00 -12.74
C2 NAG N . -12.89 28.63 -13.61
C3 NAG N . -12.31 29.88 -14.26
C4 NAG N . -11.73 30.83 -13.24
C5 NAG N . -10.81 30.09 -12.29
C6 NAG N . -10.27 30.96 -11.17
C7 NAG N . -14.49 26.92 -14.42
C8 NAG N . -14.97 26.15 -15.62
N2 NAG N . -13.44 27.73 -14.62
O3 NAG N . -13.30 30.53 -15.03
O4 NAG N . -10.97 31.86 -13.88
O5 NAG N . -11.54 28.98 -11.73
O6 NAG N . -9.51 30.21 -10.23
O7 NAG N . -15.04 26.80 -13.34
C1 NAG N . -11.57 33.13 -13.94
C2 NAG N . -10.54 34.07 -14.52
C3 NAG N . -11.12 35.46 -14.69
C4 NAG N . -12.51 35.50 -15.31
C5 NAG N . -13.38 34.35 -14.82
C6 NAG N . -14.66 34.14 -15.63
C7 NAG N . -8.08 34.16 -14.34
C8 NAG N . -6.89 34.09 -13.42
N2 NAG N . -9.28 34.07 -13.77
O3 NAG N . -10.21 36.23 -15.47
O4 NAG N . -13.23 36.69 -14.98
O5 NAG N . -12.64 33.13 -14.88
O6 NAG N . -15.41 33.03 -15.16
O7 NAG N . -7.93 34.32 -15.55
C1 BMA N . -13.19 37.77 -15.90
C2 BMA N . -14.24 38.78 -15.46
C3 BMA N . -14.28 39.93 -16.44
C4 BMA N . -12.90 40.60 -16.54
C5 BMA N . -11.84 39.54 -16.77
C6 BMA N . -10.40 40.06 -16.75
O2 BMA N . -14.05 39.23 -14.11
O3 BMA N . -15.32 40.86 -16.11
O4 BMA N . -12.85 41.59 -17.57
O5 BMA N . -11.95 38.48 -15.79
O6 BMA N . -9.96 40.50 -15.47
C1 NAG O . -3.77 3.31 -33.75
C2 NAG O . -4.77 3.90 -32.79
C3 NAG O . -6.16 3.95 -33.37
C4 NAG O . -6.16 4.63 -34.72
C5 NAG O . -5.16 3.91 -35.61
C6 NAG O . -5.04 4.48 -37.01
C7 NAG O . -4.73 3.87 -30.33
C8 NAG O . -4.94 3.05 -29.09
N2 NAG O . -4.76 3.23 -31.50
O3 NAG O . -7.05 4.57 -32.47
O4 NAG O . -7.50 4.65 -35.28
O5 NAG O . -3.87 4.02 -34.99
O6 NAG O . -4.11 3.76 -37.79
O7 NAG O . -4.55 5.08 -30.25
C1 NDG O . -7.91 5.88 -35.85
C2 NDG O . -9.08 6.46 -35.06
C3 NDG O . -10.40 5.89 -35.50
C4 NDG O . -10.50 6.08 -37.00
C5 NDG O . -9.45 5.16 -37.60
C6 NDG O . -9.55 5.02 -39.11
C7 NDG O . -9.44 7.26 -32.76
C8 NDG O . -9.24 6.99 -31.29
O5 NDG O . -8.17 5.74 -37.27
O3 NDG O . -11.51 6.46 -34.81
O4 NDG O . -11.82 5.80 -37.48
O6 NDG O . -8.81 3.89 -39.58
O7 NDG O . -10.13 8.21 -33.14
N2 NDG O . -8.89 6.41 -33.62
C1 BMA O . -12.50 6.94 -37.97
C2 BMA O . -13.97 6.58 -38.09
C3 BMA O . -14.74 7.76 -38.65
C4 BMA O . -14.47 9.03 -37.86
C5 BMA O . -12.98 9.25 -37.61
C6 BMA O . -12.74 10.39 -36.64
O2 BMA O . -14.49 6.14 -36.83
O3 BMA O . -16.15 7.50 -38.73
O4 BMA O . -15.05 10.16 -38.50
O5 BMA O . -12.40 8.05 -37.06
O6 BMA O . -11.35 10.57 -36.34
#